data_9E6C
#
_entry.id   9E6C
#
_cell.length_a   1.00
_cell.length_b   1.00
_cell.length_c   1.00
_cell.angle_alpha   90.00
_cell.angle_beta   90.00
_cell.angle_gamma   90.00
#
_symmetry.space_group_name_H-M   'P 1'
#
loop_
_entity.id
_entity.type
_entity.pdbx_description
1 polymer 'Chemotactile receptor CRT1'
2 non-polymer 2-acetamido-2-deoxy-beta-D-glucopyranose
3 non-polymer '1-methyl-9H-pyrido[3,4-b]indole-3-carboxylic acid'
#
_entity_poly.entity_id   1
_entity_poly.type   'polypeptide(L)'
_entity_poly.pdbx_seq_one_letter_code
;MIFVIYLVFILISSIPIVKSTPTYGDERLLREKLLTNYSKSIRPVINLTKVVDVTALLYLQTLYDLDFVNNFIMARYYLG
LIWIDEKLTWNPLDYNNITSIYLPKDKIWTPPIKMCNSMDKSEENDGVGELMLTYTGWINMWSFRLLHTYCQINAYTYPF
DEHTCEIYLCVALHTINHTRIKELIYEDSKFTQNYKWDINVSGKVNGTDELFSYAFAPMYLRRKLTVGIIAMLIPTVMMT
ILTIFVFLLPPESGEKVSLATTIFLSNVLYLVQIDKTTPTNTKYPSLLMLYLMLLSMLSGIATLGSVVISKLYVIQSPSL
RKSNPSDQNMNKSHTNKVADISTISKVQSDLPIREKPNEKRIYCISDYIRLDDIFLKLSIATSVIISMIFTCLLFIPLES
SAWSHPQFEK
;
_entity_poly.pdbx_strand_id   A,B,C,D,E
#
loop_
_chem_comp.id
_chem_comp.type
_chem_comp.name
_chem_comp.formula
A1BE4 non-polymer '1-methyl-9H-pyrido[3,4-b]indole-3-carboxylic acid' 'C13 H10 N2 O2'
NAG D-saccharide, beta linking 2-acetamido-2-deoxy-beta-D-glucopyranose 'C8 H15 N O6'
#
# COMPACT_ATOMS: atom_id res chain seq x y z
N THR A 21 9.76 -37.68 37.12
CA THR A 21 9.12 -36.80 36.15
C THR A 21 10.08 -36.51 35.01
N PRO A 22 9.57 -36.24 33.82
CA PRO A 22 10.47 -35.95 32.70
C PRO A 22 11.21 -34.65 32.90
N THR A 23 12.44 -34.59 32.36
CA THR A 23 13.33 -33.48 32.59
C THR A 23 13.90 -32.95 31.27
N TYR A 24 14.63 -31.85 31.40
CA TYR A 24 15.25 -31.20 30.26
C TYR A 24 16.21 -32.14 29.54
N GLY A 25 17.01 -32.88 30.31
CA GLY A 25 17.92 -33.82 29.69
C GLY A 25 17.19 -34.93 28.94
N ASP A 26 16.08 -35.40 29.50
CA ASP A 26 15.29 -36.42 28.82
C ASP A 26 14.77 -35.91 27.49
N GLU A 27 14.24 -34.69 27.46
CA GLU A 27 13.76 -34.17 26.19
C GLU A 27 14.90 -33.94 25.22
N ARG A 28 16.08 -33.57 25.72
CA ARG A 28 17.23 -33.41 24.84
C ARG A 28 17.60 -34.73 24.18
N LEU A 29 17.64 -35.81 24.96
CA LEU A 29 17.90 -37.13 24.40
C LEU A 29 16.85 -37.50 23.37
N LEU A 30 15.58 -37.23 23.68
CA LEU A 30 14.51 -37.58 22.76
C LEU A 30 14.67 -36.88 21.42
N ARG A 31 14.90 -35.57 21.44
CA ARG A 31 15.03 -34.84 20.18
C ARG A 31 16.26 -35.30 19.42
N GLU A 32 17.38 -35.55 20.13
CA GLU A 32 18.59 -35.98 19.46
C GLU A 32 18.38 -37.32 18.77
N LYS A 33 17.65 -38.24 19.40
CA LYS A 33 17.40 -39.51 18.75
C LYS A 33 16.42 -39.36 17.60
N LEU A 34 15.42 -38.49 17.74
CA LEU A 34 14.41 -38.37 16.70
C LEU A 34 14.99 -37.81 15.42
N LEU A 35 15.84 -36.80 15.52
CA LEU A 35 16.30 -36.08 14.33
C LEU A 35 17.59 -36.65 13.74
N THR A 36 18.01 -37.84 14.18
CA THR A 36 19.33 -38.34 13.80
C THR A 36 19.42 -38.60 12.29
N ASN A 37 18.58 -39.47 11.75
CA ASN A 37 18.62 -39.87 10.35
C ASN A 37 17.37 -39.38 9.62
N TYR A 38 16.97 -38.15 9.92
CA TYR A 38 15.75 -37.56 9.38
C TYR A 38 16.11 -36.61 8.25
N SER A 39 15.37 -36.71 7.14
CA SER A 39 15.53 -35.82 6.00
C SER A 39 14.28 -34.96 5.88
N LYS A 40 14.48 -33.64 5.90
CA LYS A 40 13.35 -32.72 5.90
C LYS A 40 12.51 -32.84 4.63
N SER A 41 13.13 -33.21 3.51
CA SER A 41 12.47 -33.14 2.22
C SER A 41 11.92 -34.47 1.73
N ILE A 42 12.17 -35.56 2.44
CA ILE A 42 11.63 -36.85 2.06
C ILE A 42 10.28 -37.02 2.72
N ARG A 43 9.32 -37.50 1.95
CA ARG A 43 7.95 -37.65 2.43
C ARG A 43 7.93 -38.67 3.56
N PRO A 44 7.27 -38.39 4.70
CA PRO A 44 7.55 -39.18 5.91
C PRO A 44 6.74 -40.47 6.00
N VAL A 45 7.11 -41.45 5.18
CA VAL A 45 6.49 -42.76 5.19
C VAL A 45 7.58 -43.81 5.08
N ILE A 46 7.42 -44.90 5.81
CA ILE A 46 8.40 -46.00 5.74
C ILE A 46 8.41 -46.58 4.34
N ASN A 47 7.23 -46.88 3.80
CA ASN A 47 7.07 -47.35 2.43
C ASN A 47 6.62 -46.19 1.57
N LEU A 48 7.38 -45.88 0.53
CA LEU A 48 7.06 -44.70 -0.27
C LEU A 48 5.81 -44.90 -1.12
N THR A 49 5.25 -46.11 -1.18
CA THR A 49 4.02 -46.34 -1.92
C THR A 49 2.80 -45.77 -1.19
N LYS A 50 2.93 -45.43 0.09
CA LYS A 50 1.80 -44.95 0.89
C LYS A 50 1.61 -43.45 0.70
N VAL A 51 0.36 -43.02 0.75
CA VAL A 51 0.01 -41.61 0.68
C VAL A 51 -0.12 -41.06 2.09
N VAL A 52 0.11 -39.76 2.24
CA VAL A 52 -0.09 -39.07 3.51
C VAL A 52 -1.39 -38.29 3.43
N ASP A 53 -2.34 -38.67 4.28
CA ASP A 53 -3.66 -38.05 4.31
C ASP A 53 -3.64 -36.89 5.28
N VAL A 54 -3.88 -35.69 4.77
CA VAL A 54 -3.91 -34.47 5.56
C VAL A 54 -5.37 -34.06 5.75
N THR A 55 -5.75 -33.78 6.99
CA THR A 55 -7.06 -33.23 7.32
C THR A 55 -6.88 -31.80 7.79
N ALA A 56 -7.61 -30.88 7.15
CA ALA A 56 -7.49 -29.45 7.41
C ALA A 56 -8.70 -28.94 8.17
N LEU A 57 -8.45 -27.93 9.01
CA LEU A 57 -9.49 -27.29 9.82
C LEU A 57 -9.39 -25.79 9.64
N LEU A 58 -10.45 -25.19 9.10
CA LEU A 58 -10.52 -23.76 8.80
C LEU A 58 -11.58 -23.13 9.68
N TYR A 59 -11.18 -22.24 10.57
CA TYR A 59 -12.08 -21.63 11.56
C TYR A 59 -12.07 -20.11 11.39
N LEU A 60 -12.98 -19.59 10.56
CA LEU A 60 -13.14 -18.16 10.39
C LEU A 60 -13.23 -17.45 11.73
N GLN A 61 -12.43 -16.39 11.89
CA GLN A 61 -12.38 -15.63 13.14
C GLN A 61 -13.20 -14.34 13.06
N THR A 62 -12.93 -13.47 12.07
CA THR A 62 -13.66 -12.22 11.92
C THR A 62 -13.69 -11.84 10.45
N LEU A 63 -14.89 -11.69 9.90
CA LEU A 63 -15.07 -11.19 8.54
C LEU A 63 -14.86 -9.69 8.54
N TYR A 64 -13.70 -9.23 8.09
CA TYR A 64 -13.42 -7.81 8.14
C TYR A 64 -14.35 -7.01 7.24
N ASP A 65 -14.36 -7.31 5.95
CA ASP A 65 -15.15 -6.52 5.01
C ASP A 65 -15.47 -7.39 3.80
N LEU A 66 -16.40 -6.92 2.97
CA LEU A 66 -16.79 -7.56 1.71
C LEU A 66 -16.70 -6.48 0.64
N ASP A 67 -15.56 -6.42 -0.04
CA ASP A 67 -15.27 -5.36 -0.98
C ASP A 67 -15.99 -5.61 -2.29
N PHE A 68 -16.94 -4.75 -2.64
CA PHE A 68 -17.73 -4.95 -3.85
C PHE A 68 -16.94 -4.59 -5.10
N VAL A 69 -16.25 -3.47 -5.09
CA VAL A 69 -15.66 -2.97 -6.34
C VAL A 69 -14.50 -3.84 -6.79
N ASN A 70 -13.71 -4.36 -5.86
CA ASN A 70 -12.60 -5.24 -6.19
C ASN A 70 -13.00 -6.71 -6.21
N ASN A 71 -14.24 -7.05 -5.87
CA ASN A 71 -14.71 -8.44 -5.89
C ASN A 71 -13.90 -9.33 -4.95
N PHE A 72 -13.45 -8.77 -3.83
CA PHE A 72 -12.69 -9.49 -2.82
C PHE A 72 -13.47 -9.47 -1.51
N ILE A 73 -13.14 -10.40 -0.62
CA ILE A 73 -13.61 -10.36 0.76
C ILE A 73 -12.42 -10.59 1.67
N MET A 74 -12.28 -9.73 2.68
CA MET A 74 -11.16 -9.78 3.61
C MET A 74 -11.63 -10.39 4.91
N ALA A 75 -10.95 -11.45 5.35
CA ALA A 75 -11.29 -12.11 6.58
C ALA A 75 -10.03 -12.69 7.18
N ARG A 76 -10.13 -13.11 8.44
CA ARG A 76 -9.05 -13.71 9.19
C ARG A 76 -9.50 -15.08 9.67
N TYR A 77 -8.66 -16.09 9.50
CA TYR A 77 -9.02 -17.48 9.75
C TYR A 77 -7.98 -18.10 10.65
N TYR A 78 -8.28 -19.32 11.09
CA TYR A 78 -7.37 -20.11 11.91
C TYR A 78 -7.22 -21.47 11.23
N LEU A 79 -6.20 -21.63 10.40
CA LEU A 79 -5.98 -22.84 9.63
C LEU A 79 -5.16 -23.87 10.41
N GLY A 80 -5.76 -25.03 10.65
CA GLY A 80 -5.08 -26.14 11.30
C GLY A 80 -4.89 -27.36 10.42
N LEU A 81 -3.66 -27.82 10.26
CA LEU A 81 -3.34 -29.00 9.47
C LEU A 81 -2.91 -30.12 10.40
N ILE A 82 -3.43 -31.32 10.17
CA ILE A 82 -3.13 -32.50 10.97
C ILE A 82 -2.75 -33.63 10.03
N TRP A 83 -1.63 -34.30 10.33
CA TRP A 83 -1.21 -35.47 9.59
C TRP A 83 -0.37 -36.34 10.51
N ILE A 84 0.15 -37.44 9.96
CA ILE A 84 0.85 -38.47 10.73
C ILE A 84 2.23 -38.69 10.13
N ASP A 85 3.25 -38.66 10.98
CA ASP A 85 4.64 -38.95 10.61
C ASP A 85 5.04 -40.29 11.20
N GLU A 86 5.60 -41.16 10.37
CA GLU A 86 6.02 -42.49 10.82
C GLU A 86 7.47 -42.58 11.25
N LYS A 87 8.28 -41.55 11.01
CA LYS A 87 9.66 -41.50 11.47
C LYS A 87 9.82 -40.78 12.80
N LEU A 88 8.75 -40.26 13.38
CA LEU A 88 8.81 -39.45 14.58
C LEU A 88 7.93 -40.04 15.67
N THR A 89 8.13 -41.30 15.97
CA THR A 89 7.36 -42.01 16.99
C THR A 89 8.32 -42.65 17.97
N TRP A 90 7.95 -42.66 19.25
CA TRP A 90 8.79 -43.22 20.29
C TRP A 90 7.91 -43.88 21.34
N ASN A 91 8.55 -44.66 22.21
CA ASN A 91 7.88 -45.29 23.33
C ASN A 91 8.04 -44.39 24.56
N PRO A 92 6.98 -43.80 25.10
CA PRO A 92 7.18 -42.84 26.21
C PRO A 92 7.78 -43.46 27.46
N LEU A 93 7.68 -44.77 27.65
CA LEU A 93 8.24 -45.38 28.85
C LEU A 93 9.76 -45.38 28.86
N ASP A 94 10.42 -45.04 27.75
CA ASP A 94 11.87 -45.01 27.68
C ASP A 94 12.44 -43.61 27.86
N TYR A 95 11.59 -42.61 28.06
CA TYR A 95 12.01 -41.22 28.22
C TYR A 95 11.31 -40.58 29.40
N ASN A 96 10.98 -41.38 30.42
CA ASN A 96 10.32 -40.88 31.62
C ASN A 96 8.95 -40.29 31.29
N ASN A 97 8.27 -40.91 30.33
CA ASN A 97 6.87 -40.62 30.06
C ASN A 97 6.64 -39.31 29.31
N ILE A 98 7.62 -38.86 28.54
CA ILE A 98 7.38 -37.72 27.64
C ILE A 98 6.41 -38.17 26.57
N THR A 99 5.32 -37.41 26.40
CA THR A 99 4.26 -37.75 25.47
C THR A 99 4.09 -36.78 24.32
N SER A 100 4.67 -35.58 24.40
CA SER A 100 4.61 -34.66 23.28
C SER A 100 5.74 -33.65 23.40
N ILE A 101 6.24 -33.19 22.26
CA ILE A 101 7.27 -32.16 22.20
C ILE A 101 6.86 -31.10 21.19
N TYR A 102 7.60 -29.99 21.19
CA TYR A 102 7.39 -28.89 20.28
C TYR A 102 8.65 -28.72 19.45
N LEU A 103 8.51 -28.77 18.13
CA LEU A 103 9.63 -28.69 17.20
C LEU A 103 9.52 -27.43 16.36
N PRO A 104 10.64 -26.86 15.91
CA PRO A 104 10.54 -25.75 14.97
C PRO A 104 9.93 -26.22 13.65
N LYS A 105 9.11 -25.37 13.08
CA LYS A 105 8.34 -25.75 11.88
C LYS A 105 9.24 -26.09 10.71
N ASP A 106 10.45 -25.52 10.66
CA ASP A 106 11.31 -25.65 9.49
C ASP A 106 12.29 -26.81 9.59
N LYS A 107 12.20 -27.64 10.64
CA LYS A 107 13.05 -28.82 10.77
C LYS A 107 12.38 -30.10 10.32
N ILE A 108 11.08 -30.08 10.01
CA ILE A 108 10.28 -31.27 9.79
C ILE A 108 9.59 -31.11 8.45
N TRP A 109 9.25 -32.24 7.82
CA TRP A 109 8.44 -32.20 6.62
C TRP A 109 7.05 -31.68 6.97
N THR A 110 6.52 -30.82 6.09
CA THR A 110 5.24 -30.15 6.30
C THR A 110 4.50 -30.20 4.97
N PRO A 111 3.22 -30.56 4.93
CA PRO A 111 2.52 -30.64 3.65
C PRO A 111 2.45 -29.27 2.99
N PRO A 112 2.58 -29.18 1.67
CA PRO A 112 2.58 -27.86 1.02
C PRO A 112 1.16 -27.40 0.66
N ILE A 113 0.35 -27.17 1.67
CA ILE A 113 -1.05 -26.77 1.47
C ILE A 113 -1.07 -25.28 1.20
N LYS A 114 -1.46 -24.90 -0.01
CA LYS A 114 -1.53 -23.50 -0.43
C LYS A 114 -2.98 -23.08 -0.57
N MET A 115 -3.25 -21.82 -0.25
CA MET A 115 -4.57 -21.23 -0.44
C MET A 115 -4.57 -20.65 -1.85
N CYS A 116 -5.01 -21.46 -2.82
CA CYS A 116 -4.83 -21.15 -4.23
C CYS A 116 -6.02 -20.42 -4.84
N ASN A 117 -6.78 -19.69 -4.02
CA ASN A 117 -7.80 -18.79 -4.50
C ASN A 117 -7.69 -17.42 -3.84
N SER A 118 -6.67 -17.20 -3.00
CA SER A 118 -6.61 -16.07 -2.10
C SER A 118 -5.26 -15.39 -2.21
N MET A 119 -5.22 -14.13 -1.81
CA MET A 119 -3.98 -13.38 -1.69
C MET A 119 -3.62 -13.37 -0.21
N ASP A 120 -2.58 -14.11 0.15
CA ASP A 120 -2.24 -14.30 1.56
C ASP A 120 -1.48 -13.08 2.04
N LYS A 121 -2.17 -12.20 2.75
CA LYS A 121 -1.57 -10.99 3.30
C LYS A 121 -1.23 -11.14 4.78
N SER A 122 -0.84 -12.33 5.20
CA SER A 122 -0.45 -12.53 6.58
C SER A 122 0.90 -11.88 6.84
N GLU A 123 1.20 -11.64 8.12
CA GLU A 123 2.44 -11.01 8.53
C GLU A 123 3.50 -12.01 8.97
N GLU A 124 3.23 -13.31 8.86
CA GLU A 124 4.19 -14.36 9.14
C GLU A 124 4.36 -15.22 7.89
N ASN A 125 5.45 -15.97 7.86
CA ASN A 125 5.80 -16.82 6.74
C ASN A 125 5.43 -18.26 7.08
N ASP A 126 5.40 -19.11 6.05
CA ASP A 126 5.01 -20.51 6.20
C ASP A 126 6.17 -21.41 6.61
N GLY A 127 7.21 -20.85 7.23
CA GLY A 127 8.34 -21.62 7.72
C GLY A 127 8.88 -21.09 9.04
N VAL A 128 8.07 -20.33 9.77
CA VAL A 128 8.44 -19.80 11.07
C VAL A 128 7.27 -20.07 12.02
N GLY A 129 7.58 -20.59 13.20
CA GLY A 129 6.58 -21.01 14.16
C GLY A 129 6.96 -22.35 14.73
N GLU A 130 5.97 -23.06 15.24
CA GLU A 130 6.18 -24.35 15.89
C GLU A 130 5.02 -25.27 15.59
N LEU A 131 5.25 -26.56 15.82
CA LEU A 131 4.24 -27.58 15.63
C LEU A 131 4.37 -28.60 16.74
N MET A 132 3.24 -29.18 17.13
CA MET A 132 3.18 -30.14 18.22
C MET A 132 3.24 -31.55 17.66
N LEU A 133 4.13 -32.36 18.20
CA LEU A 133 4.31 -33.74 17.81
C LEU A 133 3.97 -34.64 18.98
N THR A 134 3.22 -35.70 18.71
CA THR A 134 2.77 -36.65 19.71
C THR A 134 3.53 -37.96 19.54
N TYR A 135 3.61 -38.74 20.62
CA TYR A 135 4.41 -39.96 20.58
C TYR A 135 3.89 -40.98 19.58
N THR A 136 2.64 -40.86 19.14
CA THR A 136 2.12 -41.75 18.12
C THR A 136 2.47 -41.29 16.71
N GLY A 137 3.09 -40.12 16.55
CA GLY A 137 3.42 -39.58 15.25
C GLY A 137 2.51 -38.50 14.76
N TRP A 138 1.39 -38.22 15.45
CA TRP A 138 0.43 -37.26 14.96
C TRP A 138 0.94 -35.85 15.19
N ILE A 139 0.90 -35.03 14.15
CA ILE A 139 1.41 -33.66 14.19
C ILE A 139 0.24 -32.70 14.06
N ASN A 140 0.20 -31.71 14.95
CA ASN A 140 -0.74 -30.59 14.87
C ASN A 140 0.02 -29.33 14.47
N MET A 141 -0.52 -28.60 13.51
CA MET A 141 0.12 -27.39 12.99
C MET A 141 -0.96 -26.34 12.79
N TRP A 142 -0.97 -25.32 13.63
CA TRP A 142 -1.97 -24.27 13.61
C TRP A 142 -1.35 -22.93 13.25
N SER A 143 -2.11 -22.09 12.56
CA SER A 143 -1.57 -20.83 12.07
C SER A 143 -2.69 -19.81 11.87
N PHE A 144 -2.28 -18.54 11.81
CA PHE A 144 -3.16 -17.42 11.47
C PHE A 144 -2.93 -17.03 10.03
N ARG A 145 -4.02 -16.92 9.27
CA ARG A 145 -3.96 -16.47 7.89
C ARG A 145 -4.99 -15.38 7.68
N LEU A 146 -4.53 -14.22 7.21
CA LEU A 146 -5.40 -13.15 6.74
C LEU A 146 -5.46 -13.23 5.22
N LEU A 147 -6.65 -13.45 4.67
CA LEU A 147 -6.84 -13.77 3.27
C LEU A 147 -7.72 -12.74 2.58
N HIS A 148 -7.35 -12.38 1.36
CA HIS A 148 -8.17 -11.59 0.46
C HIS A 148 -8.60 -12.56 -0.64
N THR A 149 -9.77 -13.16 -0.47
CA THR A 149 -10.19 -14.26 -1.33
C THR A 149 -11.19 -13.77 -2.37
N TYR A 150 -10.96 -14.14 -3.62
CA TYR A 150 -11.74 -13.65 -4.73
C TYR A 150 -13.15 -14.23 -4.70
N CYS A 151 -14.13 -13.36 -4.93
CA CYS A 151 -15.54 -13.76 -4.96
C CYS A 151 -16.22 -13.09 -6.15
N GLN A 152 -17.04 -13.86 -6.85
CA GLN A 152 -17.89 -13.32 -7.92
C GLN A 152 -19.18 -12.84 -7.28
N ILE A 153 -19.34 -11.52 -7.20
CA ILE A 153 -20.40 -10.89 -6.41
C ILE A 153 -21.56 -10.59 -7.33
N ASN A 154 -22.72 -11.17 -7.01
CA ASN A 154 -23.96 -10.95 -7.76
C ASN A 154 -24.77 -9.91 -7.01
N ALA A 155 -24.77 -8.67 -7.52
CA ALA A 155 -25.47 -7.55 -6.92
C ALA A 155 -26.86 -7.35 -7.50
N TYR A 156 -27.44 -8.41 -8.07
CA TYR A 156 -28.74 -8.32 -8.73
C TYR A 156 -29.81 -7.77 -7.78
N THR A 157 -29.95 -8.37 -6.61
CA THR A 157 -31.04 -8.07 -5.69
C THR A 157 -30.63 -7.07 -4.62
N TYR A 158 -29.80 -6.10 -4.97
CA TYR A 158 -29.37 -5.11 -3.98
C TYR A 158 -30.59 -4.32 -3.49
N PRO A 159 -30.67 -3.97 -2.20
CA PRO A 159 -29.81 -4.29 -1.06
C PRO A 159 -30.25 -5.54 -0.30
N PHE A 160 -31.17 -6.33 -0.85
CA PHE A 160 -31.56 -7.61 -0.27
C PHE A 160 -30.78 -8.75 -0.92
N ASP A 161 -29.46 -8.62 -0.96
CA ASP A 161 -28.61 -9.48 -1.78
C ASP A 161 -27.93 -10.56 -0.95
N GLU A 162 -27.68 -11.69 -1.60
CA GLU A 162 -26.98 -12.82 -1.00
C GLU A 162 -25.80 -13.19 -1.89
N HIS A 163 -24.72 -13.66 -1.28
CA HIS A 163 -23.51 -14.01 -1.99
C HIS A 163 -22.96 -15.32 -1.49
N THR A 164 -22.20 -15.99 -2.36
CA THR A 164 -21.53 -17.25 -2.04
C THR A 164 -20.07 -17.14 -2.43
N CYS A 165 -19.18 -17.24 -1.45
CA CYS A 165 -17.73 -17.17 -1.66
C CYS A 165 -17.09 -18.48 -1.23
N GLU A 166 -16.27 -19.04 -2.10
CA GLU A 166 -15.60 -20.32 -1.87
C GLU A 166 -14.12 -20.09 -1.62
N ILE A 167 -13.64 -20.58 -0.47
CA ILE A 167 -12.22 -20.51 -0.11
C ILE A 167 -11.60 -21.87 -0.41
N TYR A 168 -10.58 -21.88 -1.26
CA TYR A 168 -9.98 -23.11 -1.76
C TYR A 168 -8.70 -23.43 -1.00
N LEU A 169 -8.49 -24.72 -0.72
CA LEU A 169 -7.21 -25.27 -0.30
C LEU A 169 -6.79 -26.30 -1.33
N CYS A 170 -5.50 -26.35 -1.65
CA CYS A 170 -5.03 -27.29 -2.65
C CYS A 170 -3.56 -27.62 -2.42
N VAL A 171 -3.23 -28.90 -2.50
CA VAL A 171 -1.85 -29.33 -2.44
C VAL A 171 -1.06 -28.66 -3.56
N ALA A 172 0.17 -28.27 -3.26
CA ALA A 172 0.93 -27.42 -4.18
C ALA A 172 1.40 -28.20 -5.41
N LEU A 173 2.25 -29.20 -5.21
CA LEU A 173 2.93 -29.87 -6.29
C LEU A 173 2.81 -31.38 -6.27
N HIS A 174 2.38 -31.97 -5.18
CA HIS A 174 2.36 -33.42 -5.07
C HIS A 174 1.08 -33.97 -5.70
N THR A 175 1.20 -35.12 -6.36
CA THR A 175 0.05 -35.75 -6.94
C THR A 175 -0.73 -36.51 -5.87
N ILE A 176 -1.96 -36.89 -6.21
CA ILE A 176 -2.80 -37.65 -5.28
C ILE A 176 -2.20 -38.99 -4.89
N ASN A 177 -1.19 -39.47 -5.62
CA ASN A 177 -0.47 -40.66 -5.20
C ASN A 177 0.57 -40.39 -4.13
N HIS A 178 0.85 -39.13 -3.81
CA HIS A 178 1.83 -38.77 -2.80
C HIS A 178 1.20 -38.05 -1.61
N THR A 179 0.50 -36.95 -1.83
CA THR A 179 -0.11 -36.16 -0.76
C THR A 179 -1.56 -35.88 -1.10
N ARG A 180 -2.42 -35.98 -0.10
CA ARG A 180 -3.86 -35.88 -0.28
C ARG A 180 -4.45 -35.03 0.84
N ILE A 181 -5.49 -34.27 0.51
CA ILE A 181 -6.30 -33.58 1.51
C ILE A 181 -7.46 -34.53 1.83
N LYS A 182 -7.34 -35.22 2.97
CA LYS A 182 -8.34 -36.21 3.34
C LYS A 182 -9.71 -35.58 3.54
N GLU A 183 -9.76 -34.42 4.19
CA GLU A 183 -11.01 -33.89 4.68
C GLU A 183 -10.80 -32.43 5.03
N LEU A 184 -11.89 -31.66 5.01
CA LEU A 184 -11.86 -30.25 5.37
C LEU A 184 -13.05 -29.97 6.25
N ILE A 185 -12.79 -29.51 7.46
CA ILE A 185 -13.81 -29.17 8.45
C ILE A 185 -13.79 -27.66 8.60
N TYR A 186 -14.87 -26.99 8.21
CA TYR A 186 -14.97 -25.54 8.31
C TYR A 186 -16.07 -25.18 9.29
N GLU A 187 -15.79 -24.18 10.13
CA GLU A 187 -16.74 -23.72 11.14
C GLU A 187 -16.58 -22.21 11.29
N ASP A 188 -17.45 -21.63 12.10
CA ASP A 188 -17.41 -20.22 12.46
C ASP A 188 -17.10 -20.11 13.94
N SER A 189 -16.06 -19.36 14.28
CA SER A 189 -15.63 -19.29 15.67
C SER A 189 -16.48 -18.36 16.51
N LYS A 190 -17.34 -17.54 15.89
CA LYS A 190 -18.24 -16.66 16.62
C LYS A 190 -17.49 -15.71 17.55
N PHE A 191 -16.25 -15.39 17.20
CA PHE A 191 -15.43 -14.56 18.08
C PHE A 191 -16.03 -13.17 18.21
N THR A 192 -16.53 -12.61 17.11
CA THR A 192 -17.22 -11.33 17.13
C THR A 192 -18.48 -11.42 16.29
N GLN A 193 -19.42 -10.53 16.57
CA GLN A 193 -20.63 -10.36 15.77
C GLN A 193 -20.40 -9.25 14.76
N ASN A 194 -21.04 -9.38 13.59
CA ASN A 194 -20.73 -8.52 12.47
C ASN A 194 -21.63 -7.29 12.41
N TYR A 195 -22.94 -7.50 12.38
CA TYR A 195 -23.99 -6.47 12.26
C TYR A 195 -24.15 -5.94 10.84
N LYS A 196 -23.48 -6.52 9.86
CA LYS A 196 -23.56 -6.10 8.47
C LYS A 196 -23.91 -7.25 7.55
N TRP A 197 -23.43 -8.45 7.84
CA TRP A 197 -23.66 -9.63 7.01
C TRP A 197 -24.03 -10.79 7.92
N ASP A 198 -25.00 -11.58 7.47
CA ASP A 198 -25.34 -12.83 8.13
C ASP A 198 -24.46 -13.92 7.53
N ILE A 199 -23.51 -14.41 8.33
CA ILE A 199 -22.53 -15.40 7.87
C ILE A 199 -23.04 -16.78 8.22
N ASN A 200 -22.84 -17.73 7.30
CA ASN A 200 -23.25 -19.12 7.51
C ASN A 200 -22.15 -20.00 6.90
N VAL A 201 -21.15 -20.32 7.71
CA VAL A 201 -20.05 -21.20 7.31
C VAL A 201 -19.97 -22.34 8.30
N SER A 202 -20.35 -23.54 7.86
CA SER A 202 -20.31 -24.72 8.72
C SER A 202 -20.53 -25.97 7.90
N GLY A 203 -19.67 -26.97 8.05
CA GLY A 203 -19.81 -28.18 7.29
C GLY A 203 -18.58 -29.05 7.39
N LYS A 204 -18.55 -30.08 6.54
CA LYS A 204 -17.47 -31.05 6.52
C LYS A 204 -17.50 -31.71 5.15
N VAL A 205 -16.47 -31.48 4.34
CA VAL A 205 -16.44 -31.95 2.96
C VAL A 205 -15.17 -32.77 2.74
N ASN A 206 -15.31 -33.88 2.03
CA ASN A 206 -14.16 -34.66 1.61
C ASN A 206 -13.36 -33.91 0.55
N GLY A 207 -12.09 -34.24 0.45
CA GLY A 207 -11.26 -33.65 -0.59
C GLY A 207 -11.57 -34.23 -1.95
N THR A 208 -11.28 -33.45 -2.98
CA THR A 208 -11.51 -33.84 -4.37
C THR A 208 -10.18 -34.29 -4.97
N ASP A 209 -10.13 -35.50 -5.50
CA ASP A 209 -8.92 -36.11 -6.02
C ASP A 209 -9.03 -36.19 -7.53
N GLU A 210 -8.60 -35.14 -8.22
CA GLU A 210 -8.50 -35.11 -9.67
C GLU A 210 -7.12 -34.54 -9.98
N LEU A 211 -6.14 -35.44 -10.08
CA LEU A 211 -4.74 -35.13 -10.34
C LEU A 211 -4.08 -34.59 -9.07
N PHE A 212 -4.44 -33.36 -8.66
N PHE A 212 -4.46 -33.36 -8.68
CA PHE A 212 -3.93 -32.78 -7.43
CA PHE A 212 -3.99 -32.71 -7.46
C PHE A 212 -5.10 -32.50 -6.49
C PHE A 212 -5.15 -32.57 -6.49
N SER A 213 -4.93 -32.90 -5.23
CA SER A 213 -6.00 -32.82 -4.25
C SER A 213 -6.32 -31.37 -3.91
N TYR A 214 -7.61 -31.10 -3.69
CA TYR A 214 -8.05 -29.78 -3.27
C TYR A 214 -9.45 -29.90 -2.66
N ALA A 215 -9.89 -28.81 -2.04
CA ALA A 215 -11.21 -28.74 -1.44
C ALA A 215 -11.55 -27.27 -1.23
N PHE A 216 -12.82 -27.00 -0.95
CA PHE A 216 -13.25 -25.63 -0.69
C PHE A 216 -14.41 -25.57 0.28
N ALA A 217 -14.39 -24.53 1.11
CA ALA A 217 -15.45 -24.27 2.08
C ALA A 217 -16.37 -23.18 1.56
N PRO A 218 -17.68 -23.40 1.42
CA PRO A 218 -18.56 -22.31 0.94
C PRO A 218 -19.00 -21.39 2.07
N MET A 219 -18.84 -20.09 1.85
CA MET A 219 -19.36 -19.06 2.76
C MET A 219 -20.56 -18.41 2.12
N TYR A 220 -21.71 -18.49 2.79
CA TYR A 220 -22.93 -17.80 2.37
C TYR A 220 -23.09 -16.53 3.19
N LEU A 221 -23.35 -15.42 2.50
CA LEU A 221 -23.40 -14.10 3.12
C LEU A 221 -24.66 -13.39 2.67
N ARG A 222 -25.50 -13.02 3.63
CA ARG A 222 -26.71 -12.24 3.37
C ARG A 222 -26.60 -10.91 4.11
N ARG A 223 -26.75 -9.81 3.37
CA ARG A 223 -26.65 -8.50 4.00
C ARG A 223 -27.78 -8.32 5.00
N LYS A 224 -27.43 -7.84 6.19
CA LYS A 224 -28.42 -7.67 7.24
C LYS A 224 -29.21 -6.40 7.00
N LEU A 225 -30.46 -6.41 7.46
CA LEU A 225 -31.40 -5.34 7.18
C LEU A 225 -31.41 -4.34 8.35
N THR A 226 -30.29 -3.63 8.47
CA THR A 226 -30.22 -2.51 9.39
C THR A 226 -31.09 -1.36 8.89
N VAL A 227 -31.58 -0.55 9.83
CA VAL A 227 -32.44 0.56 9.45
C VAL A 227 -31.69 1.71 8.80
N GLY A 228 -30.36 1.67 8.81
CA GLY A 228 -29.61 2.70 8.10
C GLY A 228 -29.86 2.68 6.60
N ILE A 229 -29.90 1.50 6.00
CA ILE A 229 -30.21 1.43 4.58
C ILE A 229 -31.66 1.83 4.32
N ILE A 230 -32.57 1.53 5.23
CA ILE A 230 -33.94 2.00 5.08
C ILE A 230 -33.98 3.52 5.06
N ALA A 231 -33.22 4.15 5.95
CA ALA A 231 -33.12 5.60 5.96
C ALA A 231 -32.56 6.11 4.65
N MET A 232 -31.56 5.42 4.10
CA MET A 232 -31.06 5.78 2.78
C MET A 232 -32.12 5.63 1.70
N LEU A 233 -33.00 4.64 1.83
CA LEU A 233 -34.03 4.42 0.83
C LEU A 233 -35.09 5.51 0.83
N ILE A 234 -35.45 6.03 2.01
CA ILE A 234 -36.50 7.06 2.18
C ILE A 234 -36.43 8.17 1.14
N PRO A 235 -35.27 8.85 0.95
CA PRO A 235 -35.24 9.89 -0.09
C PRO A 235 -35.62 9.39 -1.46
N THR A 236 -35.24 8.16 -1.80
CA THR A 236 -35.57 7.63 -3.11
C THR A 236 -37.08 7.51 -3.29
N VAL A 237 -37.77 6.90 -2.32
CA VAL A 237 -39.21 6.70 -2.48
C VAL A 237 -39.95 8.03 -2.52
N MET A 238 -39.57 8.98 -1.66
CA MET A 238 -40.24 10.27 -1.76
C MET A 238 -39.94 10.96 -3.09
N MET A 239 -38.75 10.73 -3.65
CA MET A 239 -38.46 11.23 -4.98
C MET A 239 -39.36 10.57 -6.02
N THR A 240 -39.71 9.29 -5.82
CA THR A 240 -40.70 8.67 -6.68
C THR A 240 -42.03 9.41 -6.61
N ILE A 241 -42.45 9.76 -5.39
CA ILE A 241 -43.70 10.51 -5.22
C ILE A 241 -43.62 11.84 -5.96
N LEU A 242 -42.49 12.53 -5.82
CA LEU A 242 -42.34 13.84 -6.46
C LEU A 242 -42.32 13.75 -7.98
N THR A 243 -41.62 12.76 -8.53
CA THR A 243 -41.61 12.62 -9.99
C THR A 243 -43.00 12.24 -10.52
N ILE A 244 -43.74 11.37 -9.84
CA ILE A 244 -45.07 11.06 -10.33
C ILE A 244 -45.94 12.31 -10.31
N PHE A 245 -45.80 13.11 -9.25
CA PHE A 245 -46.56 14.38 -9.07
C PHE A 245 -46.28 15.31 -10.26
N VAL A 246 -45.00 15.53 -10.59
CA VAL A 246 -44.66 16.48 -11.65
C VAL A 246 -45.07 15.92 -13.01
N PHE A 247 -44.95 14.60 -13.20
CA PHE A 247 -45.35 14.03 -14.48
C PHE A 247 -46.86 14.01 -14.65
N LEU A 248 -47.62 14.05 -13.56
CA LEU A 248 -49.08 14.18 -13.59
C LEU A 248 -49.50 15.58 -13.11
N LEU A 249 -48.69 16.58 -13.43
CA LEU A 249 -49.01 17.97 -13.17
C LEU A 249 -49.89 18.48 -14.31
N PRO A 250 -50.71 19.52 -14.09
CA PRO A 250 -51.49 20.06 -15.19
C PRO A 250 -50.60 20.66 -16.26
N PRO A 251 -50.98 20.58 -17.54
CA PRO A 251 -50.08 21.08 -18.60
C PRO A 251 -49.71 22.55 -18.49
N GLU A 252 -50.57 23.38 -17.89
CA GLU A 252 -50.36 24.82 -17.80
C GLU A 252 -50.31 25.27 -16.35
N SER A 253 -49.62 24.50 -15.50
CA SER A 253 -49.44 24.90 -14.11
C SER A 253 -48.64 26.19 -14.01
N GLY A 254 -47.63 26.35 -14.86
CA GLY A 254 -46.76 27.51 -14.84
C GLY A 254 -45.43 27.29 -14.16
N GLU A 255 -45.12 26.05 -13.75
CA GLU A 255 -43.81 25.70 -13.22
C GLU A 255 -43.36 24.32 -13.68
N LYS A 256 -44.02 23.74 -14.68
CA LYS A 256 -43.75 22.37 -15.07
C LYS A 256 -42.33 22.21 -15.60
N VAL A 257 -41.90 23.12 -16.48
CA VAL A 257 -40.59 22.98 -17.11
C VAL A 257 -39.48 23.05 -16.06
N SER A 258 -39.51 24.10 -15.22
CA SER A 258 -38.46 24.27 -14.22
C SER A 258 -38.47 23.14 -13.20
N LEU A 259 -39.65 22.75 -12.74
CA LEU A 259 -39.76 21.66 -11.77
C LEU A 259 -39.21 20.36 -12.36
N ALA A 260 -39.64 20.00 -13.57
CA ALA A 260 -39.17 18.77 -14.18
C ALA A 260 -37.68 18.81 -14.43
N THR A 261 -37.15 19.98 -14.81
CA THR A 261 -35.71 20.10 -15.03
C THR A 261 -34.93 19.84 -13.75
N THR A 262 -35.35 20.46 -12.64
CA THR A 262 -34.65 20.24 -11.38
C THR A 262 -34.75 18.79 -10.92
N ILE A 263 -35.94 18.19 -11.08
CA ILE A 263 -36.11 16.79 -10.71
C ILE A 263 -35.19 15.91 -11.55
N PHE A 264 -35.07 16.21 -12.85
CA PHE A 264 -34.19 15.46 -13.72
C PHE A 264 -32.74 15.59 -13.29
N LEU A 265 -32.33 16.80 -12.89
CA LEU A 265 -30.96 17.01 -12.43
C LEU A 265 -30.67 16.16 -11.20
N SER A 266 -31.58 16.20 -10.22
CA SER A 266 -31.35 15.43 -9.00
C SER A 266 -31.36 13.94 -9.28
N ASN A 267 -32.25 13.49 -10.17
CA ASN A 267 -32.29 12.08 -10.53
C ASN A 267 -31.00 11.63 -11.20
N VAL A 268 -30.46 12.47 -12.09
CA VAL A 268 -29.19 12.14 -12.73
C VAL A 268 -28.09 12.06 -11.69
N LEU A 269 -28.10 12.96 -10.72
CA LEU A 269 -27.10 12.91 -9.66
C LEU A 269 -27.19 11.59 -8.89
N TYR A 270 -28.41 11.16 -8.57
CA TYR A 270 -28.56 9.88 -7.88
C TYR A 270 -28.09 8.71 -8.74
N LEU A 271 -28.44 8.74 -10.03
CA LEU A 271 -28.05 7.65 -10.91
C LEU A 271 -26.53 7.57 -11.05
N VAL A 272 -25.86 8.72 -11.03
CA VAL A 272 -24.40 8.71 -11.08
C VAL A 272 -23.83 8.22 -9.76
N GLN A 273 -24.40 8.65 -8.62
CA GLN A 273 -23.80 8.34 -7.34
C GLN A 273 -23.96 6.86 -6.99
N ILE A 274 -25.06 6.22 -7.40
CA ILE A 274 -25.24 4.80 -7.06
C ILE A 274 -24.16 3.94 -7.71
N ASP A 275 -23.65 4.35 -8.87
CA ASP A 275 -22.68 3.53 -9.59
C ASP A 275 -21.41 3.31 -8.78
N LYS A 276 -20.95 4.34 -8.06
CA LYS A 276 -19.65 4.28 -7.41
C LYS A 276 -19.57 3.24 -6.29
N THR A 277 -20.71 2.76 -5.77
CA THR A 277 -20.75 1.75 -4.73
C THR A 277 -21.04 0.36 -5.29
N THR A 278 -21.90 0.30 -6.30
CA THR A 278 -22.29 -0.95 -6.92
C THR A 278 -21.16 -1.52 -7.78
N PRO A 279 -21.11 -2.85 -7.95
CA PRO A 279 -20.06 -3.45 -8.78
C PRO A 279 -20.42 -3.48 -10.26
N THR A 280 -19.38 -3.53 -11.09
CA THR A 280 -19.52 -3.63 -12.54
C THR A 280 -19.34 -5.05 -13.07
N ASN A 281 -19.02 -6.02 -12.21
CA ASN A 281 -18.77 -7.41 -12.60
C ASN A 281 -19.84 -8.28 -11.98
N THR A 282 -20.98 -8.40 -12.67
CA THR A 282 -22.12 -9.17 -12.17
C THR A 282 -22.76 -9.90 -13.34
N LYS A 283 -23.40 -11.03 -13.05
CA LYS A 283 -24.17 -11.71 -14.07
C LYS A 283 -25.28 -10.81 -14.62
N TYR A 284 -25.97 -10.10 -13.72
CA TYR A 284 -27.01 -9.15 -14.08
C TYR A 284 -26.77 -7.85 -13.33
N PRO A 285 -27.18 -6.71 -13.88
CA PRO A 285 -27.12 -5.48 -13.08
C PRO A 285 -28.25 -5.48 -12.06
N SER A 286 -28.15 -4.56 -11.10
CA SER A 286 -29.14 -4.52 -10.04
C SER A 286 -30.47 -3.95 -10.52
N LEU A 287 -31.54 -4.57 -10.01
CA LEU A 287 -32.89 -4.04 -10.23
C LEU A 287 -32.96 -2.58 -9.85
N LEU A 288 -32.21 -2.15 -8.84
CA LEU A 288 -32.18 -0.72 -8.50
C LEU A 288 -31.64 0.11 -9.66
N MET A 289 -30.57 -0.34 -10.33
CA MET A 289 -30.13 0.32 -11.57
C MET A 289 -31.26 0.44 -12.57
N LEU A 290 -31.90 -0.69 -12.88
CA LEU A 290 -32.89 -0.65 -13.97
C LEU A 290 -34.09 0.20 -13.58
N TYR A 291 -34.46 0.20 -12.30
CA TYR A 291 -35.62 0.96 -11.86
C TYR A 291 -35.31 2.45 -11.83
N LEU A 292 -34.11 2.83 -11.40
CA LEU A 292 -33.77 4.25 -11.43
C LEU A 292 -33.56 4.73 -12.85
N MET A 293 -33.18 3.84 -13.77
CA MET A 293 -33.11 4.23 -15.17
C MET A 293 -34.51 4.47 -15.71
N LEU A 294 -35.46 3.62 -15.33
CA LEU A 294 -36.86 3.85 -15.73
C LEU A 294 -37.35 5.18 -15.18
N LEU A 295 -37.03 5.49 -13.93
CA LEU A 295 -37.49 6.74 -13.34
C LEU A 295 -36.87 7.95 -14.05
N SER A 296 -35.58 7.87 -14.36
CA SER A 296 -34.94 8.97 -15.07
C SER A 296 -35.52 9.14 -16.47
N MET A 297 -35.81 8.03 -17.16
CA MET A 297 -36.43 8.11 -18.47
C MET A 297 -37.80 8.74 -18.39
N LEU A 298 -38.58 8.39 -17.36
CA LEU A 298 -39.89 9.00 -17.20
C LEU A 298 -39.77 10.49 -16.93
N SER A 299 -38.79 10.90 -16.13
CA SER A 299 -38.58 12.33 -15.89
C SER A 299 -38.22 13.05 -17.19
N GLY A 300 -37.36 12.44 -18.00
CA GLY A 300 -37.02 13.05 -19.27
C GLY A 300 -38.20 13.17 -20.20
N ILE A 301 -39.05 12.15 -20.25
CA ILE A 301 -40.23 12.21 -21.10
C ILE A 301 -41.19 13.29 -20.58
N ALA A 302 -41.27 13.43 -19.26
CA ALA A 302 -42.10 14.50 -18.70
C ALA A 302 -41.58 15.87 -19.11
N THR A 303 -40.26 16.05 -19.06
CA THR A 303 -39.68 17.33 -19.46
C THR A 303 -39.93 17.60 -20.94
N LEU A 304 -39.81 16.56 -21.78
CA LEU A 304 -40.08 16.72 -23.20
C LEU A 304 -41.53 17.09 -23.45
N GLY A 305 -42.46 16.43 -22.74
CA GLY A 305 -43.86 16.80 -22.88
C GLY A 305 -44.12 18.24 -22.44
N SER A 306 -43.45 18.66 -21.37
CA SER A 306 -43.57 20.05 -20.92
C SER A 306 -43.09 21.02 -21.99
N VAL A 307 -41.96 20.70 -22.62
CA VAL A 307 -41.43 21.56 -23.69
C VAL A 307 -42.40 21.61 -24.85
N VAL A 308 -42.98 20.46 -25.21
CA VAL A 308 -43.94 20.42 -26.31
C VAL A 308 -45.16 21.27 -25.98
N ILE A 309 -45.65 21.17 -24.73
CA ILE A 309 -46.80 21.95 -24.32
C ILE A 309 -46.49 23.44 -24.38
N SER A 310 -45.32 23.84 -23.89
CA SER A 310 -44.95 25.25 -23.96
C SER A 310 -44.84 25.72 -25.40
N LYS A 311 -44.35 24.86 -26.30
CA LYS A 311 -44.35 25.19 -27.72
C LYS A 311 -45.77 25.41 -28.23
N LEU A 312 -46.68 24.53 -27.85
CA LEU A 312 -48.07 24.64 -28.27
C LEU A 312 -48.83 25.67 -27.42
N THR B 21 9.47 -52.92 -2.24
CA THR B 21 9.02 -51.57 -2.51
C THR B 21 10.06 -50.57 -2.04
N PRO B 22 10.12 -49.40 -2.66
CA PRO B 22 11.12 -48.41 -2.23
C PRO B 22 10.81 -47.88 -0.85
N THR B 23 11.87 -47.53 -0.13
CA THR B 23 11.76 -47.15 1.28
C THR B 23 12.49 -45.83 1.54
N TYR B 24 12.32 -45.37 2.78
CA TYR B 24 12.93 -44.12 3.21
C TYR B 24 14.44 -44.18 3.11
N GLY B 25 15.04 -45.31 3.51
CA GLY B 25 16.48 -45.45 3.39
C GLY B 25 16.95 -45.43 1.95
N ASP B 26 16.17 -46.04 1.06
CA ASP B 26 16.53 -46.02 -0.35
C ASP B 26 16.54 -44.61 -0.89
N GLU B 27 15.52 -43.81 -0.55
CA GLU B 27 15.52 -42.45 -1.04
C GLU B 27 16.65 -41.63 -0.42
N ARG B 28 17.00 -41.93 0.84
CA ARG B 28 18.13 -41.24 1.45
C ARG B 28 19.41 -41.52 0.70
N LEU B 29 19.65 -42.79 0.38
CA LEU B 29 20.83 -43.14 -0.42
C LEU B 29 20.82 -42.43 -1.76
N LEU B 30 19.66 -42.40 -2.41
CA LEU B 30 19.57 -41.77 -3.72
C LEU B 30 19.95 -40.30 -3.65
N ARG B 31 19.37 -39.56 -2.70
CA ARG B 31 19.67 -38.14 -2.61
C ARG B 31 21.13 -37.91 -2.26
N GLU B 32 21.67 -38.73 -1.35
CA GLU B 32 23.06 -38.56 -0.95
C GLU B 32 24.00 -38.78 -2.13
N LYS B 33 23.70 -39.75 -2.99
CA LYS B 33 24.55 -39.95 -4.16
C LYS B 33 24.34 -38.84 -5.18
N LEU B 34 23.11 -38.35 -5.34
CA LEU B 34 22.86 -37.35 -6.37
C LEU B 34 23.57 -36.05 -6.06
N LEU B 35 23.55 -35.60 -4.81
CA LEU B 35 24.04 -34.28 -4.46
C LEU B 35 25.52 -34.27 -4.08
N THR B 36 26.25 -35.35 -4.32
CA THR B 36 27.61 -35.46 -3.79
C THR B 36 28.54 -34.41 -4.39
N ASN B 37 28.71 -34.41 -5.72
CA ASN B 37 29.64 -33.52 -6.40
C ASN B 37 28.86 -32.53 -7.27
N TYR B 38 27.77 -32.02 -6.74
CA TYR B 38 26.87 -31.12 -7.46
C TYR B 38 27.13 -29.69 -7.04
N SER B 39 27.24 -28.79 -8.01
CA SER B 39 27.40 -27.36 -7.78
C SER B 39 26.13 -26.64 -8.21
N LYS B 40 25.53 -25.89 -7.29
CA LYS B 40 24.26 -25.25 -7.58
C LYS B 40 24.38 -24.22 -8.69
N SER B 41 25.54 -23.60 -8.84
CA SER B 41 25.69 -22.45 -9.74
C SER B 41 26.28 -22.81 -11.09
N ILE B 42 26.70 -24.04 -11.30
CA ILE B 42 27.25 -24.45 -12.59
C ILE B 42 26.10 -24.95 -13.45
N ARG B 43 26.09 -24.52 -14.69
CA ARG B 43 25.01 -24.86 -15.60
C ARG B 43 25.01 -26.37 -15.83
N PRO B 44 23.86 -27.05 -15.74
CA PRO B 44 23.89 -28.52 -15.58
C PRO B 44 24.01 -29.27 -16.90
N VAL B 45 25.20 -29.22 -17.50
CA VAL B 45 25.48 -29.95 -18.72
C VAL B 45 26.86 -30.58 -18.60
N ILE B 46 27.00 -31.80 -19.11
CA ILE B 46 28.30 -32.47 -19.07
C ILE B 46 29.31 -31.69 -19.89
N ASN B 47 28.93 -31.31 -21.10
CA ASN B 47 29.75 -30.47 -21.97
C ASN B 47 29.21 -29.05 -21.91
N LEU B 48 30.06 -28.11 -21.53
CA LEU B 48 29.58 -26.74 -21.36
C LEU B 48 29.26 -26.06 -22.67
N THR B 49 29.57 -26.67 -23.81
CA THR B 49 29.20 -26.09 -25.10
C THR B 49 27.72 -26.23 -25.40
N LYS B 50 27.00 -27.08 -24.66
CA LYS B 50 25.59 -27.33 -24.91
C LYS B 50 24.72 -26.29 -24.24
N VAL B 51 23.60 -25.96 -24.87
CA VAL B 51 22.61 -25.04 -24.33
C VAL B 51 21.55 -25.83 -23.60
N VAL B 52 20.91 -25.22 -22.61
CA VAL B 52 19.79 -25.82 -21.91
C VAL B 52 18.51 -25.17 -22.43
N ASP B 53 17.67 -25.99 -23.06
CA ASP B 53 16.42 -25.53 -23.64
C ASP B 53 15.31 -25.62 -22.61
N VAL B 54 14.74 -24.49 -22.25
CA VAL B 54 13.65 -24.41 -21.28
C VAL B 54 12.35 -24.18 -22.03
N THR B 55 11.34 -24.98 -21.71
CA THR B 55 9.99 -24.78 -22.23
C THR B 55 9.09 -24.34 -21.08
N ALA B 56 8.40 -23.23 -21.28
CA ALA B 56 7.58 -22.59 -20.27
C ALA B 56 6.10 -22.79 -20.56
N LEU B 57 5.30 -22.89 -19.49
CA LEU B 57 3.86 -23.05 -19.58
C LEU B 57 3.19 -22.03 -18.68
N LEU B 58 2.40 -21.14 -19.29
CA LEU B 58 1.71 -20.06 -18.58
C LEU B 58 0.21 -20.29 -18.69
N TYR B 59 -0.44 -20.54 -17.56
CA TYR B 59 -1.87 -20.88 -17.52
C TYR B 59 -2.62 -19.86 -16.67
N LEU B 60 -3.13 -18.81 -17.32
CA LEU B 60 -3.95 -17.81 -16.66
C LEU B 60 -5.05 -18.47 -15.83
N GLN B 61 -5.17 -18.06 -14.57
CA GLN B 61 -6.17 -18.61 -13.66
C GLN B 61 -7.38 -17.71 -13.52
N THR B 62 -7.20 -16.45 -13.14
CA THR B 62 -8.32 -15.51 -12.98
C THR B 62 -7.84 -14.10 -13.29
N LEU B 63 -8.47 -13.45 -14.27
CA LEU B 63 -8.21 -12.05 -14.57
C LEU B 63 -8.91 -11.20 -13.52
N TYR B 64 -8.15 -10.66 -12.56
CA TYR B 64 -8.76 -9.90 -11.49
C TYR B 64 -9.40 -8.62 -12.02
N ASP B 65 -8.62 -7.76 -12.66
CA ASP B 65 -9.15 -6.48 -13.09
C ASP B 65 -8.31 -5.99 -14.27
N LEU B 66 -8.79 -4.95 -14.95
CA LEU B 66 -8.10 -4.28 -16.05
C LEU B 66 -8.11 -2.79 -15.73
N ASP B 67 -7.03 -2.32 -15.11
CA ASP B 67 -6.97 -0.96 -14.58
C ASP B 67 -6.67 0.00 -15.73
N PHE B 68 -7.64 0.87 -16.03
CA PHE B 68 -7.48 1.80 -17.14
C PHE B 68 -6.54 2.95 -16.80
N VAL B 69 -6.70 3.54 -15.62
CA VAL B 69 -5.99 4.78 -15.33
C VAL B 69 -4.49 4.52 -15.17
N ASN B 70 -4.13 3.40 -14.57
CA ASN B 70 -2.72 3.04 -14.40
C ASN B 70 -2.16 2.23 -15.57
N ASN B 71 -2.98 1.86 -16.55
CA ASN B 71 -2.53 1.11 -17.72
C ASN B 71 -1.95 -0.24 -17.33
N PHE B 72 -2.49 -0.86 -16.28
CA PHE B 72 -2.07 -2.16 -15.80
C PHE B 72 -3.24 -3.14 -15.90
N ILE B 73 -2.93 -4.44 -15.90
CA ILE B 73 -3.94 -5.47 -15.74
C ILE B 73 -3.45 -6.46 -14.69
N MET B 74 -4.32 -6.79 -13.73
CA MET B 74 -3.98 -7.67 -12.63
C MET B 74 -4.59 -9.04 -12.89
N ALA B 75 -3.76 -10.07 -12.86
CA ALA B 75 -4.22 -11.43 -13.07
C ALA B 75 -3.31 -12.36 -12.30
N ARG B 76 -3.76 -13.60 -12.17
CA ARG B 76 -3.04 -14.64 -11.47
C ARG B 76 -2.83 -15.79 -12.44
N TYR B 77 -1.61 -16.32 -12.49
CA TYR B 77 -1.20 -17.29 -13.49
C TYR B 77 -0.58 -18.49 -12.78
N TYR B 78 -0.33 -19.53 -13.57
CA TYR B 78 0.33 -20.74 -13.10
C TYR B 78 1.51 -20.99 -14.03
N LEU B 79 2.70 -20.51 -13.67
CA LEU B 79 3.89 -20.63 -14.49
C LEU B 79 4.62 -21.94 -14.23
N GLY B 80 4.75 -22.76 -15.27
CA GLY B 80 5.51 -24.00 -15.21
C GLY B 80 6.73 -24.02 -16.10
N LEU B 81 7.90 -24.28 -15.53
CA LEU B 81 9.16 -24.37 -16.26
C LEU B 81 9.62 -25.81 -16.30
N ILE B 82 10.04 -26.28 -17.46
CA ILE B 82 10.50 -27.65 -17.66
C ILE B 82 11.85 -27.60 -18.37
N TRP B 83 12.83 -28.33 -17.86
CA TRP B 83 14.12 -28.47 -18.50
C TRP B 83 14.73 -29.80 -18.08
N ILE B 84 15.95 -30.05 -18.53
CA ILE B 84 16.62 -31.34 -18.36
C ILE B 84 17.97 -31.12 -17.69
N ASP B 85 18.23 -31.88 -16.63
CA ASP B 85 19.50 -31.88 -15.93
C ASP B 85 20.24 -33.19 -16.23
N GLU B 86 21.50 -33.08 -16.62
CA GLU B 86 22.29 -34.26 -16.96
C GLU B 86 23.13 -34.79 -15.81
N LYS B 87 23.22 -34.08 -14.70
CA LYS B 87 23.91 -34.56 -13.50
C LYS B 87 22.99 -35.21 -12.49
N LEU B 88 21.69 -35.27 -12.78
CA LEU B 88 20.71 -35.75 -11.82
C LEU B 88 19.89 -36.89 -12.43
N THR B 89 20.57 -37.91 -12.93
CA THR B 89 19.95 -39.07 -13.55
C THR B 89 20.48 -40.32 -12.88
N TRP B 90 19.61 -41.31 -12.71
CA TRP B 90 20.00 -42.55 -12.06
C TRP B 90 19.26 -43.70 -12.71
N ASN B 91 19.72 -44.91 -12.41
CA ASN B 91 19.07 -46.13 -12.88
C ASN B 91 18.11 -46.60 -11.80
N PRO B 92 16.79 -46.58 -12.03
CA PRO B 92 15.87 -46.92 -10.94
C PRO B 92 16.00 -48.34 -10.43
N LEU B 93 16.56 -49.26 -11.22
CA LEU B 93 16.71 -50.63 -10.75
C LEU B 93 17.72 -50.79 -9.64
N ASP B 94 18.53 -49.77 -9.35
CA ASP B 94 19.52 -49.83 -8.30
C ASP B 94 19.05 -49.20 -6.99
N TYR B 95 17.83 -48.69 -6.94
CA TYR B 95 17.28 -48.06 -5.76
C TYR B 95 15.87 -48.57 -5.48
N ASN B 96 15.59 -49.81 -5.84
CA ASN B 96 14.28 -50.43 -5.60
C ASN B 96 13.18 -49.69 -6.35
N ASN B 97 13.51 -49.22 -7.56
CA ASN B 97 12.52 -48.70 -8.50
C ASN B 97 12.01 -47.32 -8.15
N ILE B 98 12.80 -46.51 -7.44
CA ILE B 98 12.44 -45.11 -7.26
C ILE B 98 12.55 -44.42 -8.60
N THR B 99 11.47 -43.73 -9.01
CA THR B 99 11.40 -43.09 -10.32
C THR B 99 11.30 -41.57 -10.25
N SER B 100 10.99 -40.99 -9.10
CA SER B 100 10.99 -39.54 -9.00
C SER B 100 11.14 -39.15 -7.54
N ILE B 101 11.78 -38.00 -7.31
CA ILE B 101 11.95 -37.44 -5.97
C ILE B 101 11.56 -35.97 -6.00
N TYR B 102 11.46 -35.39 -4.81
CA TYR B 102 11.15 -33.98 -4.61
C TYR B 102 12.32 -33.34 -3.89
N LEU B 103 12.89 -32.30 -4.48
CA LEU B 103 14.05 -31.60 -3.94
C LEU B 103 13.68 -30.17 -3.57
N PRO B 104 14.34 -29.57 -2.58
CA PRO B 104 14.12 -28.16 -2.33
C PRO B 104 14.61 -27.33 -3.51
N LYS B 105 13.85 -26.28 -3.83
CA LYS B 105 14.13 -25.49 -5.02
C LYS B 105 15.50 -24.82 -4.97
N ASP B 106 16.02 -24.55 -3.78
CA ASP B 106 17.25 -23.78 -3.63
C ASP B 106 18.50 -24.63 -3.56
N LYS B 107 18.40 -25.95 -3.75
CA LYS B 107 19.56 -26.83 -3.78
C LYS B 107 20.03 -27.16 -5.19
N ILE B 108 19.28 -26.78 -6.22
CA ILE B 108 19.52 -27.24 -7.59
C ILE B 108 19.61 -26.01 -8.48
N TRP B 109 20.30 -26.16 -9.60
CA TRP B 109 20.32 -25.09 -10.59
C TRP B 109 18.93 -24.90 -11.17
N THR B 110 18.55 -23.63 -11.36
CA THR B 110 17.22 -23.26 -11.81
C THR B 110 17.38 -22.16 -12.86
N PRO B 111 16.69 -22.23 -13.99
CA PRO B 111 16.87 -21.19 -15.00
C PRO B 111 16.38 -19.85 -14.47
N PRO B 112 17.06 -18.74 -14.80
CA PRO B 112 16.63 -17.45 -14.25
C PRO B 112 15.60 -16.75 -15.12
N ILE B 113 14.42 -17.36 -15.23
CA ILE B 113 13.35 -16.84 -16.07
C ILE B 113 12.63 -15.75 -15.29
N LYS B 114 12.74 -14.51 -15.75
CA LYS B 114 12.13 -13.35 -15.13
C LYS B 114 10.97 -12.86 -15.99
N MET B 115 9.94 -12.35 -15.33
CA MET B 115 8.81 -11.72 -16.01
C MET B 115 9.17 -10.25 -16.16
N CYS B 116 9.79 -9.90 -17.28
CA CYS B 116 10.41 -8.61 -17.46
C CYS B 116 9.49 -7.59 -18.12
N ASN B 117 8.19 -7.74 -17.95
CA ASN B 117 7.22 -6.74 -18.34
C ASN B 117 6.22 -6.48 -17.22
N SER B 118 6.39 -7.11 -16.07
CA SER B 118 5.37 -7.18 -15.04
C SER B 118 5.95 -6.81 -13.69
N MET B 119 5.06 -6.37 -12.80
CA MET B 119 5.39 -6.11 -11.41
C MET B 119 4.94 -7.33 -10.61
N ASP B 120 5.88 -8.13 -10.15
CA ASP B 120 5.58 -9.40 -9.51
C ASP B 120 5.18 -9.15 -8.06
N LYS B 121 3.88 -9.16 -7.79
CA LYS B 121 3.35 -8.98 -6.44
C LYS B 121 2.98 -10.29 -5.78
N SER B 122 3.71 -11.37 -6.07
CA SER B 122 3.42 -12.63 -5.41
C SER B 122 3.85 -12.58 -3.95
N GLU B 123 3.30 -13.50 -3.16
CA GLU B 123 3.60 -13.58 -1.74
C GLU B 123 4.66 -14.62 -1.40
N GLU B 124 5.23 -15.28 -2.40
CA GLU B 124 6.34 -16.20 -2.23
C GLU B 124 7.53 -15.72 -3.05
N ASN B 125 8.70 -16.24 -2.70
CA ASN B 125 9.94 -15.87 -3.35
C ASN B 125 10.32 -16.95 -4.36
N ASP B 126 11.28 -16.62 -5.23
CA ASP B 126 11.70 -17.52 -6.29
C ASP B 126 12.78 -18.50 -5.84
N GLY B 127 12.89 -18.76 -4.54
CA GLY B 127 13.84 -19.71 -4.01
C GLY B 127 13.29 -20.51 -2.84
N VAL B 128 11.96 -20.58 -2.73
CA VAL B 128 11.28 -21.35 -1.70
C VAL B 128 10.19 -22.16 -2.38
N GLY B 129 10.11 -23.44 -2.07
CA GLY B 129 9.21 -24.36 -2.70
C GLY B 129 9.94 -25.65 -3.01
N GLU B 130 9.41 -26.38 -3.99
CA GLU B 130 9.96 -27.68 -4.37
C GLU B 130 9.82 -27.87 -5.86
N LEU B 131 10.57 -28.83 -6.38
CA LEU B 131 10.55 -29.19 -7.78
C LEU B 131 10.64 -30.70 -7.89
N MET B 132 10.00 -31.25 -8.90
CA MET B 132 9.97 -32.70 -9.12
C MET B 132 11.06 -33.07 -10.11
N LEU B 133 11.86 -34.08 -9.75
CA LEU B 133 12.94 -34.58 -10.58
C LEU B 133 12.62 -36.02 -10.95
N THR B 134 12.82 -36.36 -12.21
CA THR B 134 12.57 -37.69 -12.75
C THR B 134 13.89 -38.38 -13.03
N TYR B 135 13.86 -39.71 -13.07
CA TYR B 135 15.10 -40.47 -13.22
C TYR B 135 15.78 -40.22 -14.55
N THR B 136 15.08 -39.67 -15.54
CA THR B 136 15.70 -39.32 -16.80
C THR B 136 16.37 -37.96 -16.77
N GLY B 137 16.21 -37.20 -15.69
CA GLY B 137 16.78 -35.87 -15.57
C GLY B 137 15.80 -34.74 -15.77
N TRP B 138 14.57 -35.04 -16.18
CA TRP B 138 13.61 -33.97 -16.49
C TRP B 138 13.06 -33.38 -15.20
N ILE B 139 13.09 -32.06 -15.10
CA ILE B 139 12.67 -31.34 -13.91
C ILE B 139 11.41 -30.55 -14.24
N ASN B 140 10.39 -30.68 -13.39
CA ASN B 140 9.18 -29.87 -13.44
C ASN B 140 9.17 -28.93 -12.25
N MET B 141 8.90 -27.65 -12.50
CA MET B 141 8.89 -26.64 -11.44
C MET B 141 7.71 -25.72 -11.70
N TRP B 142 6.69 -25.81 -10.86
CA TRP B 142 5.45 -25.06 -11.01
C TRP B 142 5.28 -24.05 -9.88
N SER B 143 4.65 -22.91 -10.18
CA SER B 143 4.56 -21.84 -9.21
C SER B 143 3.34 -20.96 -9.50
N PHE B 144 2.94 -20.21 -8.48
CA PHE B 144 1.90 -19.20 -8.57
C PHE B 144 2.54 -17.82 -8.68
N ARG B 145 2.11 -17.04 -9.67
CA ARG B 145 2.57 -15.68 -9.83
C ARG B 145 1.36 -14.77 -10.01
N LEU B 146 1.25 -13.75 -9.16
CA LEU B 146 0.31 -12.66 -9.33
C LEU B 146 1.04 -11.49 -9.95
N LEU B 147 0.61 -11.08 -11.14
CA LEU B 147 1.34 -10.11 -11.94
C LEU B 147 0.49 -8.89 -12.22
N HIS B 148 1.12 -7.71 -12.15
CA HIS B 148 0.55 -6.44 -12.59
C HIS B 148 1.33 -6.08 -13.86
N THR B 149 0.80 -6.46 -15.02
CA THR B 149 1.56 -6.37 -16.26
C THR B 149 1.11 -5.16 -17.07
N TYR B 150 2.09 -4.40 -17.55
CA TYR B 150 1.82 -3.14 -18.22
C TYR B 150 1.18 -3.37 -19.58
N CYS B 151 0.14 -2.59 -19.87
CA CYS B 151 -0.58 -2.66 -21.14
C CYS B 151 -0.84 -1.26 -21.65
N GLN B 152 -0.64 -1.06 -22.95
CA GLN B 152 -1.00 0.18 -23.61
C GLN B 152 -2.45 0.08 -24.04
N ILE B 153 -3.33 0.79 -23.35
CA ILE B 153 -4.77 0.63 -23.47
C ILE B 153 -5.30 1.66 -24.46
N ASN B 154 -5.92 1.18 -25.53
CA ASN B 154 -6.52 2.02 -26.56
C ASN B 154 -8.02 2.11 -26.28
N ALA B 155 -8.45 3.25 -25.73
CA ALA B 155 -9.84 3.48 -25.35
C ALA B 155 -10.61 4.20 -26.46
N TYR B 156 -10.15 4.08 -27.70
CA TYR B 156 -10.77 4.79 -28.83
C TYR B 156 -12.26 4.44 -28.95
N THR B 157 -12.59 3.16 -28.98
CA THR B 157 -13.94 2.70 -29.29
C THR B 157 -14.73 2.39 -28.02
N TYR B 158 -14.54 3.17 -26.97
CA TYR B 158 -15.27 2.91 -25.74
C TYR B 158 -16.76 3.10 -25.99
N PRO B 159 -17.64 2.27 -25.39
CA PRO B 159 -17.42 1.08 -24.55
C PRO B 159 -17.39 -0.22 -25.36
N PHE B 160 -17.32 -0.15 -26.68
CA PHE B 160 -17.14 -1.33 -27.53
C PHE B 160 -15.67 -1.55 -27.86
N ASP B 161 -14.82 -1.57 -26.84
CA ASP B 161 -13.38 -1.48 -27.02
C ASP B 161 -12.72 -2.84 -26.89
N GLU B 162 -11.60 -3.00 -27.59
CA GLU B 162 -10.79 -4.21 -27.55
C GLU B 162 -9.36 -3.82 -27.22
N HIS B 163 -8.66 -4.68 -26.50
CA HIS B 163 -7.29 -4.43 -26.08
C HIS B 163 -6.44 -5.66 -26.28
N THR B 164 -5.13 -5.44 -26.43
CA THR B 164 -4.14 -6.50 -26.57
C THR B 164 -3.01 -6.26 -25.58
N CYS B 165 -2.84 -7.20 -24.65
CA CYS B 165 -1.80 -7.12 -23.62
C CYS B 165 -0.86 -8.31 -23.78
N GLU B 166 0.44 -8.03 -23.80
CA GLU B 166 1.49 -9.03 -24.00
C GLU B 166 2.24 -9.24 -22.69
N ILE B 167 2.29 -10.49 -22.24
CA ILE B 167 3.04 -10.88 -21.04
C ILE B 167 4.35 -11.49 -21.49
N TYR B 168 5.47 -10.92 -21.04
CA TYR B 168 6.80 -11.29 -21.50
C TYR B 168 7.48 -12.20 -20.50
N LEU B 169 8.19 -13.20 -21.02
CA LEU B 169 9.16 -13.98 -20.27
C LEU B 169 10.52 -13.81 -20.95
N CYS B 170 11.57 -13.69 -20.15
CA CYS B 170 12.90 -13.47 -20.71
C CYS B 170 13.97 -13.99 -19.75
N VAL B 171 14.95 -14.71 -20.30
CA VAL B 171 16.10 -15.12 -19.52
C VAL B 171 16.81 -13.91 -18.95
N ALA B 172 17.27 -14.03 -17.71
CA ALA B 172 17.77 -12.86 -16.98
C ALA B 172 19.11 -12.38 -17.51
N LEU B 173 20.13 -13.22 -17.41
CA LEU B 173 21.51 -12.81 -17.69
C LEU B 173 22.24 -13.72 -18.65
N HIS B 174 21.74 -14.91 -18.95
CA HIS B 174 22.47 -15.84 -19.78
C HIS B 174 22.22 -15.54 -21.23
N THR B 175 23.24 -15.69 -22.06
CA THR B 175 23.10 -15.49 -23.49
C THR B 175 22.47 -16.72 -24.13
N ILE B 176 22.02 -16.54 -25.37
CA ILE B 176 21.42 -17.65 -26.11
C ILE B 176 22.37 -18.81 -26.34
N ASN B 177 23.68 -18.61 -26.13
CA ASN B 177 24.62 -19.72 -26.18
C ASN B 177 24.65 -20.53 -24.89
N HIS B 178 23.99 -20.06 -23.83
CA HIS B 178 23.97 -20.76 -22.55
C HIS B 178 22.58 -21.23 -22.16
N THR B 179 21.59 -20.33 -22.10
CA THR B 179 20.24 -20.68 -21.70
C THR B 179 19.25 -20.10 -22.71
N ARG B 180 18.25 -20.88 -23.05
CA ARG B 180 17.30 -20.53 -24.10
C ARG B 180 15.88 -20.89 -23.64
N ILE B 181 14.92 -20.08 -24.06
CA ILE B 181 13.50 -20.41 -23.89
C ILE B 181 13.08 -21.11 -25.18
N LYS B 182 12.98 -22.44 -25.11
CA LYS B 182 12.68 -23.22 -26.30
C LYS B 182 11.30 -22.89 -26.85
N GLU B 183 10.32 -22.71 -25.97
CA GLU B 183 8.94 -22.67 -26.40
C GLU B 183 8.11 -22.12 -25.25
N LEU B 184 6.96 -21.55 -25.59
CA LEU B 184 6.03 -21.01 -24.61
C LEU B 184 4.63 -21.45 -25.00
N ILE B 185 3.97 -22.18 -24.10
CA ILE B 185 2.61 -22.67 -24.31
C ILE B 185 1.71 -21.91 -23.35
N TYR B 186 0.80 -21.10 -23.87
CA TYR B 186 -0.11 -20.33 -23.06
C TYR B 186 -1.53 -20.79 -23.31
N GLU B 187 -2.31 -20.92 -22.24
CA GLU B 187 -3.69 -21.36 -22.31
C GLU B 187 -4.48 -20.62 -21.24
N ASP B 188 -5.79 -20.83 -21.26
CA ASP B 188 -6.70 -20.29 -20.26
C ASP B 188 -7.28 -21.45 -19.46
N SER B 189 -7.15 -21.39 -18.14
CA SER B 189 -7.57 -22.50 -17.31
C SER B 189 -9.06 -22.55 -17.09
N LYS B 190 -9.80 -21.49 -17.45
CA LYS B 190 -11.26 -21.47 -17.33
C LYS B 190 -11.71 -21.72 -15.91
N PHE B 191 -10.88 -21.37 -14.93
CA PHE B 191 -11.21 -21.67 -13.54
C PHE B 191 -12.45 -20.91 -13.11
N THR B 192 -12.57 -19.65 -13.52
CA THR B 192 -13.75 -18.85 -13.27
C THR B 192 -14.12 -18.09 -14.55
N GLN B 193 -15.39 -17.72 -14.63
CA GLN B 193 -15.89 -16.83 -15.68
C GLN B 193 -15.91 -15.41 -15.18
N ASN B 194 -15.68 -14.47 -16.10
CA ASN B 194 -15.42 -13.08 -15.74
C ASN B 194 -16.70 -12.24 -15.69
N TYR B 195 -17.46 -12.22 -16.78
CA TYR B 195 -18.68 -11.42 -16.97
C TYR B 195 -18.39 -9.97 -17.28
N LYS B 196 -17.15 -9.59 -17.48
CA LYS B 196 -16.75 -8.21 -17.77
C LYS B 196 -15.92 -8.11 -19.02
N TRP B 197 -15.07 -9.11 -19.29
CA TRP B 197 -14.18 -9.11 -20.44
C TRP B 197 -14.22 -10.48 -21.09
N ASP B 198 -14.23 -10.50 -22.41
CA ASP B 198 -14.09 -11.73 -23.18
C ASP B 198 -12.60 -11.98 -23.38
N ILE B 199 -12.07 -12.99 -22.71
CA ILE B 199 -10.64 -13.29 -22.73
C ILE B 199 -10.38 -14.33 -23.79
N ASN B 200 -9.28 -14.18 -24.53
CA ASN B 200 -8.89 -15.12 -25.59
C ASN B 200 -7.37 -15.26 -25.52
N VAL B 201 -6.90 -16.20 -24.71
CA VAL B 201 -5.48 -16.50 -24.56
C VAL B 201 -5.27 -17.98 -24.84
N SER B 202 -4.65 -18.29 -25.98
CA SER B 202 -4.40 -19.67 -26.35
C SER B 202 -3.45 -19.73 -27.54
N GLY B 203 -2.39 -20.52 -27.45
CA GLY B 203 -1.45 -20.60 -28.54
C GLY B 203 -0.18 -21.31 -28.11
N LYS B 204 0.82 -21.23 -28.99
CA LYS B 204 2.10 -21.89 -28.78
C LYS B 204 3.11 -21.17 -29.67
N VAL B 205 4.07 -20.48 -29.07
CA VAL B 205 5.02 -19.65 -29.79
C VAL B 205 6.44 -20.07 -29.42
N ASN B 206 7.30 -20.14 -30.43
CA ASN B 206 8.71 -20.37 -30.20
C ASN B 206 9.35 -19.15 -29.55
N GLY B 207 10.45 -19.38 -28.86
CA GLY B 207 11.19 -18.28 -28.27
C GLY B 207 11.96 -17.49 -29.31
N THR B 208 12.22 -16.23 -28.99
CA THR B 208 12.95 -15.32 -29.87
C THR B 208 14.38 -15.23 -29.36
N ASP B 209 15.35 -15.52 -30.25
CA ASP B 209 16.76 -15.57 -29.90
C ASP B 209 17.47 -14.39 -30.55
N GLU B 210 17.50 -13.26 -29.86
CA GLU B 210 18.26 -12.09 -30.27
C GLU B 210 19.04 -11.64 -29.03
N LEU B 211 20.24 -12.18 -28.89
CA LEU B 211 21.14 -11.91 -27.77
C LEU B 211 20.68 -12.67 -26.53
N PHE B 212 19.56 -12.26 -25.93
N PHE B 212 19.56 -12.25 -25.95
CA PHE B 212 18.99 -12.96 -24.79
CA PHE B 212 18.93 -12.90 -24.80
C PHE B 212 17.60 -13.44 -25.15
C PHE B 212 17.59 -13.48 -25.23
N SER B 213 17.33 -14.71 -24.83
CA SER B 213 16.08 -15.35 -25.22
C SER B 213 14.89 -14.75 -24.49
N TYR B 214 13.76 -14.65 -25.19
CA TYR B 214 12.53 -14.17 -24.59
C TYR B 214 11.35 -14.60 -25.47
N ALA B 215 10.15 -14.42 -24.93
CA ALA B 215 8.92 -14.74 -25.65
C ALA B 215 7.78 -14.01 -24.95
N PHE B 216 6.63 -13.94 -25.62
CA PHE B 216 5.47 -13.29 -25.01
C PHE B 216 4.18 -13.94 -25.49
N ALA B 217 3.20 -13.99 -24.57
CA ALA B 217 1.88 -14.52 -24.84
C ALA B 217 0.91 -13.36 -25.06
N PRO B 218 0.20 -13.25 -26.20
CA PRO B 218 -0.76 -12.15 -26.36
C PRO B 218 -2.12 -12.47 -25.75
N MET B 219 -2.62 -11.55 -24.93
CA MET B 219 -3.98 -11.61 -24.39
C MET B 219 -4.86 -10.60 -25.10
N TYR B 220 -5.91 -11.08 -25.74
CA TYR B 220 -6.91 -10.22 -26.37
C TYR B 220 -8.12 -10.12 -25.45
N LEU B 221 -8.58 -8.89 -25.21
CA LEU B 221 -9.65 -8.61 -24.25
C LEU B 221 -10.68 -7.72 -24.91
N ARG B 222 -11.93 -8.19 -24.97
CA ARG B 222 -13.06 -7.43 -25.48
C ARG B 222 -14.06 -7.24 -24.36
N ARG B 223 -14.42 -5.99 -24.06
CA ARG B 223 -15.38 -5.73 -23.00
C ARG B 223 -16.73 -6.32 -23.37
N LYS B 224 -17.33 -7.04 -22.42
CA LYS B 224 -18.60 -7.69 -22.67
C LYS B 224 -19.73 -6.68 -22.57
N LEU B 225 -20.79 -6.95 -23.33
CA LEU B 225 -21.91 -6.01 -23.48
C LEU B 225 -23.02 -6.36 -22.49
N THR B 226 -22.71 -6.14 -21.22
CA THR B 226 -23.74 -6.24 -20.18
C THR B 226 -24.72 -5.09 -20.32
N VAL B 227 -25.95 -5.31 -19.86
CA VAL B 227 -26.98 -4.28 -19.98
C VAL B 227 -26.79 -3.15 -18.97
N GLY B 228 -25.87 -3.29 -18.02
CA GLY B 228 -25.60 -2.19 -17.12
C GLY B 228 -25.06 -0.96 -17.83
N ILE B 229 -24.12 -1.17 -18.77
CA ILE B 229 -23.62 -0.03 -19.53
C ILE B 229 -24.70 0.53 -20.44
N ILE B 230 -25.61 -0.30 -20.96
CA ILE B 230 -26.72 0.23 -21.74
C ILE B 230 -27.58 1.15 -20.87
N ALA B 231 -27.84 0.72 -19.63
CA ALA B 231 -28.58 1.56 -18.70
C ALA B 231 -27.85 2.86 -18.44
N MET B 232 -26.52 2.80 -18.32
CA MET B 232 -25.73 4.02 -18.19
C MET B 232 -25.86 4.88 -19.44
N LEU B 233 -25.98 4.28 -20.63
CA LEU B 233 -26.10 5.05 -21.86
C LEU B 233 -27.41 5.80 -21.95
N ILE B 234 -28.51 5.20 -21.48
CA ILE B 234 -29.86 5.77 -21.53
C ILE B 234 -29.91 7.26 -21.19
N PRO B 235 -29.38 7.70 -20.04
CA PRO B 235 -29.41 9.16 -19.76
C PRO B 235 -28.73 9.99 -20.83
N THR B 236 -27.65 9.49 -21.41
CA THR B 236 -26.95 10.25 -22.44
C THR B 236 -27.83 10.46 -23.65
N VAL B 237 -28.46 9.39 -24.16
CA VAL B 237 -29.25 9.51 -25.39
C VAL B 237 -30.46 10.40 -25.16
N MET B 238 -31.13 10.26 -24.01
CA MET B 238 -32.25 11.15 -23.76
C MET B 238 -31.78 12.60 -23.61
N MET B 239 -30.56 12.81 -23.09
CA MET B 239 -30.01 14.14 -23.06
C MET B 239 -29.76 14.66 -24.48
N THR B 240 -29.41 13.78 -25.41
CA THR B 240 -29.32 14.19 -26.81
C THR B 240 -30.66 14.69 -27.30
N ILE B 241 -31.73 13.98 -26.96
CA ILE B 241 -33.07 14.40 -27.37
C ILE B 241 -33.39 15.78 -26.78
N LEU B 242 -33.07 15.96 -25.49
CA LEU B 242 -33.38 17.22 -24.82
C LEU B 242 -32.57 18.39 -25.39
N THR B 243 -31.27 18.18 -25.67
CA THR B 243 -30.49 19.27 -26.25
C THR B 243 -30.96 19.62 -27.66
N ILE B 244 -31.32 18.62 -28.48
CA ILE B 244 -31.81 18.97 -29.81
C ILE B 244 -33.11 19.77 -29.69
N PHE B 245 -33.96 19.37 -28.73
CA PHE B 245 -35.26 20.05 -28.48
C PHE B 245 -35.01 21.52 -28.14
N VAL B 246 -34.12 21.78 -27.18
CA VAL B 246 -33.90 23.16 -26.74
C VAL B 246 -33.21 23.96 -27.83
N PHE B 247 -32.31 23.34 -28.59
CA PHE B 247 -31.65 24.07 -29.67
C PHE B 247 -32.58 24.35 -30.85
N LEU B 248 -33.65 23.56 -31.00
CA LEU B 248 -34.70 23.81 -31.98
C LEU B 248 -35.99 24.26 -31.30
N LEU B 249 -35.84 25.03 -30.22
CA LEU B 249 -36.95 25.67 -29.55
C LEU B 249 -37.29 26.97 -30.28
N PRO B 250 -38.52 27.47 -30.18
CA PRO B 250 -38.82 28.76 -30.82
C PRO B 250 -38.03 29.89 -30.18
N PRO B 251 -37.63 30.91 -30.95
CA PRO B 251 -36.79 31.97 -30.37
C PRO B 251 -37.40 32.70 -29.19
N GLU B 252 -38.72 32.78 -29.12
CA GLU B 252 -39.43 33.53 -28.08
C GLU B 252 -40.35 32.62 -27.27
N SER B 253 -39.86 31.43 -26.93
CA SER B 253 -40.64 30.53 -26.09
C SER B 253 -40.85 31.12 -24.70
N GLY B 254 -39.85 31.81 -24.17
CA GLY B 254 -39.89 32.39 -22.84
C GLY B 254 -39.20 31.59 -21.76
N GLU B 255 -38.50 30.50 -22.13
CA GLU B 255 -37.69 29.74 -21.19
C GLU B 255 -36.39 29.26 -21.84
N LYS B 256 -36.04 29.79 -23.02
CA LYS B 256 -34.91 29.28 -23.77
C LYS B 256 -33.60 29.46 -23.01
N VAL B 257 -33.38 30.66 -22.46
CA VAL B 257 -32.12 30.96 -21.81
C VAL B 257 -31.91 30.06 -20.59
N SER B 258 -32.90 30.01 -19.70
CA SER B 258 -32.75 29.21 -18.48
C SER B 258 -32.64 27.73 -18.81
N LEU B 259 -33.47 27.23 -19.73
CA LEU B 259 -33.42 25.82 -20.09
C LEU B 259 -32.06 25.46 -20.68
N ALA B 260 -31.59 26.24 -21.66
CA ALA B 260 -30.30 25.96 -22.28
C ALA B 260 -29.16 26.07 -21.28
N THR B 261 -29.25 27.02 -20.35
CA THR B 261 -28.22 27.16 -19.33
C THR B 261 -28.13 25.91 -18.46
N THR B 262 -29.28 25.43 -17.99
CA THR B 262 -29.26 24.24 -17.14
C THR B 262 -28.75 23.02 -17.93
N ILE B 263 -29.16 22.90 -19.19
CA ILE B 263 -28.68 21.81 -20.02
C ILE B 263 -27.17 21.89 -20.16
N PHE B 264 -26.63 23.10 -20.35
CA PHE B 264 -25.19 23.27 -20.45
C PHE B 264 -24.49 22.88 -19.16
N LEU B 265 -25.08 23.22 -18.01
CA LEU B 265 -24.49 22.83 -16.74
C LEU B 265 -24.41 21.32 -16.62
N SER B 266 -25.50 20.63 -16.95
CA SER B 266 -25.51 19.17 -16.86
C SER B 266 -24.51 18.58 -17.86
N ASN B 267 -24.40 19.18 -19.04
CA ASN B 267 -23.47 18.72 -20.05
C ASN B 267 -22.03 18.82 -19.56
N VAL B 268 -21.70 19.95 -18.92
CA VAL B 268 -20.36 20.13 -18.37
C VAL B 268 -20.10 19.11 -17.28
N LEU B 269 -21.11 18.84 -16.44
CA LEU B 269 -20.94 17.84 -15.38
C LEU B 269 -20.64 16.47 -15.98
N TYR B 270 -21.37 16.08 -17.02
CA TYR B 270 -21.11 14.79 -17.65
C TYR B 270 -19.72 14.75 -18.28
N LEU B 271 -19.34 15.84 -18.97
CA LEU B 271 -18.04 15.86 -19.63
C LEU B 271 -16.91 15.77 -18.60
N VAL B 272 -17.09 16.36 -17.43
CA VAL B 272 -16.09 16.25 -16.38
C VAL B 272 -16.08 14.84 -15.81
N GLN B 273 -17.26 14.25 -15.58
CA GLN B 273 -17.31 12.96 -14.89
C GLN B 273 -16.76 11.83 -15.75
N ILE B 274 -16.95 11.90 -17.07
CA ILE B 274 -16.46 10.81 -17.92
C ILE B 274 -14.94 10.71 -17.87
N ASP B 275 -14.25 11.84 -17.65
CA ASP B 275 -12.79 11.84 -17.68
C ASP B 275 -12.20 10.95 -16.60
N LYS B 276 -12.81 10.93 -15.41
CA LYS B 276 -12.21 10.25 -14.27
C LYS B 276 -12.12 8.73 -14.45
N THR B 277 -12.87 8.16 -15.38
CA THR B 277 -12.84 6.72 -15.64
C THR B 277 -12.01 6.38 -16.87
N THR B 278 -12.07 7.24 -17.88
CA THR B 278 -11.35 7.05 -19.12
C THR B 278 -9.85 7.31 -18.94
N PRO B 279 -8.99 6.66 -19.73
CA PRO B 279 -7.55 6.88 -19.62
C PRO B 279 -7.06 8.08 -20.42
N THR B 280 -5.94 8.63 -19.97
CA THR B 280 -5.28 9.75 -20.64
C THR B 280 -4.12 9.32 -21.53
N ASN B 281 -3.76 8.04 -21.57
CA ASN B 281 -2.64 7.52 -22.35
C ASN B 281 -3.19 6.61 -23.42
N THR B 282 -3.57 7.19 -24.56
CA THR B 282 -4.16 6.45 -25.66
C THR B 282 -3.63 6.99 -26.98
N LYS B 283 -3.61 6.12 -28.00
CA LYS B 283 -3.25 6.59 -29.33
C LYS B 283 -4.22 7.66 -29.81
N TYR B 284 -5.51 7.46 -29.59
CA TYR B 284 -6.56 8.41 -29.92
C TYR B 284 -7.48 8.56 -28.71
N PRO B 285 -8.13 9.71 -28.52
CA PRO B 285 -9.16 9.80 -27.49
C PRO B 285 -10.41 9.08 -27.95
N SER B 286 -11.32 8.86 -27.01
CA SER B 286 -12.53 8.11 -27.32
C SER B 286 -13.51 8.95 -28.14
N LEU B 287 -14.15 8.27 -29.10
CA LEU B 287 -15.23 8.88 -29.84
C LEU B 287 -16.27 9.46 -28.91
N LEU B 288 -16.49 8.83 -27.75
CA LEU B 288 -17.42 9.40 -26.77
C LEU B 288 -16.93 10.76 -26.28
N MET B 289 -15.62 10.91 -26.02
CA MET B 289 -15.08 12.24 -25.73
C MET B 289 -15.43 13.24 -26.82
N LEU B 290 -15.10 12.90 -28.06
CA LEU B 290 -15.28 13.88 -29.13
C LEU B 290 -16.76 14.18 -29.35
N TYR B 291 -17.61 13.19 -29.14
CA TYR B 291 -19.04 13.36 -29.36
C TYR B 291 -19.66 14.21 -28.26
N LEU B 292 -19.26 13.99 -27.01
CA LEU B 292 -19.77 14.83 -25.95
C LEU B 292 -19.21 16.25 -26.03
N MET B 293 -18.02 16.41 -26.61
CA MET B 293 -17.52 17.76 -26.82
C MET B 293 -18.36 18.46 -27.87
N LEU B 294 -18.73 17.74 -28.95
CA LEU B 294 -19.62 18.33 -29.95
C LEU B 294 -20.97 18.69 -29.34
N LEU B 295 -21.53 17.81 -28.51
CA LEU B 295 -22.83 18.09 -27.90
C LEU B 295 -22.76 19.30 -26.97
N SER B 296 -21.70 19.40 -26.17
CA SER B 296 -21.53 20.56 -25.30
C SER B 296 -21.36 21.83 -26.11
N MET B 297 -20.60 21.75 -27.21
CA MET B 297 -20.42 22.92 -28.08
C MET B 297 -21.75 23.36 -28.67
N LEU B 298 -22.59 22.42 -29.08
CA LEU B 298 -23.90 22.77 -29.61
C LEU B 298 -24.75 23.43 -28.54
N SER B 299 -24.68 22.93 -27.30
CA SER B 299 -25.42 23.57 -26.22
C SER B 299 -24.93 24.99 -25.98
N GLY B 300 -23.62 25.19 -26.02
CA GLY B 300 -23.08 26.54 -25.86
C GLY B 300 -23.52 27.48 -26.96
N ILE B 301 -23.53 27.01 -28.20
CA ILE B 301 -23.98 27.84 -29.31
C ILE B 301 -25.46 28.16 -29.17
N ALA B 302 -26.24 27.19 -28.66
CA ALA B 302 -27.65 27.45 -28.42
C ALA B 302 -27.83 28.54 -27.36
N THR B 303 -27.02 28.50 -26.30
CA THR B 303 -27.12 29.53 -25.27
C THR B 303 -26.75 30.89 -25.84
N LEU B 304 -25.70 30.94 -26.66
CA LEU B 304 -25.31 32.20 -27.29
C LEU B 304 -26.41 32.74 -28.19
N GLY B 305 -27.01 31.87 -29.00
CA GLY B 305 -28.12 32.31 -29.84
C GLY B 305 -29.29 32.82 -29.02
N SER B 306 -29.59 32.15 -27.91
CA SER B 306 -30.66 32.61 -27.03
C SER B 306 -30.35 34.00 -26.47
N VAL B 307 -29.10 34.22 -26.05
CA VAL B 307 -28.71 35.53 -25.54
C VAL B 307 -28.85 36.59 -26.63
N VAL B 308 -28.42 36.26 -27.85
CA VAL B 308 -28.53 37.20 -28.95
C VAL B 308 -29.99 37.54 -29.23
N ILE B 309 -30.85 36.53 -29.20
CA ILE B 309 -32.29 36.75 -29.45
C ILE B 309 -32.87 37.65 -28.37
N SER B 310 -32.53 37.39 -27.10
CA SER B 310 -33.02 38.23 -26.02
C SER B 310 -32.51 39.66 -26.17
N LYS B 311 -31.28 39.83 -26.63
CA LYS B 311 -30.77 41.17 -26.92
C LYS B 311 -31.61 41.84 -28.01
N LEU B 312 -31.93 41.10 -29.06
CA LEU B 312 -32.74 41.63 -30.15
C LEU B 312 -34.23 41.62 -29.80
N THR C 21 36.74 -30.26 -25.13
CA THR C 21 35.82 -29.20 -24.77
C THR C 21 35.74 -29.08 -23.26
N PRO C 22 35.43 -27.90 -22.74
CA PRO C 22 35.36 -27.75 -21.29
C PRO C 22 34.18 -28.52 -20.71
N THR C 23 34.36 -29.00 -19.48
CA THR C 23 33.41 -29.89 -18.85
C THR C 23 33.03 -29.39 -17.45
N TYR C 24 32.07 -30.09 -16.86
CA TYR C 24 31.58 -29.77 -15.53
C TYR C 24 32.70 -29.87 -14.50
N GLY C 25 33.52 -30.91 -14.59
CA GLY C 25 34.64 -31.03 -13.67
C GLY C 25 35.64 -29.91 -13.82
N ASP C 26 35.90 -29.49 -15.06
CA ASP C 26 36.81 -28.38 -15.29
C ASP C 26 36.30 -27.11 -14.63
N GLU C 27 35.01 -26.82 -14.80
CA GLU C 27 34.49 -25.62 -14.15
C GLU C 27 34.50 -25.75 -12.63
N ARG C 28 34.31 -26.96 -12.12
CA ARG C 28 34.38 -27.16 -10.67
C ARG C 28 35.78 -26.83 -10.16
N LEU C 29 36.80 -27.34 -10.85
CA LEU C 29 38.18 -27.03 -10.47
C LEU C 29 38.43 -25.53 -10.54
N LEU C 30 37.94 -24.87 -11.59
CA LEU C 30 38.17 -23.44 -11.73
C LEU C 30 37.58 -22.67 -10.56
N ARG C 31 36.31 -22.95 -10.22
CA ARG C 31 35.69 -22.21 -9.13
C ARG C 31 36.38 -22.50 -7.80
N GLU C 32 36.77 -23.76 -7.58
CA GLU C 32 37.44 -24.11 -6.34
C GLU C 32 38.76 -23.37 -6.20
N LYS C 33 39.50 -23.22 -7.29
CA LYS C 33 40.76 -22.48 -7.20
C LYS C 33 40.50 -21.00 -7.04
N LEU C 34 39.47 -20.47 -7.69
CA LEU C 34 39.24 -19.03 -7.64
C LEU C 34 38.86 -18.58 -6.24
N LEU C 35 37.99 -19.33 -5.57
CA LEU C 35 37.43 -18.88 -4.31
C LEU C 35 38.24 -19.31 -3.09
N THR C 36 39.45 -19.83 -3.28
CA THR C 36 40.18 -20.45 -2.18
C THR C 36 40.52 -19.44 -1.08
N ASN C 37 41.27 -18.38 -1.42
CA ASN C 37 41.74 -17.39 -0.46
C ASN C 37 41.08 -16.04 -0.73
N TYR C 38 39.79 -16.07 -1.04
CA TYR C 38 39.04 -14.88 -1.41
C TYR C 38 38.22 -14.40 -0.22
N SER C 39 38.26 -13.09 0.05
CA SER C 39 37.47 -12.46 1.09
C SER C 39 36.43 -11.56 0.43
N LYS C 40 35.16 -11.80 0.76
CA LYS C 40 34.08 -11.08 0.10
C LYS C 40 34.13 -9.58 0.41
N SER C 41 34.65 -9.20 1.56
CA SER C 41 34.56 -7.82 2.03
C SER C 41 35.81 -7.00 1.78
N ILE C 42 36.89 -7.59 1.29
CA ILE C 42 38.10 -6.85 0.99
C ILE C 42 38.01 -6.34 -0.44
N ARG C 43 38.37 -5.09 -0.63
CA ARG C 43 38.27 -4.46 -1.94
C ARG C 43 39.22 -5.17 -2.90
N PRO C 44 38.77 -5.52 -4.11
CA PRO C 44 39.53 -6.52 -4.90
C PRO C 44 40.66 -5.91 -5.73
N VAL C 45 41.73 -5.51 -5.05
CA VAL C 45 42.92 -4.98 -5.70
C VAL C 45 44.14 -5.58 -5.02
N ILE C 46 45.15 -5.91 -5.82
CA ILE C 46 46.39 -6.46 -5.25
C ILE C 46 47.04 -5.43 -4.34
N ASN C 47 47.16 -4.20 -4.82
CA ASN C 47 47.68 -3.09 -4.02
C ASN C 47 46.50 -2.26 -3.56
N LEU C 48 46.37 -2.08 -2.25
CA LEU C 48 45.20 -1.38 -1.73
C LEU C 48 45.24 0.11 -2.02
N THR C 49 46.34 0.64 -2.55
CA THR C 49 46.40 2.04 -2.91
C THR C 49 45.60 2.35 -4.18
N LYS C 50 45.23 1.33 -4.95
CA LYS C 50 44.53 1.51 -6.21
C LYS C 50 43.04 1.66 -5.99
N VAL C 51 42.41 2.47 -6.84
CA VAL C 51 40.96 2.67 -6.81
C VAL C 51 40.34 1.72 -7.82
N VAL C 52 39.08 1.35 -7.58
CA VAL C 52 38.31 0.52 -8.50
C VAL C 52 37.34 1.44 -9.24
N ASP C 53 37.51 1.52 -10.55
CA ASP C 53 36.69 2.37 -11.40
C ASP C 53 35.49 1.59 -11.89
N VAL C 54 34.29 2.04 -11.52
CA VAL C 54 33.04 1.41 -11.91
C VAL C 54 32.40 2.26 -12.98
N THR C 55 31.99 1.64 -14.07
CA THR C 55 31.22 2.29 -15.12
C THR C 55 29.80 1.72 -15.11
N ALA C 56 28.82 2.60 -15.03
CA ALA C 56 27.42 2.23 -14.89
C ALA C 56 26.67 2.50 -16.19
N LEU C 57 25.67 1.66 -16.47
CA LEU C 57 24.84 1.78 -17.66
C LEU C 57 23.38 1.72 -17.25
N LEU C 58 22.64 2.79 -17.51
CA LEU C 58 21.25 2.93 -17.14
C LEU C 58 20.41 3.02 -18.40
N TYR C 59 19.55 2.03 -18.63
CA TYR C 59 18.75 1.92 -19.85
C TYR C 59 17.27 1.91 -19.49
N LEU C 60 16.65 3.09 -19.47
CA LEU C 60 15.22 3.23 -19.24
C LEU C 60 14.43 2.27 -20.13
N GLN C 61 13.52 1.51 -19.52
CA GLN C 61 12.71 0.55 -20.25
C GLN C 61 11.32 1.08 -20.55
N THR C 62 10.57 1.52 -19.55
CA THR C 62 9.22 2.05 -19.76
C THR C 62 8.92 3.09 -18.69
N LEU C 63 8.61 4.30 -19.12
CA LEU C 63 8.15 5.35 -18.21
C LEU C 63 6.70 5.07 -17.86
N TYR C 64 6.45 4.54 -16.67
CA TYR C 64 5.08 4.18 -16.33
C TYR C 64 4.20 5.41 -16.23
N ASP C 65 4.52 6.33 -15.34
CA ASP C 65 3.68 7.48 -15.11
C ASP C 65 4.55 8.64 -14.60
N LEU C 66 3.98 9.84 -14.58
CA LEU C 66 4.60 11.04 -14.03
C LEU C 66 3.63 11.68 -13.04
N ASP C 67 3.80 11.37 -11.76
CA ASP C 67 2.84 11.77 -10.73
C ASP C 67 3.08 13.23 -10.36
N PHE C 68 2.10 14.08 -10.66
CA PHE C 68 2.22 15.51 -10.39
C PHE C 68 2.06 15.82 -8.91
N VAL C 69 1.05 15.25 -8.26
CA VAL C 69 0.72 15.67 -6.91
C VAL C 69 1.78 15.22 -5.92
N ASN C 70 2.36 14.04 -6.11
CA ASN C 70 3.44 13.56 -5.24
C ASN C 70 4.82 13.98 -5.70
N ASN C 71 4.95 14.64 -6.85
CA ASN C 71 6.24 15.10 -7.36
C ASN C 71 7.22 13.95 -7.60
N PHE C 72 6.69 12.80 -8.00
CA PHE C 72 7.47 11.61 -8.31
C PHE C 72 7.27 11.23 -9.76
N ILE C 73 8.21 10.45 -10.31
CA ILE C 73 8.02 9.82 -11.60
C ILE C 73 8.40 8.36 -11.45
N MET C 74 7.53 7.48 -11.94
CA MET C 74 7.70 6.04 -11.84
C MET C 74 8.13 5.47 -13.17
N ALA C 75 9.25 4.76 -13.15
CA ALA C 75 9.79 4.17 -14.36
C ALA C 75 10.54 2.90 -13.99
N ARG C 76 10.86 2.11 -15.00
CA ARG C 76 11.59 0.87 -14.86
C ARG C 76 12.83 0.93 -15.72
N TYR C 77 13.97 0.54 -15.16
CA TYR C 77 15.26 0.72 -15.79
C TYR C 77 16.00 -0.61 -15.81
N TYR C 78 17.13 -0.63 -16.50
CA TYR C 78 18.02 -1.78 -16.57
C TYR C 78 19.41 -1.28 -16.20
N LEU C 79 19.76 -1.41 -14.92
CA LEU C 79 21.04 -0.92 -14.41
C LEU C 79 22.14 -1.96 -14.56
N GLY C 80 23.18 -1.61 -15.31
CA GLY C 80 24.35 -2.47 -15.47
C GLY C 80 25.62 -1.87 -14.90
N LEU C 81 26.29 -2.60 -14.01
CA LEU C 81 27.54 -2.18 -13.41
C LEU C 81 28.67 -3.04 -13.94
N ILE C 82 29.78 -2.42 -14.32
CA ILE C 82 30.94 -3.10 -14.86
C ILE C 82 32.18 -2.62 -14.10
N TRP C 83 33.00 -3.56 -13.65
CA TRP C 83 34.27 -3.25 -13.01
C TRP C 83 35.21 -4.43 -13.22
N ILE C 84 36.40 -4.33 -12.63
CA ILE C 84 37.48 -5.29 -12.85
C ILE C 84 37.95 -5.83 -11.51
N ASP C 85 38.03 -7.15 -11.39
CA ASP C 85 38.56 -7.83 -10.23
C ASP C 85 39.92 -8.43 -10.56
N GLU C 86 40.92 -8.16 -9.71
CA GLU C 86 42.27 -8.65 -9.94
C GLU C 86 42.57 -9.97 -9.24
N LYS C 87 41.70 -10.45 -8.36
CA LYS C 87 41.85 -11.74 -7.72
C LYS C 87 41.10 -12.86 -8.43
N LEU C 88 40.39 -12.56 -9.51
CA LEU C 88 39.53 -13.52 -10.19
C LEU C 88 39.91 -13.61 -11.65
N THR C 89 41.18 -13.87 -11.93
CA THR C 89 41.69 -14.00 -13.29
C THR C 89 42.43 -15.32 -13.40
N TRP C 90 42.29 -15.97 -14.56
CA TRP C 90 42.94 -17.26 -14.78
C TRP C 90 43.38 -17.35 -16.23
N ASN C 91 44.21 -18.35 -16.51
CA ASN C 91 44.66 -18.62 -17.86
C ASN C 91 43.74 -19.68 -18.46
N PRO C 92 42.95 -19.36 -19.49
CA PRO C 92 41.98 -20.34 -19.98
C PRO C 92 42.60 -21.60 -20.55
N LEU C 93 43.88 -21.56 -20.97
CA LEU C 93 44.51 -22.75 -21.51
C LEU C 93 44.74 -23.83 -20.48
N ASP C 94 44.58 -23.55 -19.19
CA ASP C 94 44.79 -24.52 -18.13
C ASP C 94 43.49 -25.16 -17.66
N TYR C 95 42.35 -24.77 -18.22
CA TYR C 95 41.06 -25.30 -17.83
C TYR C 95 40.24 -25.69 -19.05
N ASN C 96 40.91 -26.12 -20.11
CA ASN C 96 40.25 -26.55 -21.34
C ASN C 96 39.45 -25.40 -21.97
N ASN C 97 40.00 -24.20 -21.88
CA ASN C 97 39.50 -23.06 -22.62
C ASN C 97 38.21 -22.47 -22.06
N ILE C 98 37.97 -22.64 -20.76
CA ILE C 98 36.87 -21.92 -20.12
C ILE C 98 37.20 -20.43 -20.12
N THR C 99 36.29 -19.61 -20.65
CA THR C 99 36.51 -18.18 -20.77
C THR C 99 35.58 -17.33 -19.93
N SER C 100 34.49 -17.88 -19.40
CA SER C 100 33.64 -17.11 -18.51
C SER C 100 32.82 -18.07 -17.66
N ILE C 101 32.50 -17.63 -16.44
CA ILE C 101 31.66 -18.39 -15.53
C ILE C 101 30.61 -17.47 -14.94
N TYR C 102 29.65 -18.08 -14.25
CA TYR C 102 28.57 -17.37 -13.58
C TYR C 102 28.66 -17.67 -12.10
N LEU C 103 28.76 -16.65 -11.27
CA LEU C 103 28.91 -16.79 -9.83
C LEU C 103 27.69 -16.21 -9.12
N PRO C 104 27.34 -16.72 -7.94
CA PRO C 104 26.28 -16.06 -7.18
C PRO C 104 26.72 -14.68 -6.73
N LYS C 105 25.77 -13.74 -6.76
CA LYS C 105 26.09 -12.34 -6.52
C LYS C 105 26.63 -12.12 -5.11
N ASP C 106 26.26 -12.96 -4.15
CA ASP C 106 26.59 -12.74 -2.75
C ASP C 106 27.89 -13.41 -2.31
N LYS C 107 28.63 -14.02 -3.23
CA LYS C 107 29.92 -14.63 -2.92
C LYS C 107 31.10 -13.73 -3.26
N ILE C 108 30.88 -12.62 -3.95
CA ILE C 108 31.94 -11.80 -4.52
C ILE C 108 31.74 -10.37 -4.06
N TRP C 109 32.84 -9.61 -4.02
CA TRP C 109 32.72 -8.19 -3.74
C TRP C 109 31.97 -7.50 -4.86
N THR C 110 31.09 -6.57 -4.49
CA THR C 110 30.21 -5.87 -5.42
C THR C 110 30.21 -4.41 -5.00
N PRO C 111 30.36 -3.46 -5.92
CA PRO C 111 30.41 -2.06 -5.51
C PRO C 111 29.08 -1.63 -4.89
N PRO C 112 29.10 -0.80 -3.85
CA PRO C 112 27.83 -0.43 -3.20
C PRO C 112 27.17 0.79 -3.85
N ILE C 113 26.76 0.63 -5.10
CA ILE C 113 26.16 1.72 -5.85
C ILE C 113 24.68 1.81 -5.46
N LYS C 114 24.30 2.90 -4.80
CA LYS C 114 22.95 3.13 -4.35
C LYS C 114 22.30 4.22 -5.19
N MET C 115 21.00 4.08 -5.43
CA MET C 115 20.21 5.10 -6.12
C MET C 115 19.71 6.04 -5.04
N CYS C 116 20.48 7.10 -4.78
CA CYS C 116 20.28 7.95 -3.62
C CYS C 116 19.40 9.16 -3.91
N ASN C 117 18.52 9.06 -4.91
CA ASN C 117 17.50 10.05 -5.15
C ASN C 117 16.13 9.40 -5.33
N SER C 118 16.04 8.08 -5.19
CA SER C 118 14.89 7.30 -5.61
C SER C 118 14.45 6.39 -4.48
N MET C 119 13.18 5.99 -4.54
CA MET C 119 12.63 4.98 -3.65
C MET C 119 12.60 3.67 -4.44
N ASP C 120 13.48 2.74 -4.09
CA ASP C 120 13.65 1.52 -4.86
C ASP C 120 12.54 0.55 -4.47
N LYS C 121 11.51 0.46 -5.31
CA LYS C 121 10.39 -0.44 -5.10
C LYS C 121 10.52 -1.72 -5.93
N SER C 122 11.73 -2.20 -6.13
CA SER C 122 11.91 -3.44 -6.87
C SER C 122 11.48 -4.62 -6.01
N GLU C 123 11.22 -5.74 -6.69
CA GLU C 123 10.78 -6.97 -6.02
C GLU C 123 11.92 -7.95 -5.76
N GLU C 124 13.16 -7.58 -6.06
CA GLU C 124 14.35 -8.36 -5.75
C GLU C 124 15.28 -7.53 -4.89
N ASN C 125 16.19 -8.22 -4.22
CA ASN C 125 17.15 -7.61 -3.31
C ASN C 125 18.49 -7.47 -4.03
N ASP C 126 19.38 -6.67 -3.45
CA ASP C 126 20.68 -6.38 -4.04
C ASP C 126 21.74 -7.42 -3.66
N GLY C 127 21.32 -8.63 -3.29
CA GLY C 127 22.24 -9.71 -2.98
C GLY C 127 21.74 -11.06 -3.44
N VAL C 128 20.81 -11.07 -4.41
CA VAL C 128 20.29 -12.28 -5.00
C VAL C 128 20.32 -12.11 -6.51
N GLY C 129 20.82 -13.11 -7.21
CA GLY C 129 21.02 -13.07 -8.64
C GLY C 129 22.37 -13.64 -8.98
N GLU C 130 22.89 -13.25 -10.15
CA GLU C 130 24.15 -13.76 -10.64
C GLU C 130 24.88 -12.66 -11.38
N LEU C 131 26.18 -12.88 -11.58
CA LEU C 131 27.04 -11.97 -12.31
C LEU C 131 27.99 -12.79 -13.15
N MET C 132 28.35 -12.25 -14.31
CA MET C 132 29.22 -12.93 -15.25
C MET C 132 30.64 -12.45 -15.04
N LEU C 133 31.57 -13.39 -14.91
CA LEU C 133 32.99 -13.11 -14.71
C LEU C 133 33.75 -13.65 -15.92
N THR C 134 34.69 -12.85 -16.41
CA THR C 134 35.51 -13.18 -17.57
C THR C 134 36.93 -13.47 -17.12
N TYR C 135 37.66 -14.22 -17.95
CA TYR C 135 39.00 -14.66 -17.56
C TYR C 135 39.97 -13.51 -17.37
N THR C 136 39.66 -12.32 -17.91
CA THR C 136 40.49 -11.15 -17.67
C THR C 136 40.16 -10.45 -16.37
N GLY C 137 39.12 -10.87 -15.66
CA GLY C 137 38.70 -10.25 -14.42
C GLY C 137 37.51 -9.33 -14.55
N TRP C 138 37.04 -9.05 -15.75
CA TRP C 138 35.96 -8.09 -15.93
C TRP C 138 34.64 -8.72 -15.53
N ILE C 139 33.88 -8.03 -14.68
CA ILE C 139 32.61 -8.52 -14.16
C ILE C 139 31.49 -7.67 -14.73
N ASN C 140 30.45 -8.33 -15.24
CA ASN C 140 29.22 -7.70 -15.67
C ASN C 140 28.12 -8.06 -14.68
N MET C 141 27.37 -7.06 -14.24
CA MET C 141 26.30 -7.23 -13.25
C MET C 141 25.11 -6.40 -13.69
N TRP C 142 24.06 -7.07 -14.14
CA TRP C 142 22.86 -6.43 -14.67
C TRP C 142 21.67 -6.72 -13.78
N SER C 143 20.74 -5.76 -13.71
CA SER C 143 19.61 -5.88 -12.80
C SER C 143 18.44 -5.04 -13.28
N PHE C 144 17.26 -5.39 -12.77
CA PHE C 144 16.03 -4.62 -12.97
C PHE C 144 15.76 -3.78 -11.74
N ARG C 145 15.52 -2.49 -11.94
CA ARG C 145 15.15 -1.59 -10.85
C ARG C 145 13.93 -0.80 -11.26
N LEU C 146 12.89 -0.87 -10.44
CA LEU C 146 11.72 0.00 -10.55
C LEU C 146 11.88 1.11 -9.52
N LEU C 147 11.93 2.36 -10.00
CA LEU C 147 12.29 3.50 -9.19
C LEU C 147 11.18 4.53 -9.15
N HIS C 148 10.95 5.10 -7.98
CA HIS C 148 10.09 6.26 -7.78
C HIS C 148 11.03 7.41 -7.45
N THR C 149 11.42 8.17 -8.47
CA THR C 149 12.49 9.16 -8.32
C THR C 149 11.90 10.55 -8.20
N TYR C 150 12.38 11.30 -7.21
CA TYR C 150 11.82 12.60 -6.90
C TYR C 150 12.15 13.61 -7.99
N CYS C 151 11.15 14.39 -8.38
CA CYS C 151 11.31 15.43 -9.38
C CYS C 151 10.60 16.69 -8.93
N GLN C 152 11.26 17.83 -9.11
CA GLN C 152 10.64 19.13 -8.87
C GLN C 152 9.92 19.56 -10.15
N ILE C 153 8.60 19.49 -10.12
CA ILE C 153 7.76 19.62 -11.32
C ILE C 153 7.33 21.07 -11.43
N ASN C 154 7.68 21.71 -12.54
CA ASN C 154 7.31 23.09 -12.84
C ASN C 154 6.09 23.05 -13.77
N ALA C 155 4.91 23.32 -13.21
CA ALA C 155 3.66 23.30 -13.95
C ALA C 155 3.27 24.68 -14.47
N TYR C 156 4.25 25.57 -14.64
CA TYR C 156 3.98 26.94 -15.06
C TYR C 156 3.23 26.98 -16.39
N THR C 157 3.73 26.29 -17.40
CA THR C 157 3.22 26.38 -18.76
C THR C 157 2.23 25.27 -19.09
N TYR C 158 1.42 24.85 -18.12
CA TYR C 158 0.47 23.77 -18.37
C TYR C 158 -0.54 24.22 -19.43
N PRO C 159 -0.96 23.34 -20.36
CA PRO C 159 -0.56 21.95 -20.61
C PRO C 159 0.58 21.83 -21.62
N PHE C 160 1.23 22.92 -21.99
CA PHE C 160 2.40 22.90 -22.86
C PHE C 160 3.68 22.89 -22.04
N ASP C 161 3.78 21.99 -21.08
CA ASP C 161 4.80 22.04 -20.04
C ASP C 161 5.93 21.07 -20.32
N GLU C 162 7.13 21.44 -19.86
CA GLU C 162 8.33 20.62 -19.96
C GLU C 162 8.93 20.46 -18.58
N HIS C 163 9.54 19.30 -18.34
CA HIS C 163 10.11 18.98 -17.04
C HIS C 163 11.48 18.34 -17.21
N THR C 164 12.31 18.47 -16.18
CA THR C 164 13.64 17.87 -16.14
C THR C 164 13.78 17.11 -14.82
N CYS C 165 13.98 15.80 -14.91
CA CYS C 165 14.15 14.93 -13.76
C CYS C 165 15.52 14.26 -13.82
N GLU C 166 16.25 14.33 -12.72
CA GLU C 166 17.61 13.79 -12.61
C GLU C 166 17.61 12.56 -11.73
N ILE C 167 18.11 11.45 -12.28
CA ILE C 167 18.25 10.19 -11.54
C ILE C 167 19.70 10.07 -11.12
N TYR C 168 19.94 9.95 -9.81
CA TYR C 168 21.27 9.97 -9.24
C TYR C 168 21.76 8.57 -8.93
N LEU C 169 23.04 8.34 -9.18
CA LEU C 169 23.77 7.19 -8.66
C LEU C 169 24.91 7.69 -7.81
N CYS C 170 25.18 7.03 -6.69
CA CYS C 170 26.24 7.48 -5.80
C CYS C 170 26.78 6.32 -5.00
N VAL C 171 28.11 6.24 -4.90
CA VAL C 171 28.74 5.25 -4.03
C VAL C 171 28.27 5.44 -2.61
N ALA C 172 28.07 4.33 -1.90
CA ALA C 172 27.40 4.37 -0.61
C ALA C 172 28.30 4.96 0.46
N LEU C 173 29.42 4.29 0.76
CA LEU C 173 30.25 4.63 1.90
C LEU C 173 31.71 4.82 1.58
N HIS C 174 32.18 4.40 0.40
CA HIS C 174 33.60 4.45 0.11
C HIS C 174 33.95 5.83 -0.40
N THR C 175 35.14 6.30 -0.03
CA THR C 175 35.61 7.59 -0.51
C THR C 175 36.19 7.43 -1.92
N ILE C 176 36.37 8.57 -2.59
CA ILE C 176 36.94 8.56 -3.94
C ILE C 176 38.33 7.97 -4.02
N ASN C 177 39.01 7.80 -2.88
CA ASN C 177 40.28 7.10 -2.87
C ASN C 177 40.12 5.58 -2.87
N HIS C 178 38.91 5.06 -2.71
CA HIS C 178 38.67 3.62 -2.69
C HIS C 178 37.79 3.17 -3.85
N THR C 179 36.60 3.73 -4.02
CA THR C 179 35.66 3.34 -5.06
C THR C 179 35.16 4.57 -5.78
N ARG C 180 35.08 4.48 -7.11
CA ARG C 180 34.75 5.61 -7.96
C ARG C 180 33.76 5.18 -9.03
N ILE C 181 32.86 6.07 -9.40
CA ILE C 181 32.00 5.88 -10.57
C ILE C 181 32.72 6.53 -11.74
N LYS C 182 33.35 5.71 -12.57
CA LYS C 182 34.15 6.23 -13.66
C LYS C 182 33.30 7.00 -14.66
N GLU C 183 32.12 6.48 -14.98
CA GLU C 183 31.36 6.98 -16.11
C GLU C 183 29.94 6.47 -15.99
N LEU C 184 29.01 7.20 -16.61
CA LEU C 184 27.61 6.82 -16.63
C LEU C 184 27.09 7.01 -18.04
N ILE C 185 26.62 5.93 -18.65
CA ILE C 185 26.07 5.93 -19.99
C ILE C 185 24.59 5.69 -19.86
N TYR C 186 23.76 6.67 -20.23
CA TYR C 186 22.32 6.55 -20.15
C TYR C 186 21.73 6.60 -21.55
N GLU C 187 20.75 5.73 -21.81
CA GLU C 187 20.08 5.66 -23.10
C GLU C 187 18.62 5.31 -22.87
N ASP C 188 17.87 5.30 -23.96
CA ASP C 188 16.46 4.91 -23.96
C ASP C 188 16.33 3.63 -24.77
N SER C 189 15.74 2.60 -24.17
CA SER C 189 15.67 1.31 -24.84
C SER C 189 14.55 1.24 -25.87
N LYS C 190 13.65 2.21 -25.90
CA LYS C 190 12.57 2.26 -26.90
C LYS C 190 11.72 1.00 -26.87
N PHE C 191 11.64 0.36 -25.70
CA PHE C 191 10.91 -0.91 -25.63
C PHE C 191 9.43 -0.70 -25.93
N THR C 192 8.85 0.39 -25.41
CA THR C 192 7.48 0.76 -25.70
C THR C 192 7.42 2.25 -26.01
N GLN C 193 6.39 2.64 -26.74
CA GLN C 193 6.07 4.05 -26.99
C GLN C 193 5.05 4.51 -25.98
N ASN C 194 5.14 5.79 -25.61
CA ASN C 194 4.39 6.31 -24.47
C ASN C 194 3.04 6.89 -24.87
N TYR C 195 3.03 7.85 -25.80
CA TYR C 195 1.85 8.59 -26.29
C TYR C 195 1.39 9.67 -25.32
N LYS C 196 2.12 9.94 -24.26
CA LYS C 196 1.76 10.95 -23.27
C LYS C 196 2.87 11.95 -23.04
N TRP C 197 4.13 11.50 -23.10
CA TRP C 197 5.29 12.35 -22.85
C TRP C 197 6.33 12.06 -23.91
N ASP C 198 6.98 13.12 -24.39
CA ASP C 198 8.12 13.00 -25.28
C ASP C 198 9.36 12.87 -24.41
N ILE C 199 9.96 11.69 -24.39
CA ILE C 199 11.11 11.40 -23.53
C ILE C 199 12.38 11.61 -24.33
N ASN C 200 13.39 12.20 -23.69
CA ASN C 200 14.69 12.45 -24.33
C ASN C 200 15.76 12.18 -23.28
N VAL C 201 16.20 10.92 -23.20
CA VAL C 201 17.26 10.51 -22.29
C VAL C 201 18.35 9.83 -23.11
N SER C 202 19.49 10.50 -23.24
CA SER C 202 20.61 9.96 -24.00
C SER C 202 21.86 10.79 -23.77
N GLY C 203 22.96 10.15 -23.44
CA GLY C 203 24.19 10.88 -23.18
C GLY C 203 25.23 10.00 -22.53
N LYS C 204 26.29 10.66 -22.07
CA LYS C 204 27.42 9.98 -21.45
C LYS C 204 28.15 11.02 -20.61
N VAL C 205 28.13 10.86 -19.29
CA VAL C 205 28.66 11.85 -18.36
C VAL C 205 29.69 11.19 -17.45
N ASN C 206 30.81 11.87 -17.22
CA ASN C 206 31.78 11.41 -16.24
C ASN C 206 31.22 11.56 -14.83
N GLY C 207 31.77 10.77 -13.92
CA GLY C 207 31.38 10.88 -12.53
C GLY C 207 31.98 12.10 -11.87
N THR C 208 31.31 12.57 -10.82
CA THR C 208 31.74 13.74 -10.07
C THR C 208 32.42 13.27 -8.79
N ASP C 209 33.65 13.71 -8.56
CA ASP C 209 34.48 13.27 -7.44
C ASP C 209 34.63 14.43 -6.46
N GLU C 210 33.69 14.52 -5.53
CA GLU C 210 33.74 15.48 -4.42
C GLU C 210 33.43 14.68 -3.16
N LEU C 211 34.48 14.13 -2.55
CA LEU C 211 34.41 13.30 -1.35
C LEU C 211 33.90 11.90 -1.71
N PHE C 212 32.64 11.77 -2.07
N PHE C 212 32.63 11.79 -2.06
CA PHE C 212 32.07 10.50 -2.50
CA PHE C 212 31.99 10.55 -2.50
C PHE C 212 31.57 10.63 -3.92
C PHE C 212 31.63 10.68 -3.97
N SER C 213 31.92 9.64 -4.76
CA SER C 213 31.62 9.70 -6.18
C SER C 213 30.13 9.58 -6.43
N TYR C 214 29.64 10.31 -7.44
CA TYR C 214 28.25 10.22 -7.84
C TYR C 214 28.10 10.77 -9.24
N ALA C 215 26.93 10.56 -9.83
CA ALA C 215 26.61 11.06 -11.16
C ALA C 215 25.10 11.04 -11.31
N PHE C 216 24.60 11.72 -12.35
CA PHE C 216 23.16 11.74 -12.60
C PHE C 216 22.87 11.84 -14.09
N ALA C 217 21.79 11.17 -14.51
CA ALA C 217 21.31 11.21 -15.88
C ALA C 217 20.13 12.15 -15.98
N PRO C 218 20.14 13.19 -16.82
CA PRO C 218 18.95 14.06 -16.93
C PRO C 218 17.91 13.51 -17.88
N MET C 219 16.65 13.45 -17.43
CA MET C 219 15.51 13.09 -18.26
C MET C 219 14.70 14.34 -18.56
N TYR C 220 14.56 14.67 -19.84
CA TYR C 220 13.71 15.76 -20.29
C TYR C 220 12.39 15.20 -20.79
N LEU C 221 11.28 15.78 -20.32
CA LEU C 221 9.94 15.28 -20.58
C LEU C 221 9.06 16.42 -21.04
N ARG C 222 8.50 16.30 -22.24
CA ARG C 222 7.56 17.27 -22.79
C ARG C 222 6.23 16.57 -23.03
N ARG C 223 5.15 17.11 -22.45
CA ARG C 223 3.85 16.50 -22.62
C ARG C 223 3.43 16.56 -24.07
N LYS C 224 2.97 15.43 -24.60
CA LYS C 224 2.57 15.36 -26.00
C LYS C 224 1.20 15.99 -26.19
N LEU C 225 0.99 16.54 -27.38
CA LEU C 225 -0.21 17.32 -27.67
C LEU C 225 -1.25 16.42 -28.34
N THR C 226 -1.78 15.50 -27.56
CA THR C 226 -2.91 14.71 -27.99
C THR C 226 -4.16 15.58 -28.07
N VAL C 227 -5.09 15.20 -28.95
CA VAL C 227 -6.30 15.99 -29.12
C VAL C 227 -7.29 15.82 -27.98
N GLY C 228 -7.03 14.90 -27.05
CA GLY C 228 -7.90 14.79 -25.88
C GLY C 228 -7.85 16.02 -25.02
N ILE C 229 -6.65 16.57 -24.80
CA ILE C 229 -6.57 17.80 -24.01
C ILE C 229 -7.18 18.96 -24.78
N ILE C 230 -7.08 18.98 -26.11
CA ILE C 230 -7.76 20.03 -26.88
C ILE C 230 -9.27 19.95 -26.65
N ALA C 231 -9.81 18.73 -26.68
CA ALA C 231 -11.23 18.54 -26.41
C ALA C 231 -11.58 19.03 -25.00
N MET C 232 -10.70 18.76 -24.04
CA MET C 232 -10.89 19.28 -22.69
C MET C 232 -10.84 20.80 -22.67
N LEU C 233 -10.03 21.42 -23.54
CA LEU C 233 -9.93 22.87 -23.57
C LEU C 233 -11.19 23.52 -24.11
N ILE C 234 -11.83 22.90 -25.11
CA ILE C 234 -13.03 23.42 -25.78
C ILE C 234 -14.05 24.04 -24.82
N PRO C 235 -14.50 23.32 -23.77
CA PRO C 235 -15.45 23.95 -22.84
C PRO C 235 -14.93 25.25 -22.24
N THR C 236 -13.64 25.32 -21.94
CA THR C 236 -13.09 26.53 -21.35
C THR C 236 -13.23 27.71 -22.30
N VAL C 237 -12.82 27.54 -23.56
CA VAL C 237 -12.85 28.66 -24.51
C VAL C 237 -14.29 29.11 -24.76
N MET C 238 -15.22 28.16 -24.91
CA MET C 238 -16.60 28.60 -25.09
C MET C 238 -17.13 29.29 -23.84
N MET C 239 -16.64 28.91 -22.65
CA MET C 239 -17.01 29.64 -21.46
C MET C 239 -16.44 31.06 -21.50
N THR C 240 -15.27 31.25 -22.11
CA THR C 240 -14.77 32.60 -22.32
C THR C 240 -15.73 33.41 -23.17
N ILE C 241 -16.23 32.79 -24.25
CA ILE C 241 -17.18 33.49 -25.11
C ILE C 241 -18.44 33.86 -24.33
N LEU C 242 -18.94 32.91 -23.53
CA LEU C 242 -20.18 33.14 -22.77
C LEU C 242 -19.99 34.22 -21.70
N THR C 243 -18.87 34.21 -20.99
CA THR C 243 -18.65 35.23 -19.97
C THR C 243 -18.49 36.61 -20.62
N ILE C 244 -17.79 36.72 -21.75
CA ILE C 244 -17.67 38.03 -22.37
C ILE C 244 -19.05 38.52 -22.80
N PHE C 245 -19.87 37.60 -23.29
CA PHE C 245 -21.24 37.92 -23.75
C PHE C 245 -22.05 38.49 -22.59
N VAL C 246 -22.06 37.80 -21.46
CA VAL C 246 -22.88 38.23 -20.33
C VAL C 246 -22.33 39.52 -19.74
N PHE C 247 -21.00 39.68 -19.73
CA PHE C 247 -20.43 40.91 -19.19
C PHE C 247 -20.66 42.10 -20.11
N LEU C 248 -20.88 41.86 -21.40
CA LEU C 248 -21.25 42.89 -22.36
C LEU C 248 -22.71 42.74 -22.80
N LEU C 249 -23.54 42.30 -21.86
CA LEU C 249 -24.98 42.24 -22.05
C LEU C 249 -25.57 43.63 -21.78
N PRO C 250 -26.74 43.95 -22.34
CA PRO C 250 -27.34 45.24 -22.03
C PRO C 250 -27.74 45.33 -20.57
N PRO C 251 -27.66 46.51 -19.94
CA PRO C 251 -27.95 46.59 -18.50
C PRO C 251 -29.34 46.12 -18.10
N GLU C 252 -30.32 46.23 -19.00
CA GLU C 252 -31.72 45.92 -18.70
C GLU C 252 -32.23 44.81 -19.62
N SER C 253 -31.40 43.79 -19.85
CA SER C 253 -31.84 42.65 -20.65
C SER C 253 -32.99 41.91 -19.97
N GLY C 254 -32.93 41.80 -18.64
CA GLY C 254 -33.93 41.07 -17.87
C GLY C 254 -33.53 39.68 -17.46
N GLU C 255 -32.29 39.26 -17.73
CA GLU C 255 -31.76 38.00 -17.25
C GLU C 255 -30.31 38.11 -16.82
N LYS C 256 -29.78 39.34 -16.67
CA LYS C 256 -28.37 39.54 -16.40
C LYS C 256 -27.95 38.92 -15.08
N VAL C 257 -28.74 39.17 -14.03
CA VAL C 257 -28.36 38.71 -12.69
C VAL C 257 -28.30 37.18 -12.64
N SER C 258 -29.37 36.52 -13.08
CA SER C 258 -29.41 35.06 -13.04
C SER C 258 -28.35 34.44 -13.93
N LEU C 259 -28.18 34.98 -15.15
CA LEU C 259 -27.18 34.45 -16.06
C LEU C 259 -25.78 34.58 -15.47
N ALA C 260 -25.44 35.77 -14.98
CA ALA C 260 -24.11 35.99 -14.40
C ALA C 260 -23.90 35.11 -13.18
N THR C 261 -24.94 34.92 -12.37
CA THR C 261 -24.82 34.07 -11.19
C THR C 261 -24.50 32.63 -11.58
N THR C 262 -25.22 32.08 -12.56
CA THR C 262 -24.96 30.71 -12.97
C THR C 262 -23.57 30.58 -13.60
N ILE C 263 -23.17 31.57 -14.40
CA ILE C 263 -21.83 31.55 -14.99
C ILE C 263 -20.78 31.56 -13.88
N PHE C 264 -21.00 32.37 -12.85
CA PHE C 264 -20.06 32.42 -11.73
C PHE C 264 -20.00 31.08 -11.01
N LEU C 265 -21.14 30.41 -10.84
CA LEU C 265 -21.14 29.11 -10.20
C LEU C 265 -20.31 28.12 -10.99
N SER C 266 -20.52 28.07 -12.31
CA SER C 266 -19.78 27.13 -13.14
C SER C 266 -18.29 27.46 -13.13
N ASN C 267 -17.94 28.75 -13.16
CA ASN C 267 -16.54 29.14 -13.11
C ASN C 267 -15.89 28.72 -11.80
N VAL C 268 -16.59 28.90 -10.68
CA VAL C 268 -16.05 28.47 -9.40
C VAL C 268 -15.83 26.97 -9.40
N LEU C 269 -16.77 26.22 -9.98
CA LEU C 269 -16.62 24.78 -10.07
C LEU C 269 -15.38 24.41 -10.87
N TYR C 270 -15.16 25.07 -12.00
CA TYR C 270 -13.96 24.79 -12.79
C TYR C 270 -12.69 25.15 -12.03
N LEU C 271 -12.69 26.30 -11.35
CA LEU C 271 -11.49 26.73 -10.62
C LEU C 271 -11.18 25.76 -9.50
N VAL C 272 -12.21 25.19 -8.87
CA VAL C 272 -11.96 24.18 -7.83
C VAL C 272 -11.45 22.89 -8.46
N GLN C 273 -12.04 22.48 -9.59
CA GLN C 273 -11.71 21.16 -10.14
C GLN C 273 -10.29 21.14 -10.71
N ILE C 274 -9.82 22.25 -11.28
CA ILE C 274 -8.48 22.26 -11.85
C ILE C 274 -7.42 22.01 -10.78
N ASP C 275 -7.67 22.44 -9.55
CA ASP C 275 -6.67 22.34 -8.50
C ASP C 275 -6.29 20.89 -8.21
N LYS C 276 -7.26 19.98 -8.25
CA LYS C 276 -7.02 18.61 -7.82
C LYS C 276 -6.04 17.85 -8.71
N THR C 277 -5.78 18.32 -9.92
CA THR C 277 -4.83 17.70 -10.84
C THR C 277 -3.49 18.41 -10.86
N THR C 278 -3.52 19.73 -10.75
CA THR C 278 -2.31 20.54 -10.77
C THR C 278 -1.53 20.40 -9.47
N PRO C 279 -0.20 20.59 -9.50
CA PRO C 279 0.60 20.48 -8.28
C PRO C 279 0.65 21.79 -7.50
N THR C 280 0.91 21.65 -6.21
CA THR C 280 1.05 22.78 -5.29
C THR C 280 2.51 23.15 -5.01
N ASN C 281 3.47 22.39 -5.53
CA ASN C 281 4.90 22.62 -5.27
C ASN C 281 5.56 22.99 -6.59
N THR C 282 5.52 24.28 -6.92
CA THR C 282 6.06 24.79 -8.17
C THR C 282 6.75 26.12 -7.92
N LYS C 283 7.74 26.44 -8.76
CA LYS C 283 8.35 27.75 -8.70
C LYS C 283 7.33 28.85 -8.95
N TYR C 284 6.45 28.66 -9.92
CA TYR C 284 5.38 29.57 -10.25
C TYR C 284 4.09 28.78 -10.41
N PRO C 285 2.92 29.38 -10.12
CA PRO C 285 1.67 28.69 -10.46
C PRO C 285 1.44 28.74 -11.96
N SER C 286 0.49 27.93 -12.41
CA SER C 286 0.22 27.85 -13.84
C SER C 286 -0.51 29.09 -14.35
N LEU C 287 -0.12 29.51 -15.55
CA LEU C 287 -0.83 30.57 -16.25
C LEU C 287 -2.31 30.24 -16.33
N LEU C 288 -2.67 28.97 -16.46
CA LEU C 288 -4.08 28.60 -16.45
C LEU C 288 -4.75 28.98 -15.13
N MET C 289 -4.07 28.74 -13.99
CA MET C 289 -4.59 29.26 -12.71
C MET C 289 -4.84 30.75 -12.77
N LEU C 290 -3.82 31.51 -13.18
CA LEU C 290 -3.96 32.95 -13.11
C LEU C 290 -5.03 33.45 -14.07
N TYR C 291 -5.17 32.78 -15.21
CA TYR C 291 -6.14 33.19 -16.21
C TYR C 291 -7.56 32.85 -15.77
N LEU C 292 -7.77 31.68 -15.17
CA LEU C 292 -9.10 31.36 -14.69
C LEU C 292 -9.47 32.20 -13.47
N MET C 293 -8.47 32.64 -12.71
CA MET C 293 -8.76 33.58 -11.62
C MET C 293 -9.20 34.91 -12.18
N LEU C 294 -8.53 35.39 -13.24
CA LEU C 294 -8.95 36.63 -13.88
C LEU C 294 -10.37 36.51 -14.41
N LEU C 295 -10.68 35.37 -15.05
CA LEU C 295 -12.02 35.18 -15.61
C LEU C 295 -13.07 35.15 -14.52
N SER C 296 -12.78 34.46 -13.40
CA SER C 296 -13.73 34.42 -12.29
C SER C 296 -13.92 35.82 -11.70
N MET C 297 -12.84 36.59 -11.59
CA MET C 297 -12.94 37.96 -11.10
C MET C 297 -13.81 38.81 -12.01
N LEU C 298 -13.65 38.64 -13.32
CA LEU C 298 -14.48 39.39 -14.26
C LEU C 298 -15.95 38.99 -14.13
N SER C 299 -16.23 37.70 -13.95
CA SER C 299 -17.60 37.27 -13.75
C SER C 299 -18.19 37.87 -12.49
N GLY C 300 -17.40 37.91 -11.41
CA GLY C 300 -17.88 38.52 -10.18
C GLY C 300 -18.15 40.00 -10.33
N ILE C 301 -17.27 40.71 -11.04
CA ILE C 301 -17.49 42.13 -11.25
C ILE C 301 -18.73 42.35 -12.11
N ALA C 302 -18.96 41.46 -13.08
CA ALA C 302 -20.18 41.55 -13.89
C ALA C 302 -21.43 41.37 -13.03
N THR C 303 -21.38 40.40 -12.11
CA THR C 303 -22.53 40.18 -11.24
C THR C 303 -22.75 41.38 -10.32
N LEU C 304 -21.67 41.96 -9.81
CA LEU C 304 -21.79 43.15 -8.97
C LEU C 304 -22.39 44.31 -9.74
N GLY C 305 -21.93 44.52 -10.97
CA GLY C 305 -22.51 45.56 -11.80
C GLY C 305 -23.98 45.32 -12.08
N SER C 306 -24.36 44.06 -12.30
CA SER C 306 -25.76 43.73 -12.50
C SER C 306 -26.58 44.07 -11.26
N VAL C 307 -26.06 43.75 -10.09
CA VAL C 307 -26.76 44.05 -8.85
C VAL C 307 -26.91 45.56 -8.69
N VAL C 308 -25.85 46.31 -9.00
CA VAL C 308 -25.92 47.76 -8.89
C VAL C 308 -26.96 48.32 -9.86
N ILE C 309 -27.00 47.79 -11.08
CA ILE C 309 -27.97 48.25 -12.07
C ILE C 309 -29.39 47.97 -11.58
N SER C 310 -29.63 46.77 -11.05
CA SER C 310 -30.95 46.43 -10.54
C SER C 310 -31.33 47.35 -9.38
N LYS C 311 -30.35 47.70 -8.53
CA LYS C 311 -30.61 48.68 -7.48
C LYS C 311 -31.02 50.03 -8.07
N LEU C 312 -30.33 50.46 -9.11
CA LEU C 312 -30.64 51.72 -9.77
C LEU C 312 -31.81 51.57 -10.72
N THR D 21 53.82 -1.12 0.03
CA THR D 21 52.43 -0.71 0.11
C THR D 21 51.57 -1.85 0.65
N PRO D 22 50.47 -1.55 1.33
CA PRO D 22 49.63 -2.62 1.87
C PRO D 22 48.99 -3.42 0.75
N THR D 23 48.77 -4.71 1.03
CA THR D 23 48.30 -5.65 0.03
C THR D 23 47.10 -6.44 0.55
N TYR D 24 46.54 -7.24 -0.36
CA TYR D 24 45.38 -8.07 -0.05
C TYR D 24 45.70 -9.06 1.06
N GLY D 25 46.88 -9.67 1.01
CA GLY D 25 47.26 -10.59 2.07
C GLY D 25 47.40 -9.89 3.41
N ASP D 26 47.94 -8.68 3.41
CA ASP D 26 48.05 -7.93 4.66
C ASP D 26 46.68 -7.66 5.26
N GLU D 27 45.72 -7.24 4.44
CA GLU D 27 44.41 -6.99 4.98
C GLU D 27 43.75 -8.28 5.45
N ARG D 28 44.02 -9.40 4.77
CA ARG D 28 43.48 -10.68 5.23
C ARG D 28 44.00 -11.04 6.61
N LEU D 29 45.31 -10.88 6.81
CA LEU D 29 45.89 -11.13 8.13
C LEU D 29 45.27 -10.22 9.17
N LEU D 30 45.09 -8.94 8.83
CA LEU D 30 44.53 -8.00 9.79
C LEU D 30 43.15 -8.42 10.23
N ARG D 31 42.26 -8.74 9.27
CA ARG D 31 40.90 -9.12 9.64
C ARG D 31 40.89 -10.41 10.44
N GLU D 32 41.74 -11.37 10.05
CA GLU D 32 41.78 -12.65 10.77
C GLU D 32 42.20 -12.45 12.22
N LYS D 33 43.17 -11.55 12.45
CA LYS D 33 43.56 -11.30 13.83
C LYS D 33 42.51 -10.52 14.59
N LEU D 34 41.83 -9.58 13.92
CA LEU D 34 40.87 -8.75 14.62
C LEU D 34 39.68 -9.56 15.10
N LEU D 35 39.17 -10.46 14.27
CA LEU D 35 37.93 -11.16 14.57
C LEU D 35 38.14 -12.47 15.31
N THR D 36 39.34 -12.73 15.83
CA THR D 36 39.64 -14.04 16.38
C THR D 36 38.80 -14.36 17.61
N ASN D 37 38.88 -13.54 18.66
CA ASN D 37 38.19 -13.77 19.92
C ASN D 37 37.13 -12.69 20.14
N TYR D 38 36.42 -12.33 19.09
CA TYR D 38 35.44 -11.25 19.12
C TYR D 38 34.05 -11.86 19.22
N SER D 39 33.22 -11.30 20.11
CA SER D 39 31.83 -11.70 20.27
C SER D 39 30.95 -10.54 19.82
N LYS D 40 30.06 -10.82 18.87
CA LYS D 40 29.24 -9.78 18.29
C LYS D 40 28.31 -9.13 19.31
N SER D 41 27.89 -9.89 20.32
CA SER D 41 26.84 -9.45 21.24
C SER D 41 27.36 -8.88 22.55
N ILE D 42 28.65 -8.93 22.80
CA ILE D 42 29.21 -8.38 24.03
C ILE D 42 29.56 -6.92 23.76
N ARG D 43 29.21 -6.06 24.69
CA ARG D 43 29.42 -4.63 24.52
C ARG D 43 30.92 -4.36 24.46
N PRO D 44 31.41 -3.57 23.49
CA PRO D 44 32.85 -3.59 23.18
C PRO D 44 33.68 -2.67 24.07
N VAL D 45 33.87 -3.09 25.31
CA VAL D 45 34.70 -2.37 26.27
C VAL D 45 35.54 -3.38 27.03
N ILE D 46 36.79 -3.03 27.31
CA ILE D 46 37.66 -3.92 28.08
C ILE D 46 37.09 -4.12 29.47
N ASN D 47 36.73 -3.01 30.13
CA ASN D 47 36.09 -3.04 31.44
C ASN D 47 34.61 -2.81 31.23
N LEU D 48 33.78 -3.74 31.70
CA LEU D 48 32.36 -3.63 31.46
C LEU D 48 31.71 -2.52 32.27
N THR D 49 32.42 -1.89 33.19
CA THR D 49 31.86 -0.77 33.93
C THR D 49 31.78 0.49 33.09
N LYS D 50 32.45 0.55 31.95
CA LYS D 50 32.48 1.73 31.12
C LYS D 50 31.27 1.79 30.20
N VAL D 51 30.80 3.01 29.92
CA VAL D 51 29.70 3.22 29.00
C VAL D 51 30.27 3.53 27.62
N VAL D 52 29.49 3.23 26.60
CA VAL D 52 29.86 3.56 25.22
C VAL D 52 29.06 4.78 24.79
N ASP D 53 29.76 5.87 24.51
CA ASP D 53 29.13 7.12 24.12
C ASP D 53 28.99 7.16 22.61
N VAL D 54 27.76 7.24 22.12
CA VAL D 54 27.45 7.30 20.70
C VAL D 54 27.06 8.72 20.36
N THR D 55 27.67 9.27 19.31
CA THR D 55 27.28 10.57 18.76
C THR D 55 26.65 10.36 17.40
N ALA D 56 25.44 10.90 17.23
CA ALA D 56 24.63 10.72 16.04
C ALA D 56 24.60 11.98 15.20
N LEU D 57 24.52 11.80 13.88
CA LEU D 57 24.46 12.89 12.93
C LEU D 57 23.30 12.65 11.98
N LEU D 58 22.33 13.57 12.00
CA LEU D 58 21.10 13.48 11.19
C LEU D 58 21.10 14.62 10.19
N TYR D 59 21.17 14.29 8.90
CA TYR D 59 21.28 15.28 7.82
C TYR D 59 20.10 15.14 6.87
N LEU D 60 19.02 15.87 7.13
CA LEU D 60 17.87 15.91 6.25
C LEU D 60 18.29 16.14 4.81
N GLN D 61 17.79 15.29 3.90
CA GLN D 61 18.12 15.38 2.48
C GLN D 61 17.04 16.07 1.68
N THR D 62 15.80 15.60 1.74
CA THR D 62 14.69 16.19 1.00
C THR D 62 13.40 15.98 1.77
N LEU D 63 12.72 17.07 2.10
CA LEU D 63 11.39 16.99 2.72
C LEU D 63 10.38 16.68 1.63
N TYR D 64 9.93 15.43 1.57
CA TYR D 64 9.02 15.05 0.49
C TYR D 64 7.69 15.79 0.62
N ASP D 65 6.99 15.61 1.74
CA ASP D 65 5.66 16.19 1.87
C ASP D 65 5.38 16.39 3.36
N LEU D 66 4.32 17.15 3.65
CA LEU D 66 3.83 17.38 5.02
C LEU D 66 2.34 17.05 5.01
N ASP D 67 2.01 15.82 5.40
CA ASP D 67 0.65 15.32 5.28
C ASP D 67 -0.18 15.86 6.44
N PHE D 68 -1.17 16.68 6.13
CA PHE D 68 -1.99 17.29 7.16
C PHE D 68 -2.99 16.31 7.76
N VAL D 69 -3.68 15.56 6.91
CA VAL D 69 -4.80 14.76 7.39
C VAL D 69 -4.31 13.59 8.24
N ASN D 70 -3.17 12.99 7.89
CA ASN D 70 -2.60 11.91 8.69
C ASN D 70 -1.66 12.40 9.77
N ASN D 71 -1.39 13.70 9.86
CA ASN D 71 -0.51 14.26 10.88
C ASN D 71 0.91 13.68 10.81
N PHE D 72 1.37 13.36 9.60
CA PHE D 72 2.70 12.83 9.36
C PHE D 72 3.47 13.79 8.47
N ILE D 73 4.80 13.67 8.50
CA ILE D 73 5.66 14.34 7.53
C ILE D 73 6.65 13.32 6.98
N MET D 74 6.76 13.26 5.66
CA MET D 74 7.62 12.31 4.98
C MET D 74 8.87 13.02 4.51
N ALA D 75 10.03 12.49 4.92
CA ALA D 75 11.30 13.07 4.54
C ALA D 75 12.33 11.95 4.47
N ARG D 76 13.47 12.27 3.89
CA ARG D 76 14.59 11.35 3.74
C ARG D 76 15.81 11.98 4.39
N TYR D 77 16.52 11.20 5.19
CA TYR D 77 17.60 11.69 6.02
C TYR D 77 18.84 10.85 5.77
N TYR D 78 19.96 11.30 6.34
CA TYR D 78 21.22 10.58 6.28
C TYR D 78 21.72 10.45 7.73
N LEU D 79 21.42 9.31 8.36
CA LEU D 79 21.77 9.07 9.74
C LEU D 79 23.17 8.48 9.87
N GLY D 80 24.06 9.19 10.56
CA GLY D 80 25.40 8.71 10.84
C GLY D 80 25.67 8.47 12.30
N LEU D 81 26.09 7.26 12.66
CA LEU D 81 26.43 6.90 14.03
C LEU D 81 27.93 6.71 14.15
N ILE D 82 28.52 7.29 15.20
CA ILE D 82 29.95 7.20 15.46
C ILE D 82 30.16 6.77 16.90
N TRP D 83 31.02 5.77 17.10
CA TRP D 83 31.40 5.33 18.43
C TRP D 83 32.78 4.71 18.36
N ILE D 84 33.26 4.20 19.50
CA ILE D 84 34.63 3.71 19.65
C ILE D 84 34.58 2.28 20.15
N ASP D 85 35.32 1.39 19.47
CA ASP D 85 35.48 0.00 19.86
C ASP D 85 36.90 -0.22 20.38
N GLU D 86 37.02 -0.83 21.55
CA GLU D 86 38.32 -1.06 22.16
C GLU D 86 38.91 -2.43 21.84
N LYS D 87 38.15 -3.35 21.24
CA LYS D 87 38.66 -4.63 20.81
C LYS D 87 39.10 -4.66 19.35
N LEU D 88 38.98 -3.55 18.64
CA LEU D 88 39.25 -3.50 17.21
C LEU D 88 40.27 -2.41 16.91
N THR D 89 41.41 -2.46 17.58
CA THR D 89 42.49 -1.51 17.41
C THR D 89 43.77 -2.26 17.12
N TRP D 90 44.61 -1.69 16.24
CA TRP D 90 45.85 -2.33 15.87
C TRP D 90 46.90 -1.26 15.64
N ASN D 91 48.16 -1.70 15.55
CA ASN D 91 49.27 -0.82 15.24
C ASN D 91 49.51 -0.87 13.74
N PRO D 92 49.29 0.22 12.99
CA PRO D 92 49.42 0.11 11.53
C PRO D 92 50.81 -0.23 11.04
N LEU D 93 51.84 0.00 11.84
CA LEU D 93 53.20 -0.32 11.40
C LEU D 93 53.46 -1.82 11.29
N ASP D 94 52.56 -2.67 11.81
CA ASP D 94 52.73 -4.11 11.74
C ASP D 94 51.98 -4.74 10.60
N TYR D 95 51.26 -3.96 9.80
CA TYR D 95 50.48 -4.46 8.67
C TYR D 95 50.73 -3.64 7.42
N ASN D 96 51.94 -3.08 7.28
CA ASN D 96 52.32 -2.30 6.13
C ASN D 96 51.45 -1.05 6.01
N ASN D 97 51.12 -0.46 7.15
CA ASN D 97 50.51 0.86 7.22
C ASN D 97 49.04 0.87 6.83
N ILE D 98 48.34 -0.25 7.00
CA ILE D 98 46.88 -0.23 6.84
C ILE D 98 46.29 0.61 7.95
N THR D 99 45.47 1.59 7.60
CA THR D 99 44.90 2.53 8.55
C THR D 99 43.39 2.44 8.67
N SER D 100 42.69 1.80 7.75
CA SER D 100 41.26 1.62 7.89
C SER D 100 40.81 0.45 7.03
N ILE D 101 39.77 -0.25 7.49
CA ILE D 101 39.18 -1.35 6.76
C ILE D 101 37.66 -1.18 6.74
N TYR D 102 37.01 -2.00 5.92
CA TYR D 102 35.56 -2.02 5.79
C TYR D 102 35.08 -3.39 6.20
N LEU D 103 34.17 -3.45 7.17
CA LEU D 103 33.66 -4.70 7.69
C LEU D 103 32.16 -4.81 7.40
N PRO D 104 31.62 -6.02 7.25
CA PRO D 104 30.18 -6.15 7.13
C PRO D 104 29.51 -5.72 8.42
N LYS D 105 28.37 -5.06 8.29
CA LYS D 105 27.70 -4.46 9.44
C LYS D 105 27.26 -5.51 10.45
N ASP D 106 27.02 -6.74 10.01
CA ASP D 106 26.44 -7.77 10.88
C ASP D 106 27.48 -8.64 11.57
N LYS D 107 28.77 -8.33 11.43
CA LYS D 107 29.84 -9.04 12.13
C LYS D 107 30.30 -8.36 13.40
N ILE D 108 29.87 -7.13 13.66
CA ILE D 108 30.42 -6.28 14.72
C ILE D 108 29.28 -5.81 15.58
N TRP D 109 29.59 -5.48 16.83
CA TRP D 109 28.59 -4.87 17.71
C TRP D 109 28.23 -3.49 17.17
N THR D 110 26.94 -3.17 17.21
CA THR D 110 26.41 -1.94 16.66
C THR D 110 25.39 -1.41 17.66
N PRO D 111 25.42 -0.12 18.00
CA PRO D 111 24.47 0.38 19.00
C PRO D 111 23.05 0.25 18.50
N PRO D 112 22.08 -0.08 19.36
CA PRO D 112 20.70 -0.27 18.89
C PRO D 112 19.90 1.02 18.90
N ILE D 113 20.32 1.98 18.07
CA ILE D 113 19.68 3.29 18.02
C ILE D 113 18.43 3.16 17.13
N LYS D 114 17.26 3.31 17.73
CA LYS D 114 15.99 3.22 17.04
C LYS D 114 15.35 4.59 16.93
N MET D 115 14.66 4.82 15.81
CA MET D 115 13.89 6.04 15.61
C MET D 115 12.50 5.78 16.18
N CYS D 116 12.32 6.12 17.46
CA CYS D 116 11.15 5.70 18.22
C CYS D 116 10.03 6.73 18.20
N ASN D 117 9.96 7.54 17.15
CA ASN D 117 8.84 8.41 16.90
C ASN D 117 8.35 8.30 15.46
N SER D 118 8.95 7.42 14.67
CA SER D 118 8.79 7.41 13.22
C SER D 118 8.46 6.02 12.74
N MET D 119 7.84 5.95 11.57
CA MET D 119 7.60 4.70 10.86
C MET D 119 8.68 4.58 9.79
N ASP D 120 9.62 3.66 10.00
CA ASP D 120 10.79 3.55 9.13
C ASP D 120 10.39 2.76 7.90
N LYS D 121 10.13 3.48 6.80
CA LYS D 121 9.77 2.88 5.53
C LYS D 121 10.95 2.77 4.58
N SER D 122 12.15 2.54 5.11
CA SER D 122 13.30 2.38 4.24
C SER D 122 13.25 1.03 3.54
N GLU D 123 14.01 0.93 2.45
CA GLU D 123 14.06 -0.29 1.65
C GLU D 123 15.24 -1.19 2.00
N GLU D 124 16.04 -0.83 3.00
CA GLU D 124 17.13 -1.65 3.51
C GLU D 124 16.89 -1.95 4.98
N ASN D 125 17.57 -2.97 5.48
CA ASN D 125 17.45 -3.43 6.85
C ASN D 125 18.63 -2.89 7.65
N ASP D 126 18.51 -2.97 8.98
CA ASP D 126 19.53 -2.45 9.88
C ASP D 126 20.64 -3.47 10.16
N GLY D 127 20.83 -4.45 9.27
CA GLY D 127 21.90 -5.41 9.41
C GLY D 127 22.52 -5.79 8.09
N VAL D 128 22.36 -4.94 7.08
CA VAL D 128 22.96 -5.14 5.75
C VAL D 128 23.61 -3.83 5.35
N GLY D 129 24.85 -3.91 4.88
CA GLY D 129 25.64 -2.76 4.55
C GLY D 129 27.04 -2.94 5.07
N GLU D 130 27.74 -1.83 5.28
CA GLU D 130 29.12 -1.85 5.73
C GLU D 130 29.38 -0.67 6.65
N LEU D 131 30.47 -0.76 7.39
CA LEU D 131 30.90 0.29 8.31
C LEU D 131 32.42 0.40 8.22
N MET D 132 32.93 1.62 8.39
CA MET D 132 34.35 1.89 8.30
C MET D 132 34.95 1.86 9.69
N LEU D 133 36.04 1.11 9.84
CA LEU D 133 36.76 0.99 11.09
C LEU D 133 38.15 1.56 10.93
N THR D 134 38.60 2.35 11.90
CA THR D 134 39.89 3.00 11.89
C THR D 134 40.79 2.33 12.93
N TYR D 135 42.11 2.47 12.73
CA TYR D 135 43.06 1.78 13.59
C TYR D 135 43.01 2.24 15.03
N THR D 136 42.41 3.39 15.31
CA THR D 136 42.23 3.83 16.69
C THR D 136 41.00 3.24 17.34
N GLY D 137 40.17 2.52 16.59
CA GLY D 137 38.95 1.94 17.11
C GLY D 137 37.69 2.69 16.74
N TRP D 138 37.80 3.87 16.12
CA TRP D 138 36.63 4.67 15.83
C TRP D 138 35.89 4.10 14.63
N ILE D 139 34.58 3.91 14.79
CA ILE D 139 33.73 3.31 13.76
C ILE D 139 32.77 4.36 13.24
N ASN D 140 32.68 4.47 11.92
CA ASN D 140 31.69 5.31 11.24
C ASN D 140 30.67 4.40 10.58
N MET D 141 29.39 4.71 10.77
CA MET D 141 28.29 3.92 10.24
C MET D 141 27.23 4.87 9.70
N TRP D 142 27.11 4.94 8.38
CA TRP D 142 26.19 5.85 7.71
C TRP D 142 25.11 5.08 6.97
N SER D 143 23.91 5.67 6.90
CA SER D 143 22.76 4.97 6.34
C SER D 143 21.75 5.97 5.81
N PHE D 144 20.88 5.47 4.93
CA PHE D 144 19.73 6.20 4.42
C PHE D 144 18.48 5.74 5.15
N ARG D 145 17.71 6.67 5.67
CA ARG D 145 16.44 6.36 6.33
C ARG D 145 15.36 7.28 5.76
N LEU D 146 14.30 6.66 5.24
CA LEU D 146 13.08 7.37 4.87
C LEU D 146 12.07 7.19 6.00
N LEU D 147 11.66 8.30 6.61
CA LEU D 147 10.87 8.30 7.84
C LEU D 147 9.54 8.99 7.63
N HIS D 148 8.50 8.40 8.19
CA HIS D 148 7.18 9.02 8.32
C HIS D 148 7.00 9.35 9.79
N THR D 149 7.36 10.56 10.17
CA THR D 149 7.47 10.92 11.59
C THR D 149 6.24 11.71 12.03
N TYR D 150 5.68 11.31 13.15
CA TYR D 150 4.42 11.88 13.63
C TYR D 150 4.63 13.32 14.10
N CYS D 151 3.71 14.19 13.70
CA CYS D 151 3.74 15.60 14.08
C CYS D 151 2.35 16.04 14.47
N GLN D 152 2.26 16.81 15.56
CA GLN D 152 1.00 17.43 15.96
C GLN D 152 0.90 18.77 15.25
N ILE D 153 0.01 18.84 14.26
CA ILE D 153 -0.04 19.95 13.31
C ILE D 153 -1.07 20.94 13.81
N ASN D 154 -0.63 22.18 14.05
CA ASN D 154 -1.50 23.26 14.49
C ASN D 154 -1.86 24.10 13.27
N ALA D 155 -3.08 23.92 12.76
CA ALA D 155 -3.55 24.62 11.58
C ALA D 155 -4.31 25.89 11.93
N TYR D 156 -4.06 26.45 13.11
CA TYR D 156 -4.79 27.63 13.58
C TYR D 156 -4.70 28.79 12.58
N THR D 157 -3.48 29.14 12.18
CA THR D 157 -3.23 30.34 11.38
C THR D 157 -3.13 30.03 9.90
N TYR D 158 -3.92 29.08 9.40
CA TYR D 158 -3.86 28.73 7.98
C TYR D 158 -4.28 29.94 7.15
N PRO D 159 -3.64 30.20 5.99
CA PRO D 159 -2.48 29.55 5.37
C PRO D 159 -1.15 30.19 5.77
N PHE D 160 -1.13 31.08 6.75
CA PHE D 160 0.11 31.64 7.28
C PHE D 160 0.58 30.86 8.50
N ASP D 161 0.68 29.54 8.37
CA ASP D 161 0.84 28.65 9.52
C ASP D 161 2.27 28.19 9.66
N GLU D 162 2.66 27.93 10.91
CA GLU D 162 3.98 27.41 11.26
C GLU D 162 3.81 26.15 12.09
N HIS D 163 4.74 25.21 11.93
CA HIS D 163 4.68 23.93 12.62
C HIS D 163 6.06 23.57 13.17
N THR D 164 6.05 22.74 14.21
CA THR D 164 7.25 22.23 14.84
C THR D 164 7.14 20.72 14.96
N CYS D 165 8.04 20.00 14.29
CA CYS D 165 8.08 18.54 14.31
C CYS D 165 9.40 18.07 14.90
N GLU D 166 9.32 17.16 15.86
CA GLU D 166 10.48 16.63 16.58
C GLU D 166 10.74 15.20 16.15
N ILE D 167 11.96 14.94 15.66
CA ILE D 167 12.39 13.59 15.28
C ILE D 167 13.24 13.03 16.41
N TYR D 168 12.82 11.90 16.95
CA TYR D 168 13.44 11.31 18.14
C TYR D 168 14.39 10.19 17.77
N LEU D 169 15.51 10.13 18.47
CA LEU D 169 16.39 8.97 18.48
C LEU D 169 16.48 8.47 19.91
N CYS D 170 16.49 7.15 20.11
CA CYS D 170 16.54 6.62 21.45
C CYS D 170 17.16 5.23 21.44
N VAL D 171 18.06 4.98 22.38
CA VAL D 171 18.63 3.65 22.57
C VAL D 171 17.50 2.66 22.85
N ALA D 172 17.63 1.45 22.29
CA ALA D 172 16.53 0.50 22.30
C ALA D 172 16.29 -0.08 23.68
N LEU D 173 17.27 -0.81 24.21
CA LEU D 173 17.09 -1.61 25.42
C LEU D 173 18.15 -1.36 26.48
N HIS D 174 19.26 -0.72 26.15
CA HIS D 174 20.35 -0.58 27.11
C HIS D 174 20.09 0.61 28.00
N THR D 175 20.45 0.48 29.27
CA THR D 175 20.30 1.58 30.21
C THR D 175 21.46 2.56 30.04
N ILE D 176 21.29 3.75 30.61
CA ILE D 176 22.32 4.78 30.55
C ILE D 176 23.63 4.35 31.19
N ASN D 177 23.64 3.29 31.98
CA ASN D 177 24.88 2.73 32.50
C ASN D 177 25.61 1.85 31.49
N HIS D 178 24.98 1.53 30.35
CA HIS D 178 25.60 0.70 29.33
C HIS D 178 25.81 1.43 28.01
N THR D 179 24.76 2.02 27.44
CA THR D 179 24.86 2.71 26.15
C THR D 179 24.18 4.07 26.27
N ARG D 180 24.82 5.08 25.69
CA ARG D 180 24.39 6.46 25.82
C ARG D 180 24.48 7.16 24.48
N ILE D 181 23.55 8.08 24.22
CA ILE D 181 23.64 8.98 23.08
C ILE D 181 24.34 10.24 23.56
N LYS D 182 25.63 10.35 23.25
CA LYS D 182 26.41 11.47 23.76
C LYS D 182 25.90 12.80 23.25
N GLU D 183 25.53 12.86 21.98
CA GLU D 183 25.30 14.13 21.32
C GLU D 183 24.55 13.86 20.02
N LEU D 184 23.81 14.87 19.55
CA LEU D 184 23.07 14.78 18.30
C LEU D 184 23.31 16.07 17.54
N ILE D 185 23.87 15.96 16.34
CA ILE D 185 24.13 17.10 15.46
C ILE D 185 23.19 16.97 14.28
N TYR D 186 22.27 17.93 14.14
CA TYR D 186 21.31 17.93 13.05
C TYR D 186 21.56 19.14 12.17
N GLU D 187 21.50 18.92 10.86
CA GLU D 187 21.72 19.98 9.88
C GLU D 187 20.80 19.73 8.69
N ASP D 188 20.82 20.68 7.76
CA ASP D 188 20.08 20.60 6.51
C ASP D 188 21.08 20.50 5.37
N SER D 189 20.96 19.47 4.54
CA SER D 189 21.94 19.26 3.50
C SER D 189 21.74 20.15 2.29
N LYS D 190 20.60 20.84 2.19
CA LYS D 190 20.34 21.78 1.10
C LYS D 190 20.44 21.11 -0.26
N PHE D 191 20.17 19.81 -0.31
CA PHE D 191 20.33 19.08 -1.57
C PHE D 191 19.34 19.59 -2.61
N THR D 192 18.10 19.86 -2.21
CA THR D 192 17.10 20.46 -3.07
C THR D 192 16.37 21.56 -2.32
N GLN D 193 15.79 22.50 -3.08
CA GLN D 193 14.90 23.51 -2.55
C GLN D 193 13.46 23.07 -2.70
N ASN D 194 12.63 23.49 -1.75
CA ASN D 194 11.28 22.95 -1.62
C ASN D 194 10.24 23.75 -2.40
N TYR D 195 10.17 25.05 -2.15
CA TYR D 195 9.21 26.00 -2.74
C TYR D 195 7.83 25.90 -2.11
N LYS D 196 7.66 25.14 -1.05
CA LYS D 196 6.39 24.97 -0.36
C LYS D 196 6.50 25.27 1.13
N TRP D 197 7.62 24.93 1.75
CA TRP D 197 7.84 25.11 3.17
C TRP D 197 9.21 25.70 3.39
N ASP D 198 9.31 26.64 4.30
CA ASP D 198 10.59 27.18 4.75
C ASP D 198 11.09 26.30 5.89
N ILE D 199 12.14 25.53 5.63
CA ILE D 199 12.66 24.56 6.59
C ILE D 199 13.79 25.21 7.36
N ASN D 200 13.86 24.95 8.66
CA ASN D 200 14.91 25.48 9.52
C ASN D 200 15.29 24.39 10.51
N VAL D 201 16.23 23.54 10.11
CA VAL D 201 16.75 22.46 10.96
C VAL D 201 18.27 22.63 11.07
N SER D 202 18.72 23.02 12.24
CA SER D 202 20.15 23.21 12.47
C SER D 202 20.42 23.39 13.96
N GLY D 203 21.38 22.64 14.50
CA GLY D 203 21.68 22.76 15.91
C GLY D 203 22.56 21.61 16.38
N LYS D 204 22.69 21.54 17.70
CA LYS D 204 23.54 20.53 18.34
C LYS D 204 23.06 20.41 19.78
N VAL D 205 22.50 19.26 20.13
CA VAL D 205 21.87 19.04 21.43
C VAL D 205 22.49 17.83 22.10
N ASN D 206 22.76 17.95 23.40
CA ASN D 206 23.19 16.80 24.18
C ASN D 206 22.06 15.81 24.35
N GLY D 207 22.43 14.56 24.60
CA GLY D 207 21.44 13.53 24.87
C GLY D 207 20.84 13.68 26.26
N THR D 208 19.62 13.18 26.41
CA THR D 208 18.90 13.21 27.67
C THR D 208 19.01 11.85 28.33
N ASP D 209 19.50 11.82 29.57
CA ASP D 209 19.75 10.59 30.30
C ASP D 209 18.74 10.47 31.44
N GLU D 210 17.60 9.87 31.14
CA GLU D 210 16.58 9.54 32.13
C GLU D 210 16.20 8.09 31.87
N LEU D 211 16.92 7.17 32.52
CA LEU D 211 16.74 5.74 32.40
C LEU D 211 17.34 5.24 31.09
N PHE D 212 16.72 5.56 29.96
N PHE D 212 16.70 5.58 29.96
CA PHE D 212 17.24 5.21 28.65
CA PHE D 212 17.16 5.25 28.62
C PHE D 212 17.52 6.47 27.86
C PHE D 212 17.55 6.54 27.91
N SER D 213 18.70 6.53 27.24
CA SER D 213 19.15 7.73 26.56
C SER D 213 18.33 8.01 25.31
N TYR D 214 18.08 9.28 25.04
CA TYR D 214 17.38 9.69 23.82
C TYR D 214 17.67 11.16 23.56
N ALA D 215 17.26 11.61 22.37
CA ALA D 215 17.41 13.01 21.97
C ALA D 215 16.47 13.27 20.81
N PHE D 216 16.27 14.54 20.49
CA PHE D 216 15.41 14.88 19.36
C PHE D 216 15.86 16.18 18.70
N ALA D 217 15.71 16.22 17.38
CA ALA D 217 16.03 17.38 16.56
C ALA D 217 14.75 18.13 16.22
N PRO D 218 14.59 19.42 16.55
CA PRO D 218 13.36 20.12 16.17
C PRO D 218 13.41 20.67 14.74
N MET D 219 12.38 20.38 13.95
CA MET D 219 12.21 20.94 12.61
C MET D 219 11.11 21.99 12.66
N TYR D 220 11.45 23.22 12.31
CA TYR D 220 10.48 24.30 12.19
C TYR D 220 10.13 24.49 10.72
N LEU D 221 8.83 24.56 10.43
CA LEU D 221 8.32 24.60 9.07
C LEU D 221 7.31 25.71 8.94
N ARG D 222 7.57 26.67 8.05
CA ARG D 222 6.65 27.76 7.75
C ARG D 222 6.25 27.67 6.29
N ARG D 223 4.94 27.62 6.03
CA ARG D 223 4.46 27.52 4.66
C ARG D 223 4.85 28.77 3.88
N LYS D 224 5.41 28.57 2.70
CA LYS D 224 5.86 29.69 1.89
C LYS D 224 4.68 30.34 1.19
N LEU D 225 4.81 31.64 0.94
CA LEU D 225 3.71 32.45 0.42
C LEU D 225 3.83 32.55 -1.10
N THR D 226 3.59 31.41 -1.75
CA THR D 226 3.46 31.41 -3.20
C THR D 226 2.17 32.10 -3.61
N VAL D 227 2.17 32.66 -4.82
CA VAL D 227 0.99 33.39 -5.30
C VAL D 227 -0.15 32.46 -5.70
N GLY D 228 0.09 31.16 -5.75
CA GLY D 228 -1.01 30.23 -6.02
C GLY D 228 -2.08 30.27 -4.95
N ILE D 229 -1.67 30.30 -3.68
CA ILE D 229 -2.67 30.40 -2.62
C ILE D 229 -3.36 31.76 -2.64
N ILE D 230 -2.65 32.82 -3.03
CA ILE D 230 -3.31 34.12 -3.18
C ILE D 230 -4.40 34.04 -4.25
N ALA D 231 -4.09 33.38 -5.37
CA ALA D 231 -5.09 33.17 -6.42
C ALA D 231 -6.26 32.38 -5.89
N MET D 232 -6.00 31.37 -5.05
CA MET D 232 -7.08 30.63 -4.42
C MET D 232 -7.89 31.53 -3.49
N LEU D 233 -7.24 32.50 -2.84
CA LEU D 233 -7.95 33.39 -1.92
C LEU D 233 -8.91 34.32 -2.67
N ILE D 234 -8.51 34.79 -3.85
CA ILE D 234 -9.29 35.75 -4.66
C ILE D 234 -10.79 35.42 -4.69
N PRO D 235 -11.21 34.21 -5.07
CA PRO D 235 -12.65 33.91 -5.06
C PRO D 235 -13.31 34.15 -3.70
N THR D 236 -12.60 33.84 -2.61
CA THR D 236 -13.18 34.03 -1.28
C THR D 236 -13.46 35.51 -1.03
N VAL D 237 -12.48 36.38 -1.27
CA VAL D 237 -12.66 37.79 -0.95
C VAL D 237 -13.75 38.40 -1.82
N MET D 238 -13.79 38.04 -3.12
CA MET D 238 -14.88 38.57 -3.92
C MET D 238 -16.22 38.03 -3.46
N MET D 239 -16.25 36.81 -2.93
CA MET D 239 -17.49 36.32 -2.34
C MET D 239 -17.87 37.14 -1.11
N THR D 240 -16.88 37.63 -0.36
CA THR D 240 -17.19 38.54 0.74
C THR D 240 -17.88 39.79 0.22
N ILE D 241 -17.36 40.33 -0.88
CA ILE D 241 -17.97 41.52 -1.48
C ILE D 241 -19.42 41.23 -1.89
N LEU D 242 -19.62 40.08 -2.53
CA LEU D 242 -20.95 39.71 -3.03
C LEU D 242 -21.94 39.48 -1.88
N THR D 243 -21.51 38.79 -0.81
CA THR D 243 -22.42 38.56 0.31
C THR D 243 -22.76 39.87 1.01
N ILE D 244 -21.78 40.78 1.19
CA ILE D 244 -22.13 42.05 1.83
C ILE D 244 -23.13 42.81 0.97
N PHE D 245 -22.94 42.75 -0.32
CA PHE D 245 -23.83 43.43 -1.30
C PHE D 245 -25.26 42.90 -1.14
N VAL D 246 -25.44 41.59 -1.17
CA VAL D 246 -26.78 41.01 -1.11
C VAL D 246 -27.40 41.24 0.27
N PHE D 247 -26.59 41.21 1.33
CA PHE D 247 -27.13 41.44 2.66
C PHE D 247 -27.49 42.91 2.88
N LEU D 248 -26.88 43.82 2.12
CA LEU D 248 -27.24 45.24 2.13
C LEU D 248 -27.94 45.63 0.83
N LEU D 249 -28.73 44.69 0.30
CA LEU D 249 -29.57 44.96 -0.85
C LEU D 249 -30.87 45.61 -0.37
N PRO D 250 -31.58 46.37 -1.23
CA PRO D 250 -32.85 46.94 -0.78
C PRO D 250 -33.87 45.84 -0.52
N PRO D 251 -34.77 46.03 0.47
CA PRO D 251 -35.70 44.95 0.82
C PRO D 251 -36.59 44.48 -0.33
N GLU D 252 -36.89 45.36 -1.29
CA GLU D 252 -37.81 45.06 -2.39
C GLU D 252 -37.12 45.20 -3.74
N SER D 253 -35.87 44.71 -3.82
CA SER D 253 -35.16 44.72 -5.09
C SER D 253 -35.86 43.84 -6.13
N GLY D 254 -36.41 42.70 -5.70
CA GLY D 254 -37.06 41.76 -6.57
C GLY D 254 -36.22 40.56 -6.97
N GLU D 255 -35.02 40.42 -6.40
CA GLU D 255 -34.19 39.23 -6.61
C GLU D 255 -33.47 38.82 -5.32
N LYS D 256 -33.86 39.37 -4.17
CA LYS D 256 -33.13 39.14 -2.94
C LYS D 256 -33.14 37.68 -2.53
N VAL D 257 -34.32 37.05 -2.59
CA VAL D 257 -34.46 35.68 -2.12
C VAL D 257 -33.61 34.74 -2.97
N SER D 258 -33.76 34.80 -4.29
CA SER D 258 -33.01 33.90 -5.16
C SER D 258 -31.52 34.15 -5.08
N LEU D 259 -31.12 35.43 -5.09
CA LEU D 259 -29.69 35.74 -5.02
C LEU D 259 -29.08 35.24 -3.72
N ALA D 260 -29.72 35.54 -2.60
CA ALA D 260 -29.21 35.12 -1.30
C ALA D 260 -29.18 33.60 -1.20
N THR D 261 -30.19 32.92 -1.76
CA THR D 261 -30.22 31.47 -1.73
C THR D 261 -29.02 30.88 -2.48
N THR D 262 -28.75 31.39 -3.70
CA THR D 262 -27.63 30.86 -4.45
C THR D 262 -26.30 31.15 -3.73
N ILE D 263 -26.18 32.34 -3.16
CA ILE D 263 -24.97 32.67 -2.41
C ILE D 263 -24.80 31.71 -1.25
N PHE D 264 -25.90 31.38 -0.55
CA PHE D 264 -25.83 30.43 0.56
C PHE D 264 -25.40 29.05 0.08
N LEU D 265 -25.91 28.63 -1.09
CA LEU D 265 -25.50 27.34 -1.63
C LEU D 265 -24.00 27.30 -1.89
N SER D 266 -23.49 28.36 -2.52
CA SER D 266 -22.05 28.41 -2.81
C SER D 266 -21.25 28.44 -1.51
N ASN D 267 -21.75 29.17 -0.51
CA ASN D 267 -21.08 29.25 0.78
C ASN D 267 -21.00 27.88 1.44
N VAL D 268 -22.10 27.12 1.39
CA VAL D 268 -22.08 25.78 1.96
C VAL D 268 -21.09 24.89 1.21
N LEU D 269 -21.05 25.02 -0.11
CA LEU D 269 -20.10 24.24 -0.90
C LEU D 269 -18.66 24.55 -0.49
N TYR D 270 -18.33 25.83 -0.33
CA TYR D 270 -16.99 26.19 0.09
C TYR D 270 -16.67 25.68 1.50
N LEU D 271 -17.64 25.81 2.41
CA LEU D 271 -17.41 25.37 3.78
C LEU D 271 -17.19 23.87 3.83
N VAL D 272 -17.88 23.13 2.98
CA VAL D 272 -17.66 21.68 2.92
C VAL D 272 -16.31 21.37 2.30
N GLN D 273 -15.93 22.09 1.24
CA GLN D 273 -14.72 21.72 0.51
C GLN D 273 -13.46 22.04 1.32
N ILE D 274 -13.48 23.10 2.12
CA ILE D 274 -12.29 23.45 2.89
C ILE D 274 -11.93 22.35 3.89
N ASP D 275 -12.94 21.63 4.39
CA ASP D 275 -12.71 20.63 5.43
C ASP D 275 -11.79 19.51 4.94
N LYS D 276 -11.95 19.09 3.68
CA LYS D 276 -11.24 17.91 3.19
C LYS D 276 -9.73 18.08 3.14
N THR D 277 -9.22 19.32 3.18
CA THR D 277 -7.79 19.58 3.16
C THR D 277 -7.24 19.90 4.55
N THR D 278 -8.04 20.60 5.35
CA THR D 278 -7.66 20.99 6.68
C THR D 278 -7.69 19.79 7.64
N PRO D 279 -6.88 19.81 8.70
CA PRO D 279 -6.87 18.70 9.66
C PRO D 279 -7.93 18.85 10.74
N THR D 280 -8.31 17.70 11.30
CA THR D 280 -9.27 17.62 12.39
C THR D 280 -8.61 17.47 13.76
N ASN D 281 -7.29 17.35 13.83
CA ASN D 281 -6.56 17.13 15.08
C ASN D 281 -5.68 18.35 15.32
N THR D 282 -6.24 19.37 15.95
CA THR D 282 -5.55 20.62 16.21
C THR D 282 -5.95 21.13 17.60
N LYS D 283 -5.05 21.88 18.23
CA LYS D 283 -5.41 22.52 19.49
C LYS D 283 -6.58 23.47 19.29
N TYR D 284 -6.58 24.25 18.21
CA TYR D 284 -7.65 25.16 17.86
C TYR D 284 -8.01 24.95 16.39
N PRO D 285 -9.26 25.18 15.99
CA PRO D 285 -9.55 25.17 14.55
C PRO D 285 -9.02 26.43 13.89
N SER D 286 -8.99 26.41 12.57
CA SER D 286 -8.44 27.54 11.85
C SER D 286 -9.38 28.74 11.86
N LEU D 287 -8.78 29.93 11.98
CA LEU D 287 -9.51 31.17 11.84
C LEU D 287 -10.30 31.19 10.54
N LEU D 288 -9.77 30.57 9.48
CA LEU D 288 -10.54 30.48 8.24
C LEU D 288 -11.84 29.70 8.43
N MET D 289 -11.80 28.58 9.18
CA MET D 289 -13.05 27.90 9.56
C MET D 289 -14.01 28.86 10.23
N LEU D 290 -13.54 29.54 11.28
CA LEU D 290 -14.48 30.35 12.07
C LEU D 290 -15.01 31.51 11.24
N TYR D 291 -14.18 32.05 10.35
CA TYR D 291 -14.58 33.18 9.53
C TYR D 291 -15.57 32.77 8.46
N LEU D 292 -15.36 31.62 7.83
CA LEU D 292 -16.33 31.16 6.84
C LEU D 292 -17.62 30.73 7.50
N MET D 293 -17.56 30.29 8.77
CA MET D 293 -18.79 29.99 9.48
C MET D 293 -19.56 31.28 9.76
N LEU D 294 -18.86 32.35 10.16
CA LEU D 294 -19.51 33.63 10.36
C LEU D 294 -20.15 34.11 9.06
N LEU D 295 -19.42 33.98 7.94
CA LEU D 295 -19.95 34.45 6.67
C LEU D 295 -21.17 33.64 6.24
N SER D 296 -21.13 32.31 6.43
CA SER D 296 -22.29 31.49 6.11
C SER D 296 -23.48 31.83 7.00
N MET D 297 -23.23 32.09 8.28
CA MET D 297 -24.31 32.48 9.18
C MET D 297 -24.93 33.80 8.75
N LEU D 298 -24.10 34.75 8.32
CA LEU D 298 -24.63 36.03 7.84
C LEU D 298 -25.47 35.81 6.59
N SER D 299 -25.04 34.94 5.69
CA SER D 299 -25.83 34.64 4.50
C SER D 299 -27.18 34.03 4.89
N GLY D 300 -27.17 33.12 5.86
CA GLY D 300 -28.42 32.53 6.31
C GLY D 300 -29.36 33.54 6.92
N ILE D 301 -28.81 34.46 7.72
CA ILE D 301 -29.64 35.51 8.32
C ILE D 301 -30.19 36.41 7.24
N ALA D 302 -29.40 36.68 6.20
CA ALA D 302 -29.89 37.48 5.08
C ALA D 302 -31.05 36.78 4.39
N THR D 303 -30.94 35.46 4.18
CA THR D 303 -32.04 34.73 3.55
C THR D 303 -33.29 34.77 4.43
N LEU D 304 -33.12 34.62 5.74
CA LEU D 304 -34.26 34.68 6.65
C LEU D 304 -34.92 36.06 6.61
N GLY D 305 -34.12 37.13 6.62
CA GLY D 305 -34.67 38.46 6.51
C GLY D 305 -35.41 38.67 5.20
N SER D 306 -34.87 38.14 4.11
CA SER D 306 -35.55 38.22 2.82
C SER D 306 -36.89 37.52 2.86
N VAL D 307 -36.93 36.34 3.46
CA VAL D 307 -38.19 35.60 3.57
C VAL D 307 -39.19 36.38 4.41
N VAL D 308 -38.73 36.97 5.51
CA VAL D 308 -39.62 37.76 6.37
C VAL D 308 -40.17 38.96 5.59
N ILE D 309 -39.30 39.62 4.83
CA ILE D 309 -39.74 40.78 4.04
C ILE D 309 -40.79 40.36 3.01
N SER D 310 -40.55 39.24 2.31
CA SER D 310 -41.52 38.76 1.34
C SER D 310 -42.84 38.40 2.02
N LYS D 311 -42.78 37.85 3.22
CA LYS D 311 -44.00 37.60 3.99
C LYS D 311 -44.73 38.91 4.27
N LEU D 312 -43.99 39.94 4.67
CA LEU D 312 -44.58 41.24 4.97
C LEU D 312 -44.84 42.03 3.69
N THR E 21 37.19 -5.71 38.49
CA THR E 21 35.96 -5.40 37.74
C THR E 21 35.75 -6.43 36.65
N PRO E 22 34.51 -6.69 36.26
CA PRO E 22 34.27 -7.68 35.21
C PRO E 22 34.81 -7.20 33.88
N THR E 23 35.23 -8.16 33.06
CA THR E 23 35.90 -7.87 31.81
C THR E 23 35.28 -8.64 30.65
N TYR E 24 35.78 -8.32 29.46
CA TYR E 24 35.30 -8.95 28.23
C TYR E 24 35.52 -10.45 28.26
N GLY E 25 36.69 -10.88 28.73
CA GLY E 25 36.94 -12.30 28.84
C GLY E 25 36.01 -12.99 29.82
N ASP E 26 35.71 -12.32 30.93
CA ASP E 26 34.77 -12.89 31.89
C ASP E 26 33.40 -13.10 31.27
N GLU E 27 32.90 -12.09 30.54
CA GLU E 27 31.60 -12.27 29.91
C GLU E 27 31.65 -13.34 28.84
N ARG E 28 32.79 -13.48 28.15
CA ARG E 28 32.91 -14.54 27.15
C ARG E 28 32.79 -15.91 27.81
N LEU E 29 33.50 -16.10 28.92
CA LEU E 29 33.39 -17.36 29.66
C LEU E 29 31.96 -17.61 30.12
N LEU E 30 31.30 -16.57 30.60
CA LEU E 30 29.94 -16.72 31.09
C LEU E 30 29.01 -17.19 29.98
N ARG E 31 29.05 -16.53 28.83
CA ARG E 31 28.16 -16.92 27.74
C ARG E 31 28.48 -18.33 27.24
N GLU E 32 29.77 -18.65 27.15
CA GLU E 32 30.16 -19.97 26.68
C GLU E 32 29.64 -21.07 27.61
N LYS E 33 29.68 -20.82 28.92
CA LYS E 33 29.15 -21.82 29.83
C LYS E 33 27.64 -21.87 29.79
N LEU E 34 26.98 -20.72 29.62
CA LEU E 34 25.53 -20.70 29.65
C LEU E 34 24.93 -21.46 28.47
N LEU E 35 25.49 -21.27 27.27
CA LEU E 35 24.87 -21.80 26.06
C LEU E 35 25.37 -23.20 25.71
N THR E 36 26.09 -23.88 26.60
CA THR E 36 26.75 -25.12 26.24
C THR E 36 25.75 -26.22 25.87
N ASN E 37 24.86 -26.58 26.79
CA ASN E 37 23.90 -27.66 26.61
C ASN E 37 22.47 -27.11 26.56
N TYR E 38 22.30 -25.99 25.88
CA TYR E 38 21.02 -25.29 25.81
C TYR E 38 20.36 -25.58 24.47
N SER E 39 19.07 -25.90 24.52
CA SER E 39 18.26 -26.14 23.33
C SER E 39 17.25 -25.01 23.20
N LYS E 40 17.26 -24.33 22.05
CA LYS E 40 16.40 -23.17 21.87
C LYS E 40 14.93 -23.52 21.93
N SER E 41 14.56 -24.74 21.53
CA SER E 41 13.17 -25.11 21.35
C SER E 41 12.57 -25.87 22.51
N ILE E 42 13.36 -26.24 23.52
CA ILE E 42 12.84 -26.94 24.68
C ILE E 42 12.40 -25.90 25.70
N ARG E 43 11.24 -26.11 26.27
CA ARG E 43 10.68 -25.16 27.23
C ARG E 43 11.59 -25.09 28.45
N PRO E 44 11.94 -23.88 28.93
CA PRO E 44 13.09 -23.78 29.85
C PRO E 44 12.72 -24.04 31.31
N VAL E 45 12.47 -25.29 31.64
CA VAL E 45 12.18 -25.71 33.00
C VAL E 45 12.93 -26.99 33.28
N ILE E 46 13.47 -27.12 34.49
CA ILE E 46 14.17 -28.34 34.85
C ILE E 46 13.22 -29.52 34.83
N ASN E 47 12.05 -29.37 35.45
CA ASN E 47 11.00 -30.37 35.43
C ASN E 47 9.96 -29.93 34.41
N LEU E 48 9.69 -30.78 33.42
CA LEU E 48 8.77 -30.38 32.37
C LEU E 48 7.33 -30.32 32.83
N THR E 49 7.02 -30.76 34.06
CA THR E 49 5.67 -30.64 34.57
C THR E 49 5.31 -29.21 34.96
N LYS E 50 6.30 -28.33 35.08
CA LYS E 50 6.08 -26.96 35.52
C LYS E 50 5.66 -26.08 34.35
N VAL E 51 4.81 -25.10 34.62
CA VAL E 51 4.39 -24.12 33.63
C VAL E 51 5.27 -22.89 33.75
N VAL E 52 5.42 -22.17 32.65
CA VAL E 52 6.14 -20.91 32.63
C VAL E 52 5.13 -19.78 32.62
N ASP E 53 5.15 -18.97 33.68
CA ASP E 53 4.22 -17.86 33.83
C ASP E 53 4.84 -16.60 33.22
N VAL E 54 4.17 -16.07 32.21
CA VAL E 54 4.61 -14.87 31.52
C VAL E 54 3.72 -13.72 31.96
N THR E 55 4.34 -12.61 32.36
CA THR E 55 3.63 -11.37 32.67
C THR E 55 3.95 -10.34 31.59
N ALA E 56 2.92 -9.78 30.99
CA ALA E 56 3.04 -8.87 29.86
C ALA E 56 2.74 -7.44 30.29
N LEU E 57 3.42 -6.49 29.66
CA LEU E 57 3.25 -5.07 29.91
C LEU E 57 3.04 -4.34 28.59
N LEU E 58 1.88 -3.72 28.44
CA LEU E 58 1.49 -3.02 27.22
C LEU E 58 1.34 -1.53 27.54
N TYR E 59 2.20 -0.69 26.96
CA TYR E 59 2.24 0.74 27.26
C TYR E 59 1.99 1.53 25.98
N LEU E 60 0.72 1.86 25.72
CA LEU E 60 0.34 2.70 24.60
C LEU E 60 1.20 3.95 24.54
N GLN E 61 1.76 4.22 23.36
CA GLN E 61 2.63 5.38 23.16
C GLN E 61 1.89 6.55 22.49
N THR E 62 1.28 6.32 21.32
CA THR E 62 0.55 7.38 20.61
C THR E 62 -0.58 6.75 19.82
N LEU E 63 -1.81 7.18 20.08
CA LEU E 63 -2.96 6.76 19.29
C LEU E 63 -2.96 7.55 17.99
N TYR E 64 -2.53 6.91 16.89
CA TYR E 64 -2.44 7.63 15.63
C TYR E 64 -3.79 8.08 15.13
N ASP E 65 -4.71 7.14 14.92
CA ASP E 65 -6.00 7.50 14.33
C ASP E 65 -7.02 6.45 14.78
N LEU E 66 -8.30 6.76 14.55
CA LEU E 66 -9.42 5.86 14.81
C LEU E 66 -10.25 5.80 13.54
N ASP E 67 -9.98 4.80 12.70
CA ASP E 67 -10.56 4.72 11.37
C ASP E 67 -11.99 4.18 11.48
N PHE E 68 -12.96 5.01 11.14
CA PHE E 68 -14.37 4.62 11.24
C PHE E 68 -14.78 3.65 10.15
N VAL E 69 -14.40 3.94 8.90
CA VAL E 69 -14.96 3.19 7.79
C VAL E 69 -14.43 1.76 7.77
N ASN E 70 -13.16 1.57 8.12
CA ASN E 70 -12.57 0.25 8.18
C ASN E 70 -12.72 -0.43 9.54
N ASN E 71 -13.28 0.26 10.54
CA ASN E 71 -13.48 -0.30 11.87
C ASN E 71 -12.16 -0.72 12.52
N PHE E 72 -11.10 0.02 12.24
CA PHE E 72 -9.78 -0.23 12.80
C PHE E 72 -9.35 0.98 13.61
N ILE E 73 -8.39 0.77 14.51
CA ILE E 73 -7.71 1.87 15.19
C ILE E 73 -6.22 1.62 15.11
N MET E 74 -5.46 2.64 14.71
CA MET E 74 -4.03 2.55 14.54
C MET E 74 -3.34 3.22 15.71
N ALA E 75 -2.47 2.48 16.38
CA ALA E 75 -1.73 3.00 17.51
C ALA E 75 -0.39 2.31 17.58
N ARG E 76 0.49 2.86 18.40
CA ARG E 76 1.84 2.33 18.61
C ARG E 76 2.01 2.06 20.08
N TYR E 77 2.54 0.89 20.42
CA TYR E 77 2.61 0.41 21.79
C TYR E 77 4.03 0.01 22.10
N TYR E 78 4.26 -0.28 23.38
CA TYR E 78 5.55 -0.77 23.87
C TYR E 78 5.26 -2.06 24.65
N LEU E 79 5.38 -3.20 23.99
CA LEU E 79 5.09 -4.49 24.59
C LEU E 79 6.31 -5.08 25.29
N GLY E 80 6.18 -5.30 26.60
CA GLY E 80 7.22 -5.94 27.40
C GLY E 80 6.82 -7.29 27.97
N LEU E 81 7.59 -8.33 27.69
CA LEU E 81 7.35 -9.67 28.21
C LEU E 81 8.41 -10.02 29.22
N ILE E 82 7.99 -10.57 30.35
CA ILE E 82 8.89 -10.97 31.44
C ILE E 82 8.58 -12.40 31.83
N TRP E 83 9.61 -13.23 31.94
CA TRP E 83 9.47 -14.59 32.42
C TRP E 83 10.80 -15.02 33.04
N ILE E 84 10.86 -16.28 33.47
CA ILE E 84 11.99 -16.81 34.22
C ILE E 84 12.52 -18.06 33.52
N ASP E 85 13.82 -18.09 33.30
CA ASP E 85 14.52 -19.24 32.73
C ASP E 85 15.34 -19.91 33.82
N GLU E 86 15.20 -21.23 33.94
CA GLU E 86 15.92 -21.98 34.96
C GLU E 86 17.23 -22.59 34.48
N LYS E 87 17.50 -22.56 33.17
CA LYS E 87 18.78 -23.03 32.64
C LYS E 87 19.80 -21.92 32.44
N LEU E 88 19.44 -20.67 32.75
CA LEU E 88 20.28 -19.52 32.49
C LEU E 88 20.52 -18.73 33.77
N THR E 89 21.00 -19.41 34.81
CA THR E 89 21.28 -18.80 36.10
C THR E 89 22.71 -19.13 36.49
N TRP E 90 23.38 -18.16 37.12
CA TRP E 90 24.77 -18.35 37.52
C TRP E 90 25.00 -17.63 38.83
N ASN E 91 26.14 -17.94 39.45
CA ASN E 91 26.57 -17.28 40.67
C ASN E 91 27.50 -16.13 40.29
N PRO E 92 27.12 -14.87 40.51
CA PRO E 92 27.97 -13.77 40.04
C PRO E 92 29.34 -13.72 40.69
N LEU E 93 29.52 -14.33 41.85
CA LEU E 93 30.84 -14.29 42.49
C LEU E 93 31.89 -15.11 41.76
N ASP E 94 31.49 -15.93 40.79
CA ASP E 94 32.42 -16.77 40.03
C ASP E 94 32.81 -16.15 38.70
N TYR E 95 32.28 -14.97 38.37
CA TYR E 95 32.57 -14.30 37.11
C TYR E 95 32.89 -12.83 37.34
N ASN E 96 33.47 -12.51 38.49
CA ASN E 96 33.87 -11.15 38.83
C ASN E 96 32.65 -10.24 38.90
N ASN E 97 31.53 -10.78 39.39
CA ASN E 97 30.37 -9.99 39.75
C ASN E 97 29.55 -9.53 38.56
N ILE E 98 29.60 -10.27 37.44
CA ILE E 98 28.68 -10.00 36.34
C ILE E 98 27.28 -10.36 36.80
N THR E 99 26.35 -9.40 36.67
CA THR E 99 24.98 -9.58 37.13
C THR E 99 23.94 -9.57 36.02
N SER E 100 24.28 -9.15 34.81
CA SER E 100 23.34 -9.22 33.71
C SER E 100 24.10 -9.18 32.40
N ILE E 101 23.55 -9.86 31.39
CA ILE E 101 24.11 -9.87 30.04
C ILE E 101 23.00 -9.60 29.05
N TYR E 102 23.40 -9.38 27.79
CA TYR E 102 22.49 -9.15 26.69
C TYR E 102 22.73 -10.24 25.65
N LEU E 103 21.66 -10.96 25.30
CA LEU E 103 21.75 -12.08 24.37
C LEU E 103 20.94 -11.77 23.12
N PRO E 104 21.31 -12.31 21.97
CA PRO E 104 20.44 -12.15 20.80
C PRO E 104 19.13 -12.88 21.01
N LYS E 105 18.05 -12.27 20.54
CA LYS E 105 16.71 -12.78 20.81
C LYS E 105 16.50 -14.16 20.22
N ASP E 106 17.22 -14.52 19.16
CA ASP E 106 16.97 -15.76 18.44
C ASP E 106 17.82 -16.93 18.92
N LYS E 107 18.60 -16.76 19.99
CA LYS E 107 19.39 -17.83 20.57
C LYS E 107 18.72 -18.50 21.77
N ILE E 108 17.62 -17.94 22.28
CA ILE E 108 17.04 -18.34 23.54
C ILE E 108 15.56 -18.67 23.30
N TRP E 109 15.00 -19.50 24.16
CA TRP E 109 13.57 -19.77 24.11
C TRP E 109 12.81 -18.49 24.46
N THR E 110 11.72 -18.27 23.72
CA THR E 110 10.91 -17.06 23.82
C THR E 110 9.44 -17.45 23.79
N PRO E 111 8.60 -16.92 24.68
CA PRO E 111 7.19 -17.31 24.67
C PRO E 111 6.54 -16.87 23.37
N PRO E 112 5.65 -17.67 22.77
CA PRO E 112 5.05 -17.27 21.49
C PRO E 112 3.80 -16.43 21.67
N ILE E 113 3.97 -15.24 22.23
CA ILE E 113 2.85 -14.35 22.51
C ILE E 113 2.50 -13.61 21.23
N LYS E 114 1.33 -13.88 20.68
CA LYS E 114 0.85 -13.27 19.45
C LYS E 114 -0.29 -12.31 19.76
N MET E 115 -0.35 -11.22 19.00
CA MET E 115 -1.45 -10.25 19.08
C MET E 115 -2.52 -10.75 18.13
N CYS E 116 -3.45 -11.55 18.64
CA CYS E 116 -4.39 -12.29 17.82
C CYS E 116 -5.71 -11.56 17.61
N ASN E 117 -5.69 -10.23 17.68
CA ASN E 117 -6.82 -9.41 17.29
C ASN E 117 -6.39 -8.28 16.37
N SER E 118 -5.11 -8.22 16.00
CA SER E 118 -4.51 -7.04 15.39
C SER E 118 -3.74 -7.46 14.14
N MET E 119 -3.56 -6.50 13.25
CA MET E 119 -2.70 -6.66 12.08
C MET E 119 -1.38 -5.97 12.41
N ASP E 120 -0.34 -6.76 12.63
CA ASP E 120 0.94 -6.24 13.11
C ASP E 120 1.70 -5.66 11.93
N LYS E 121 1.67 -4.34 11.80
CA LYS E 121 2.37 -3.63 10.74
C LYS E 121 3.70 -3.05 11.21
N SER E 122 4.38 -3.72 12.12
CA SER E 122 5.67 -3.23 12.58
C SER E 122 6.71 -3.45 11.50
N GLU E 123 7.82 -2.72 11.60
CA GLU E 123 8.91 -2.78 10.63
C GLU E 123 10.04 -3.71 11.08
N GLU E 124 9.90 -4.39 12.23
CA GLU E 124 10.85 -5.38 12.70
C GLU E 124 10.13 -6.71 12.87
N ASN E 125 10.92 -7.77 12.93
CA ASN E 125 10.42 -9.13 13.05
C ASN E 125 10.54 -9.57 14.50
N ASP E 126 9.86 -10.67 14.84
CA ASP E 126 9.82 -11.19 16.20
C ASP E 126 10.99 -12.11 16.51
N GLY E 127 12.10 -12.00 15.77
CA GLY E 127 13.28 -12.79 16.02
C GLY E 127 14.56 -12.01 15.80
N VAL E 128 14.48 -10.68 15.83
CA VAL E 128 15.63 -9.79 15.68
C VAL E 128 15.54 -8.76 16.79
N GLY E 129 16.65 -8.54 17.49
CA GLY E 129 16.72 -7.67 18.64
C GLY E 129 17.51 -8.34 19.73
N GLU E 130 17.27 -7.90 20.97
CA GLU E 130 18.00 -8.40 22.12
C GLU E 130 17.09 -8.47 23.32
N LEU E 131 17.52 -9.22 24.32
CA LEU E 131 16.82 -9.37 25.58
C LEU E 131 17.84 -9.37 26.69
N MET E 132 17.46 -8.84 27.84
CA MET E 132 18.35 -8.73 28.99
C MET E 132 18.08 -9.92 29.91
N LEU E 133 19.15 -10.59 30.31
CA LEU E 133 19.09 -11.74 31.20
C LEU E 133 19.81 -11.40 32.50
N THR E 134 19.19 -11.76 33.63
CA THR E 134 19.72 -11.48 34.95
C THR E 134 20.20 -12.79 35.57
N TYR E 135 21.11 -12.68 36.54
CA TYR E 135 21.73 -13.86 37.13
C TYR E 135 20.73 -14.75 37.84
N THR E 136 19.55 -14.25 38.20
CA THR E 136 18.52 -15.08 38.80
C THR E 136 17.70 -15.82 37.77
N GLY E 137 17.90 -15.56 36.47
CA GLY E 137 17.13 -16.19 35.42
C GLY E 137 16.04 -15.33 34.81
N TRP E 138 15.77 -14.16 35.39
CA TRP E 138 14.67 -13.35 34.90
C TRP E 138 15.05 -12.66 33.61
N ILE E 139 14.20 -12.77 32.60
CA ILE E 139 14.45 -12.22 31.28
C ILE E 139 13.47 -11.09 31.03
N ASN E 140 13.98 -9.95 30.58
CA ASN E 140 13.19 -8.83 30.12
C ASN E 140 13.32 -8.71 28.61
N MET E 141 12.20 -8.57 27.91
CA MET E 141 12.19 -8.48 26.46
C MET E 141 11.18 -7.42 26.06
N TRP E 142 11.67 -6.29 25.56
CA TRP E 142 10.86 -5.13 25.21
C TRP E 142 10.90 -4.89 23.71
N SER E 143 9.79 -4.40 23.15
CA SER E 143 9.67 -4.25 21.72
C SER E 143 8.67 -3.16 21.37
N PHE E 144 8.78 -2.67 20.13
CA PHE E 144 7.84 -1.72 19.55
C PHE E 144 6.90 -2.48 18.62
N ARG E 145 5.60 -2.27 18.80
CA ARG E 145 4.59 -2.86 17.92
C ARG E 145 3.63 -1.78 17.47
N LEU E 146 3.49 -1.61 16.17
CA LEU E 146 2.46 -0.79 15.56
C LEU E 146 1.33 -1.70 15.12
N LEU E 147 0.14 -1.49 15.68
CA LEU E 147 -0.98 -2.41 15.54
C LEU E 147 -2.17 -1.71 14.90
N HIS E 148 -2.84 -2.42 14.00
CA HIS E 148 -4.12 -2.03 13.44
C HIS E 148 -5.13 -3.01 14.03
N THR E 149 -5.75 -2.62 15.14
CA THR E 149 -6.55 -3.55 15.93
C THR E 149 -8.03 -3.32 15.66
N TYR E 150 -8.74 -4.41 15.41
CA TYR E 150 -10.14 -4.34 15.01
C TYR E 150 -11.02 -3.88 16.16
N CYS E 151 -11.92 -2.96 15.88
CA CYS E 151 -12.87 -2.44 16.85
C CYS E 151 -14.24 -2.36 16.24
N GLN E 152 -15.25 -2.78 17.01
CA GLN E 152 -16.65 -2.63 16.61
C GLN E 152 -17.11 -1.25 17.08
N ILE E 153 -17.28 -0.33 16.12
CA ILE E 153 -17.48 1.08 16.41
C ILE E 153 -18.97 1.36 16.42
N ASN E 154 -19.47 1.85 17.55
CA ASN E 154 -20.87 2.22 17.71
C ASN E 154 -20.99 3.73 17.52
N ALA E 155 -21.47 4.14 16.36
CA ALA E 155 -21.60 5.56 16.01
C ALA E 155 -23.00 6.10 16.32
N TYR E 156 -23.71 5.46 17.26
CA TYR E 156 -25.07 5.84 17.59
C TYR E 156 -25.17 7.31 17.99
N THR E 157 -24.33 7.73 18.95
CA THR E 157 -24.44 9.05 19.57
C THR E 157 -23.48 10.05 18.93
N TYR E 158 -23.26 9.96 17.62
CA TYR E 158 -22.35 10.88 16.97
C TYR E 158 -22.90 12.31 17.09
N PRO E 159 -22.04 13.33 17.30
CA PRO E 159 -20.59 13.33 17.54
C PRO E 159 -20.22 13.28 19.02
N PHE E 160 -21.17 13.00 19.90
CA PHE E 160 -20.89 12.80 21.33
C PHE E 160 -20.74 11.31 21.63
N ASP E 161 -19.88 10.63 20.88
CA ASP E 161 -19.83 9.18 20.87
C ASP E 161 -18.67 8.65 21.70
N GLU E 162 -18.86 7.46 22.26
CA GLU E 162 -17.85 6.75 23.03
C GLU E 162 -17.67 5.36 22.44
N HIS E 163 -16.45 4.85 22.51
CA HIS E 163 -16.12 3.54 21.96
C HIS E 163 -15.24 2.77 22.93
N THR E 164 -15.30 1.44 22.80
CA THR E 164 -14.49 0.52 23.59
C THR E 164 -13.79 -0.45 22.66
N CYS E 165 -12.46 -0.43 22.65
CA CYS E 165 -11.64 -1.30 21.83
C CYS E 165 -10.77 -2.16 22.71
N GLU E 166 -10.78 -3.46 22.46
CA GLU E 166 -10.05 -4.46 23.24
C GLU E 166 -8.88 -4.98 22.43
N ILE E 167 -7.67 -4.87 22.99
CA ILE E 167 -6.45 -5.39 22.38
C ILE E 167 -6.12 -6.71 23.05
N TYR E 168 -6.05 -7.78 22.26
CA TYR E 168 -5.89 -9.13 22.78
C TYR E 168 -4.44 -9.59 22.67
N LEU E 169 -3.98 -10.29 23.71
CA LEU E 169 -2.75 -11.08 23.67
C LEU E 169 -3.12 -12.53 23.93
N CYS E 170 -2.47 -13.46 23.23
CA CYS E 170 -2.80 -14.86 23.41
C CYS E 170 -1.60 -15.72 23.03
N VAL E 171 -1.32 -16.72 23.88
CA VAL E 171 -0.30 -17.71 23.56
C VAL E 171 -0.64 -18.40 22.26
N ALA E 172 0.38 -18.68 21.45
CA ALA E 172 0.14 -19.14 20.09
C ALA E 172 -0.36 -20.57 20.06
N LEU E 173 0.46 -21.51 20.53
CA LEU E 173 0.21 -22.94 20.35
C LEU E 173 0.28 -23.74 21.63
N HIS E 174 0.84 -23.20 22.72
CA HIS E 174 1.02 -23.98 23.91
C HIS E 174 -0.24 -23.98 24.75
N THR E 175 -0.54 -25.11 25.37
CA THR E 175 -1.69 -25.19 26.24
C THR E 175 -1.37 -24.58 27.60
N ILE E 176 -2.42 -24.33 28.39
CA ILE E 176 -2.24 -23.77 29.72
C ILE E 176 -1.42 -24.66 30.64
N ASN E 177 -1.21 -25.92 30.28
CA ASN E 177 -0.31 -26.78 31.05
C ASN E 177 1.16 -26.55 30.70
N HIS E 178 1.45 -25.77 29.66
CA HIS E 178 2.83 -25.50 29.26
C HIS E 178 3.20 -24.04 29.40
N THR E 179 2.45 -23.13 28.77
CA THR E 179 2.74 -21.69 28.81
C THR E 179 1.49 -20.93 29.17
N ARG E 180 1.64 -19.93 30.03
CA ARG E 180 0.52 -19.19 30.58
C ARG E 180 0.85 -17.71 30.58
N ILE E 181 -0.17 -16.87 30.36
CA ILE E 181 -0.05 -15.43 30.55
C ILE E 181 -0.51 -15.15 31.98
N LYS E 182 0.46 -14.95 32.88
CA LYS E 182 0.14 -14.77 34.29
C LYS E 182 -0.70 -13.53 34.52
N GLU E 183 -0.37 -12.44 33.84
CA GLU E 183 -0.92 -11.15 34.19
C GLU E 183 -0.65 -10.19 33.03
N LEU E 184 -1.48 -9.15 32.94
CA LEU E 184 -1.32 -8.12 31.91
C LEU E 184 -1.50 -6.77 32.58
N ILE E 185 -0.48 -5.93 32.49
CA ILE E 185 -0.51 -4.59 33.05
C ILE E 185 -0.51 -3.61 31.88
N TYR E 186 -1.59 -2.86 31.73
CA TYR E 186 -1.72 -1.89 30.66
C TYR E 186 -1.78 -0.49 31.24
N GLU E 187 -1.08 0.44 30.60
CA GLU E 187 -1.04 1.83 31.04
C GLU E 187 -0.95 2.72 29.81
N ASP E 188 -1.01 4.02 30.05
CA ASP E 188 -0.85 5.04 29.01
C ASP E 188 0.43 5.82 29.29
N SER E 189 1.31 5.88 28.30
CA SER E 189 2.60 6.49 28.54
C SER E 189 2.56 8.01 28.49
N LYS E 190 1.45 8.60 28.03
CA LYS E 190 1.28 10.05 28.01
C LYS E 190 2.38 10.74 27.21
N PHE E 191 2.94 10.03 26.22
CA PHE E 191 4.06 10.58 25.47
C PHE E 191 3.63 11.82 24.68
N THR E 192 2.43 11.78 24.09
CA THR E 192 1.86 12.93 23.42
C THR E 192 0.39 13.06 23.81
N GLN E 193 -0.13 14.27 23.67
CA GLN E 193 -1.55 14.54 23.83
C GLN E 193 -2.22 14.52 22.47
N ASN E 194 -3.48 14.09 22.46
CA ASN E 194 -4.17 13.78 21.22
C ASN E 194 -4.94 14.98 20.66
N TYR E 195 -5.84 15.56 21.47
CA TYR E 195 -6.73 16.68 21.11
C TYR E 195 -7.93 16.24 20.28
N LYS E 196 -8.13 14.96 20.08
CA LYS E 196 -9.23 14.43 19.29
C LYS E 196 -10.04 13.40 20.05
N TRP E 197 -9.39 12.60 20.90
CA TRP E 197 -10.04 11.55 21.65
C TRP E 197 -9.53 11.58 23.09
N ASP E 198 -10.45 11.39 24.03
CA ASP E 198 -10.09 11.22 25.43
C ASP E 198 -9.82 9.74 25.67
N ILE E 199 -8.55 9.39 25.89
CA ILE E 199 -8.13 8.00 26.03
C ILE E 199 -8.08 7.67 27.51
N ASN E 200 -8.54 6.46 27.86
CA ASN E 200 -8.54 5.99 29.24
C ASN E 200 -8.16 4.51 29.20
N VAL E 201 -6.86 4.24 29.25
CA VAL E 201 -6.33 2.88 29.28
C VAL E 201 -5.44 2.74 30.52
N SER E 202 -5.90 2.00 31.50
CA SER E 202 -5.14 1.78 32.72
C SER E 202 -5.77 0.68 33.56
N GLY E 203 -4.97 -0.29 33.99
CA GLY E 203 -5.50 -1.38 34.78
C GLY E 203 -4.51 -2.51 34.90
N LYS E 204 -5.02 -3.63 35.43
CA LYS E 204 -4.19 -4.80 35.67
C LYS E 204 -5.15 -5.99 35.75
N VAL E 205 -5.07 -6.90 34.79
CA VAL E 205 -6.01 -8.01 34.65
C VAL E 205 -5.23 -9.32 34.62
N ASN E 206 -5.75 -10.32 35.33
CA ASN E 206 -5.20 -11.66 35.25
C ASN E 206 -5.50 -12.27 33.89
N GLY E 207 -4.68 -13.24 33.50
CA GLY E 207 -4.92 -13.96 32.27
C GLY E 207 -6.08 -14.93 32.40
N THR E 208 -6.70 -15.23 31.28
CA THR E 208 -7.83 -16.16 31.21
C THR E 208 -7.32 -17.50 30.72
N ASP E 209 -7.56 -18.55 31.48
CA ASP E 209 -7.05 -19.90 31.20
C ASP E 209 -8.22 -20.79 30.79
N GLU E 210 -8.53 -20.80 29.51
CA GLU E 210 -9.53 -21.70 28.93
C GLU E 210 -8.87 -22.31 27.70
N LEU E 211 -8.19 -23.44 27.91
CA LEU E 211 -7.47 -24.18 26.88
C LEU E 211 -6.15 -23.48 26.56
N PHE E 212 -6.20 -22.32 25.91
N PHE E 212 -6.23 -22.32 25.91
CA PHE E 212 -5.02 -21.52 25.62
CA PHE E 212 -5.08 -21.47 25.59
C PHE E 212 -5.15 -20.17 26.29
C PHE E 212 -5.19 -20.18 26.37
N SER E 213 -4.08 -19.76 26.98
CA SER E 213 -4.10 -18.54 27.78
C SER E 213 -4.22 -17.30 26.89
N TYR E 214 -4.95 -16.31 27.38
CA TYR E 214 -5.06 -15.03 26.69
C TYR E 214 -5.55 -13.97 27.67
N ALA E 215 -5.50 -12.72 27.23
CA ALA E 215 -5.97 -11.59 28.02
C ALA E 215 -6.18 -10.42 27.08
N PHE E 216 -6.87 -9.39 27.57
CA PHE E 216 -7.10 -8.20 26.76
C PHE E 216 -7.18 -6.95 27.61
N ALA E 217 -6.67 -5.85 27.07
CA ALA E 217 -6.70 -4.54 27.69
C ALA E 217 -7.82 -3.71 27.09
N PRO E 218 -8.79 -3.19 27.85
CA PRO E 218 -9.84 -2.35 27.22
C PRO E 218 -9.40 -0.91 27.10
N MET E 219 -9.55 -0.34 25.90
CA MET E 219 -9.34 1.08 25.65
C MET E 219 -10.68 1.77 25.48
N TYR E 220 -10.96 2.74 26.34
CA TYR E 220 -12.16 3.56 26.22
C TYR E 220 -11.80 4.89 25.57
N LEU E 221 -12.58 5.29 24.57
CA LEU E 221 -12.28 6.46 23.75
C LEU E 221 -13.54 7.32 23.64
N ARG E 222 -13.44 8.56 24.08
CA ARG E 222 -14.52 9.54 23.96
C ARG E 222 -14.04 10.69 23.10
N ARG E 223 -14.78 10.99 22.03
CA ARG E 223 -14.38 12.07 21.14
C ARG E 223 -14.43 13.40 21.90
N LYS E 224 -13.37 14.18 21.77
CA LYS E 224 -13.29 15.45 22.47
C LYS E 224 -14.12 16.50 21.75
N LEU E 225 -14.63 17.45 22.53
CA LEU E 225 -15.57 18.44 22.03
C LEU E 225 -14.82 19.71 21.64
N THR E 226 -14.04 19.60 20.58
CA THR E 226 -13.42 20.77 19.97
C THR E 226 -14.48 21.62 19.30
N VAL E 227 -14.20 22.93 19.21
CA VAL E 227 -15.17 23.84 18.61
C VAL E 227 -15.23 23.73 17.09
N GLY E 228 -14.33 22.97 16.48
CA GLY E 228 -14.42 22.75 15.04
C GLY E 228 -15.69 22.01 14.66
N ILE E 229 -16.04 20.97 15.42
CA ILE E 229 -17.28 20.26 15.13
C ILE E 229 -18.49 21.14 15.42
N ILE E 230 -18.41 22.02 16.42
CA ILE E 230 -19.51 22.96 16.65
C ILE E 230 -19.69 23.86 15.45
N ALA E 231 -18.59 24.35 14.88
CA ALA E 231 -18.66 25.16 13.68
C ALA E 231 -19.27 24.37 12.53
N MET E 232 -18.93 23.09 12.43
CA MET E 232 -19.55 22.23 11.43
C MET E 232 -21.04 22.08 11.69
N LEU E 233 -21.45 22.07 12.96
CA LEU E 233 -22.88 21.93 13.29
C LEU E 233 -23.68 23.16 12.90
N ILE E 234 -23.11 24.35 13.06
CA ILE E 234 -23.79 25.64 12.77
C ILE E 234 -24.62 25.63 11.49
N PRO E 235 -24.05 25.26 10.33
CA PRO E 235 -24.88 25.23 9.11
C PRO E 235 -26.09 24.34 9.23
N THR E 236 -25.97 23.21 9.94
CA THR E 236 -27.11 22.31 10.07
C THR E 236 -28.24 23.00 10.83
N VAL E 237 -27.94 23.60 11.98
CA VAL E 237 -29.01 24.19 12.80
C VAL E 237 -29.66 25.36 12.07
N MET E 238 -28.86 26.20 11.40
CA MET E 238 -29.50 27.27 10.65
C MET E 238 -30.33 26.73 9.50
N MET E 239 -29.93 25.59 8.93
CA MET E 239 -30.78 24.95 7.94
C MET E 239 -32.08 24.46 8.57
N THR E 240 -32.04 24.03 9.83
CA THR E 240 -33.29 23.70 10.51
C THR E 240 -34.20 24.91 10.58
N ILE E 241 -33.63 26.07 10.92
CA ILE E 241 -34.42 27.29 10.98
C ILE E 241 -35.02 27.60 9.61
N LEU E 242 -34.22 27.46 8.56
CA LEU E 242 -34.69 27.78 7.21
C LEU E 242 -35.78 26.82 6.74
N THR E 243 -35.63 25.52 7.01
CA THR E 243 -36.67 24.57 6.61
C THR E 243 -37.96 24.80 7.39
N ILE E 244 -37.88 25.09 8.69
CA ILE E 244 -39.13 25.36 9.41
C ILE E 244 -39.81 26.60 8.83
N PHE E 245 -39.02 27.60 8.47
CA PHE E 245 -39.53 28.86 7.88
C PHE E 245 -40.28 28.56 6.59
N VAL E 246 -39.67 27.81 5.69
CA VAL E 246 -40.30 27.55 4.40
C VAL E 246 -41.51 26.64 4.56
N PHE E 247 -41.46 25.70 5.50
CA PHE E 247 -42.60 24.82 5.70
C PHE E 247 -43.76 25.54 6.39
N LEU E 248 -43.48 26.63 7.11
CA LEU E 248 -44.51 27.49 7.70
C LEU E 248 -44.56 28.83 6.95
N LEU E 249 -44.34 28.78 5.65
CA LEU E 249 -44.50 29.94 4.78
C LEU E 249 -45.98 30.05 4.40
N PRO E 250 -46.46 31.25 4.04
CA PRO E 250 -47.85 31.36 3.59
C PRO E 250 -48.08 30.59 2.31
N PRO E 251 -49.26 29.99 2.10
CA PRO E 251 -49.47 29.16 0.91
C PRO E 251 -49.27 29.89 -0.42
N GLU E 252 -49.49 31.20 -0.45
CA GLU E 252 -49.42 32.00 -1.68
C GLU E 252 -48.36 33.10 -1.57
N SER E 253 -47.21 32.76 -0.98
CA SER E 253 -46.11 33.72 -0.90
C SER E 253 -45.60 34.09 -2.29
N GLY E 254 -45.57 33.13 -3.21
CA GLY E 254 -45.06 33.33 -4.55
C GLY E 254 -43.64 32.86 -4.78
N GLU E 255 -43.02 32.21 -3.79
CA GLU E 255 -41.70 31.60 -3.96
C GLU E 255 -41.60 30.26 -3.24
N LYS E 256 -42.73 29.70 -2.79
CA LYS E 256 -42.71 28.50 -1.96
C LYS E 256 -42.11 27.32 -2.71
N VAL E 257 -42.55 27.10 -3.96
CA VAL E 257 -42.10 25.94 -4.70
C VAL E 257 -40.59 25.98 -4.94
N SER E 258 -40.10 27.10 -5.47
CA SER E 258 -38.67 27.20 -5.77
C SER E 258 -37.83 27.13 -4.50
N LEU E 259 -38.27 27.83 -3.45
CA LEU E 259 -37.52 27.81 -2.19
C LEU E 259 -37.46 26.41 -1.62
N ALA E 260 -38.60 25.72 -1.54
CA ALA E 260 -38.63 24.37 -1.01
C ALA E 260 -37.80 23.42 -1.86
N THR E 261 -37.82 23.60 -3.19
CA THR E 261 -37.02 22.75 -4.06
C THR E 261 -35.53 22.91 -3.77
N THR E 262 -35.06 24.15 -3.67
CA THR E 262 -33.64 24.37 -3.40
C THR E 262 -33.25 23.83 -2.03
N ILE E 263 -34.13 24.04 -1.03
CA ILE E 263 -33.85 23.52 0.30
C ILE E 263 -33.76 22.00 0.26
N PHE E 264 -34.65 21.36 -0.49
CA PHE E 264 -34.61 19.91 -0.62
C PHE E 264 -33.33 19.45 -1.29
N LEU E 265 -32.87 20.17 -2.31
CA LEU E 265 -31.62 19.82 -2.97
C LEU E 265 -30.46 19.87 -1.97
N SER E 266 -30.39 20.95 -1.19
CA SER E 266 -29.31 21.07 -0.22
C SER E 266 -29.41 19.98 0.84
N ASN E 267 -30.64 19.65 1.25
CA ASN E 267 -30.86 18.60 2.24
C ASN E 267 -30.35 17.25 1.73
N VAL E 268 -30.66 16.94 0.48
CA VAL E 268 -30.20 15.70 -0.13
C VAL E 268 -28.67 15.68 -0.20
N LEU E 269 -28.07 16.82 -0.56
CA LEU E 269 -26.61 16.88 -0.62
C LEU E 269 -26.00 16.61 0.75
N TYR E 270 -26.54 17.21 1.80
CA TYR E 270 -26.01 16.95 3.15
C TYR E 270 -26.22 15.50 3.56
N LEU E 271 -27.40 14.94 3.28
CA LEU E 271 -27.67 13.56 3.66
C LEU E 271 -26.73 12.61 2.96
N VAL E 272 -26.37 12.91 1.71
CA VAL E 272 -25.41 12.09 1.00
C VAL E 272 -24.02 12.26 1.59
N GLN E 273 -23.64 13.50 1.91
CA GLN E 273 -22.26 13.75 2.32
C GLN E 273 -21.97 13.19 3.70
N ILE E 274 -22.96 13.17 4.60
CA ILE E 274 -22.70 12.64 5.94
C ILE E 274 -22.35 11.16 5.90
N ASP E 275 -22.88 10.43 4.92
CA ASP E 275 -22.67 8.99 4.85
C ASP E 275 -21.19 8.63 4.68
N LYS E 276 -20.45 9.41 3.89
CA LYS E 276 -19.09 9.05 3.53
C LYS E 276 -18.13 9.05 4.72
N THR E 277 -18.48 9.70 5.83
CA THR E 277 -17.63 9.72 7.03
C THR E 277 -18.12 8.75 8.09
N THR E 278 -19.43 8.59 8.20
CA THR E 278 -20.04 7.71 9.17
C THR E 278 -19.86 6.24 8.78
N PRO E 279 -19.83 5.32 9.75
CA PRO E 279 -19.67 3.91 9.43
C PRO E 279 -20.99 3.22 9.12
N THR E 280 -20.89 2.12 8.37
CA THR E 280 -22.03 1.29 8.02
C THR E 280 -22.16 0.04 8.88
N ASN E 281 -21.23 -0.21 9.79
CA ASN E 281 -21.22 -1.40 10.64
C ASN E 281 -21.41 -0.96 12.09
N THR E 282 -22.67 -0.80 12.50
CA THR E 282 -23.01 -0.33 13.83
C THR E 282 -24.22 -1.09 14.34
N LYS E 283 -24.32 -1.21 15.66
CA LYS E 283 -25.53 -1.80 16.25
C LYS E 283 -26.76 -0.98 15.88
N TYR E 284 -26.66 0.33 15.94
CA TYR E 284 -27.71 1.25 15.55
C TYR E 284 -27.13 2.33 14.65
N PRO E 285 -27.92 2.90 13.73
CA PRO E 285 -27.42 4.08 13.00
C PRO E 285 -27.42 5.29 13.91
N SER E 286 -26.76 6.34 13.45
CA SER E 286 -26.66 7.54 14.28
C SER E 286 -27.97 8.32 14.31
N LEU E 287 -28.27 8.85 15.49
CA LEU E 287 -29.39 9.76 15.64
C LEU E 287 -29.31 10.90 14.64
N LEU E 288 -28.09 11.34 14.29
CA LEU E 288 -27.96 12.37 13.26
C LEU E 288 -28.51 11.88 11.91
N MET E 289 -28.24 10.62 11.54
CA MET E 289 -28.88 10.04 10.36
C MET E 289 -30.39 10.14 10.45
N LEU E 290 -30.96 9.65 11.55
CA LEU E 290 -32.41 9.57 11.62
C LEU E 290 -33.03 10.96 11.65
N TYR E 291 -32.35 11.92 12.28
CA TYR E 291 -32.89 13.27 12.39
C TYR E 291 -32.80 14.00 11.06
N LEU E 292 -31.70 13.82 10.33
CA LEU E 292 -31.62 14.45 9.01
C LEU E 292 -32.56 13.78 8.02
N MET E 293 -32.88 12.51 8.23
CA MET E 293 -33.89 11.88 7.39
C MET E 293 -35.27 12.46 7.68
N LEU E 294 -35.57 12.71 8.96
CA LEU E 294 -36.83 13.35 9.31
C LEU E 294 -36.89 14.74 8.68
N LEU E 295 -35.80 15.48 8.74
CA LEU E 295 -35.78 16.84 8.18
C LEU E 295 -35.98 16.80 6.67
N SER E 296 -35.31 15.87 5.99
CA SER E 296 -35.48 15.75 4.54
C SER E 296 -36.92 15.36 4.19
N MET E 297 -37.51 14.45 4.97
CA MET E 297 -38.89 14.06 4.73
C MET E 297 -39.83 15.25 4.91
N LEU E 298 -39.59 16.07 5.93
CA LEU E 298 -40.41 17.25 6.14
C LEU E 298 -40.27 18.22 4.98
N SER E 299 -39.05 18.39 4.47
CA SER E 299 -38.87 19.26 3.30
C SER E 299 -39.62 18.72 2.09
N GLY E 300 -39.58 17.40 1.89
CA GLY E 300 -40.32 16.82 0.78
C GLY E 300 -41.82 17.00 0.92
N ILE E 301 -42.35 16.83 2.13
CA ILE E 301 -43.77 17.02 2.35
C ILE E 301 -44.15 18.48 2.13
N ALA E 302 -43.25 19.40 2.52
CA ALA E 302 -43.50 20.81 2.26
C ALA E 302 -43.57 21.09 0.76
N THR E 303 -42.66 20.50 -0.01
CA THR E 303 -42.68 20.69 -1.45
C THR E 303 -43.96 20.11 -2.06
N LEU E 304 -44.37 18.94 -1.59
CA LEU E 304 -45.62 18.34 -2.08
C LEU E 304 -46.82 19.22 -1.76
N GLY E 305 -46.88 19.75 -0.54
CA GLY E 305 -47.95 20.67 -0.20
C GLY E 305 -47.95 21.91 -1.06
N SER E 306 -46.75 22.43 -1.35
CA SER E 306 -46.64 23.58 -2.24
C SER E 306 -47.19 23.26 -3.63
N VAL E 307 -46.83 22.09 -4.15
CA VAL E 307 -47.33 21.69 -5.46
C VAL E 307 -48.85 21.56 -5.44
N VAL E 308 -49.40 20.97 -4.37
CA VAL E 308 -50.85 20.84 -4.26
C VAL E 308 -51.51 22.21 -4.22
N ILE E 309 -50.93 23.15 -3.46
CA ILE E 309 -51.48 24.50 -3.37
C ILE E 309 -51.47 25.17 -4.74
N SER E 310 -50.34 25.05 -5.46
CA SER E 310 -50.27 25.64 -6.80
C SER E 310 -51.29 25.01 -7.73
N LYS E 311 -51.54 23.71 -7.58
CA LYS E 311 -52.60 23.07 -8.36
C LYS E 311 -53.96 23.67 -8.01
N LEU E 312 -54.22 23.88 -6.73
CA LEU E 312 -55.48 24.47 -6.29
C LEU E 312 -55.46 25.99 -6.45
C1 NAG F . 2.48 -41.24 32.24
C2 NAG F . 2.01 -41.94 33.52
C3 NAG F . 0.51 -42.18 33.46
C4 NAG F . -0.22 -40.86 33.19
C5 NAG F . 0.34 -40.22 31.93
C6 NAG F . -0.26 -38.86 31.66
C7 NAG F . 3.86 -43.30 34.41
C8 NAG F . 4.44 -44.68 34.52
N2 NAG F . 2.72 -43.20 33.71
O3 NAG F . 0.08 -42.72 34.71
O4 NAG F . -1.61 -41.11 33.02
O5 NAG F . 1.75 -40.03 32.06
O6 NAG F . 0.35 -37.86 32.48
O7 NAG F . 4.37 -42.33 34.96
C1 NAG G . 5.97 -51.75 4.19
C2 NAG G . 5.10 -51.96 5.43
C3 NAG G . 5.41 -53.32 6.05
C4 NAG G . 5.26 -54.43 5.01
C5 NAG G . 6.12 -54.12 3.80
C6 NAG G . 5.93 -55.10 2.67
C7 NAG G . 4.36 -50.00 6.73
C8 NAG G . 4.77 -48.98 7.75
N2 NAG G . 5.31 -50.89 6.40
O3 NAG G . 4.51 -53.54 7.13
O4 NAG G . 5.66 -55.67 5.57
O5 NAG G . 5.77 -52.82 3.27
O6 NAG G . 5.31 -54.49 1.55
O7 NAG G . 3.25 -50.01 6.23
H2 NAG G . 4.17 -51.98 5.14
H3 NAG G . 6.33 -53.32 6.40
H4 NAG G . 4.33 -54.48 4.75
H5 NAG G . 7.05 -54.10 4.07
H61 NAG G . 5.37 -55.84 2.99
H62 NAG G . 6.80 -55.46 2.41
H81 NAG G . 5.13 -48.19 7.29
H82 NAG G . 5.45 -49.36 8.34
H83 NAG G . 3.98 -48.73 8.28
HN2 NAG G . 6.13 -50.84 6.80
HO3 NAG G . 4.59 -54.39 7.41
HO4 NAG G . 5.13 -56.31 5.26
HO6 NAG G . 4.50 -54.84 1.44
C1 NAG H . -26.46 -22.53 5.99
C2 NAG H . -27.79 -22.68 6.70
C3 NAG H . -28.29 -24.12 6.60
C4 NAG H . -28.32 -24.57 5.14
C5 NAG H . -26.96 -24.32 4.49
C6 NAG H . -26.96 -24.62 3.01
C7 NAG H . -28.72 -21.77 8.79
C8 NAG H . -28.44 -21.40 10.21
N2 NAG H . -27.70 -22.27 8.09
O3 NAG H . -29.59 -24.22 7.17
O4 NAG H . -28.63 -25.95 5.08
O5 NAG H . -26.59 -22.94 4.64
O6 NAG H . -27.15 -23.43 2.25
O7 NAG H . -29.84 -21.62 8.28
H2 NAG H . -28.44 -22.11 6.25
H3 NAG H . -27.68 -24.70 7.10
H4 NAG H . -29.00 -24.05 4.67
H5 NAG H . -26.29 -24.89 4.93
H61 NAG H . -27.69 -25.24 2.81
H62 NAG H . -26.11 -25.03 2.77
H81 NAG H . -29.25 -21.01 10.61
H82 NAG H . -27.72 -20.75 10.23
H83 NAG H . -28.19 -22.20 10.71
HN2 NAG H . -26.90 -22.36 8.52
HO3 NAG H . -29.84 -25.07 7.20
HO4 NAG H . -29.09 -26.12 4.33
HO6 NAG H . -27.08 -22.72 2.79
C1 NAG I . -16.04 -39.13 2.57
C2 NAG I . -17.43 -39.57 2.13
C3 NAG I . -17.94 -40.67 3.07
C4 NAG I . -16.94 -41.81 3.14
C5 NAG I . -15.57 -41.27 3.53
C6 NAG I . -14.49 -42.33 3.49
C7 NAG I . -18.63 -37.67 3.14
C8 NAG I . -19.62 -36.57 2.90
N2 NAG I . -18.36 -38.46 2.09
O3 NAG I . -19.20 -41.14 2.59
O4 NAG I . -17.35 -42.77 4.10
O5 NAG I . -15.17 -40.25 2.60
O6 NAG I . -15.04 -43.63 3.31
O7 NAG I . -18.10 -37.84 4.23
H2 NAG I . -17.36 -39.96 1.24
H3 NAG I . -18.06 -40.31 3.97
H4 NAG I . -16.88 -42.23 2.26
H5 NAG I . -15.61 -40.89 4.42
H61 NAG I . -14.00 -42.31 4.33
H62 NAG I . -13.87 -42.14 2.75
H81 NAG I . -19.75 -36.07 3.72
H82 NAG I . -20.46 -36.95 2.60
H83 NAG I . -19.26 -35.97 2.20
HN2 NAG I . -18.78 -38.29 1.30
HO3 NAG I . -19.37 -41.94 2.97
HO4 NAG I . -16.87 -43.50 4.02
HO6 NAG I . -14.40 -44.24 3.37
C4 A1BE4 J . -8.65 -22.52 17.95
C5 A1BE4 J . -8.57 -21.16 17.65
C6 A1BE4 J . -9.77 -20.48 17.45
C8 A1BE4 J . -9.74 -19.00 17.08
C13 A1BE4 J . -5.68 -24.86 18.51
C15 A1BE4 J . -7.82 -25.97 18.69
C1 A1BE4 J . -12.45 -22.94 18.01
C11 A1BE4 J . -7.69 -23.57 18.21
C12 A1BE4 J . -6.30 -23.65 18.26
C14 A1BE4 J . -6.43 -26.01 18.73
C16 A1BE4 J . -8.44 -24.74 18.43
C2 A1BE4 J . -11.08 -22.35 17.85
C3 A1BE4 J . -9.92 -23.11 18.05
N17 A1BE4 J . -9.78 -24.46 18.34
N7 A1BE4 J . -10.99 -21.04 17.55
O10 A1BE4 J . -8.62 -18.46 16.92
O9 A1BE4 J . -10.85 -18.42 16.94
H5 A1BE4 J . -7.72 -20.70 17.57
H13 A1BE4 J . -4.70 -24.91 18.53
H15 A1BE4 J . -8.35 -26.78 18.84
H1C A1BE4 J . -13.13 -22.35 17.63
H1A A1BE4 J . -12.65 -23.08 18.95
H1B A1BE4 J . -12.50 -23.81 17.55
H12 A1BE4 J . -5.77 -22.84 18.12
H14 A1BE4 J . -5.98 -26.85 18.91
H17 A1BE4 J . -10.42 -25.05 18.22
C1 NAG K . 8.84 -50.41 -11.29
C2 NAG K . 8.32 -51.80 -11.63
C3 NAG K . 7.47 -51.74 -12.89
C4 NAG K . 6.38 -50.70 -12.76
C5 NAG K . 6.98 -49.36 -12.37
C6 NAG K . 5.94 -48.30 -12.09
C7 NAG K . 9.87 -53.51 -10.79
C8 NAG K . 11.00 -54.42 -11.13
N2 NAG K . 9.41 -52.75 -11.79
O3 NAG K . 6.89 -53.03 -13.13
O4 NAG K . 5.67 -50.56 -13.98
O5 NAG K . 7.75 -49.50 -11.17
O6 NAG K . 5.41 -48.44 -10.78
O7 NAG K . 9.41 -53.44 -9.66
C1 NAG L . 30.58 -34.35 -24.79
C2 NAG L . 29.52 -35.39 -25.10
C3 NAG L . 30.18 -36.72 -25.47
C4 NAG L . 31.19 -36.52 -26.59
C5 NAG L . 32.19 -35.44 -26.21
C6 NAG L . 33.14 -35.09 -27.33
C7 NAG L . 27.31 -35.24 -24.04
C8 NAG L . 26.52 -35.48 -22.78
N2 NAG L . 28.61 -35.57 -23.99
O3 NAG L . 29.18 -37.65 -25.86
O4 NAG L . 31.89 -37.74 -26.84
O5 NAG L . 31.48 -34.23 -25.89
O6 NAG L . 32.91 -33.79 -27.82
O7 NAG L . 26.80 -34.75 -25.04
H2 NAG L . 29.04 -35.09 -25.90
H3 NAG L . 30.64 -37.07 -24.68
H4 NAG L . 30.72 -36.26 -27.40
H5 NAG L . 32.69 -35.72 -25.43
H61 NAG L . 33.02 -35.74 -28.05
H62 NAG L . 34.05 -35.16 -26.99
H81 NAG L . 26.55 -34.68 -22.23
H82 NAG L . 26.93 -36.23 -22.30
H83 NAG L . 25.60 -35.70 -23.01
HN2 NAG L . 28.93 -35.93 -23.22
HO3 NAG L . 29.57 -38.36 -26.24
HO4 NAG L . 32.04 -37.82 -27.71
HO6 NAG L . 32.62 -33.83 -28.66
C1 NAG M . -8.46 -15.60 -30.46
C2 NAG M . -9.62 -16.13 -31.27
C3 NAG M . -9.12 -16.85 -32.52
C4 NAG M . -8.19 -15.95 -33.31
C5 NAG M . -7.09 -15.40 -32.41
C6 NAG M . -6.21 -14.38 -33.10
C7 NAG M . -11.76 -17.19 -30.69
C8 NAG M . -12.47 -18.14 -29.77
N2 NAG M . -10.45 -17.02 -30.47
O3 NAG M . -10.22 -17.25 -33.32
O4 NAG M . -7.61 -16.67 -34.38
O5 NAG M . -7.66 -14.74 -31.27
O6 NAG M . -6.64 -13.05 -32.81
O7 NAG M . -12.36 -16.60 -31.59
H2 NAG M . -10.17 -15.38 -31.56
H3 NAG M . -8.63 -17.64 -32.24
H4 NAG M . -8.71 -15.20 -33.67
H5 NAG M . -6.53 -16.14 -32.10
H61 NAG M . -6.24 -14.53 -34.06
H62 NAG M . -5.29 -14.49 -32.79
H81 NAG M . -13.42 -18.17 -29.99
H82 NAG M . -12.35 -17.85 -28.85
H83 NAG M . -12.08 -19.04 -29.88
HN2 NAG M . -10.07 -17.48 -29.79
HO3 NAG M . -9.93 -17.75 -33.99
HO4 NAG M . -7.47 -16.12 -35.07
HO6 NAG M . -7.22 -13.07 -32.15
C1 NAG N . 9.43 -23.58 -33.87
C2 NAG N . 8.95 -23.37 -35.30
C3 NAG N . 8.75 -24.71 -36.00
C4 NAG N . 10.03 -25.53 -35.92
C5 NAG N . 10.48 -25.65 -34.46
C6 NAG N . 11.81 -26.35 -34.31
C7 NAG N . 6.60 -22.94 -34.70
C8 NAG N . 5.44 -22.00 -34.85
N2 NAG N . 7.72 -22.58 -35.34
O3 NAG N . 8.40 -24.49 -37.36
O4 NAG N . 9.82 -26.83 -36.45
O5 NAG N . 10.63 -24.34 -33.88
O6 NAG N . 12.23 -26.92 -35.53
O7 NAG N . 6.52 -23.96 -34.05
H2 NAG N . 9.63 -22.88 -35.79
H3 NAG N . 8.04 -25.21 -35.56
H4 NAG N . 10.73 -25.08 -36.43
H5 NAG N . 9.81 -26.14 -33.96
H61 NAG N . 11.73 -27.04 -33.64
H62 NAG N . 12.48 -25.69 -34.03
H81 NAG N . 4.66 -22.36 -34.38
H82 NAG N . 5.21 -21.90 -35.80
H83 NAG N . 5.67 -21.13 -34.48
HN2 NAG N . 7.72 -21.80 -35.82
HO3 NAG N . 8.55 -25.23 -37.82
HO4 NAG N . 10.60 -27.23 -36.58
HO6 NAG N . 13.00 -27.35 -35.41
C4 A1BE4 O . -2.11 -26.88 -13.35
C5 A1BE4 O . -2.67 -25.85 -12.59
C6 A1BE4 O . -3.79 -25.18 -13.12
C8 A1BE4 O . -4.40 -24.03 -12.35
C13 A1BE4 O . 0.93 -28.98 -12.40
C15 A1BE4 O . 0.01 -29.55 -14.56
C1 A1BE4 O . -4.50 -26.81 -16.34
C11 A1BE4 O . -1.00 -27.79 -13.21
C12 A1BE4 O . -0.05 -28.01 -12.21
C14 A1BE4 O . 0.95 -29.75 -13.55
C16 A1BE4 O . -0.96 -28.58 -14.37
C2 A1BE4 O . -3.81 -26.46 -15.06
C3 A1BE4 O . -2.69 -27.17 -14.61
N17 A1BE4 O . -1.99 -28.19 -15.20
N7 A1BE4 O . -4.33 -25.47 -14.31
O10 A1BE4 O . -3.86 -23.70 -11.27
O9 A1BE4 O . -5.41 -23.48 -12.85
H5 A1BE4 O . -2.31 -25.61 -11.72
H13 A1BE4 O . 1.60 -29.13 -11.71
H15 A1BE4 O . 0.03 -30.09 -15.38
H1C A1BE4 O . -5.12 -26.10 -16.62
H1A A1BE4 O . -5.02 -27.64 -16.24
H1B A1BE4 O . -3.84 -26.95 -17.05
H12 A1BE4 O . -0.06 -27.49 -11.39
H14 A1BE4 O . 1.64 -30.44 -13.67
H17 A1BE4 O . -2.04 -28.39 -16.07
C1 NAG P . 39.31 -21.48 -27.29
C2 NAG P . 39.87 -21.99 -28.61
C3 NAG P . 39.88 -20.86 -29.65
C4 NAG P . 38.49 -20.25 -29.77
C5 NAG P . 37.98 -19.81 -28.40
C6 NAG P . 36.56 -19.32 -28.43
C7 NAG P . 41.46 -23.81 -28.22
C8 NAG P . 42.91 -24.20 -28.07
N2 NAG P . 41.21 -22.52 -28.44
O3 NAG P . 40.30 -21.37 -30.90
O4 NAG P . 38.53 -19.12 -30.64
O5 NAG P . 38.00 -20.94 -27.50
O6 NAG P . 35.63 -20.40 -28.42
O7 NAG P . 40.56 -24.65 -28.15
C1 NAG Q . 51.75 -3.20 -6.69
C2 NAG Q . 51.75 -3.47 -8.19
C3 NAG Q . 53.11 -4.02 -8.62
C4 NAG Q . 54.23 -3.09 -8.16
C5 NAG Q . 54.12 -2.85 -6.66
C6 NAG Q . 55.12 -1.84 -6.15
C7 NAG Q . 49.65 -4.02 -9.34
C8 NAG Q . 48.65 -5.11 -9.61
N2 NAG Q . 50.69 -4.37 -8.56
O3 NAG Q . 53.13 -4.14 -10.04
O4 NAG Q . 55.49 -3.67 -8.45
O5 NAG Q . 52.82 -2.33 -6.35
O6 NAG Q . 54.48 -0.65 -5.71
O7 NAG Q . 49.53 -2.89 -9.79
H2 NAG Q . 51.64 -2.60 -8.64
H3 NAG Q . 53.24 -4.89 -8.22
H4 NAG Q . 54.14 -2.23 -8.63
H5 NAG Q . 54.24 -3.69 -6.20
H61 NAG Q . 55.74 -1.62 -6.88
H62 NAG Q . 55.62 -2.23 -5.41
H81 NAG Q . 47.95 -5.08 -8.94
H82 NAG Q . 49.09 -5.97 -9.59
H83 NAG Q . 48.26 -4.96 -10.50
HN2 NAG Q . 50.73 -5.23 -8.26
HO3 NAG Q . 53.96 -4.28 -10.31
HO4 NAG Q . 56.06 -3.03 -8.70
HO6 NAG Q . 54.70 0.02 -6.23
C1 NAG R . 17.60 16.04 -26.02
C2 NAG R . 17.50 16.48 -27.47
C3 NAG R . 18.83 17.00 -27.95
C4 NAG R . 19.35 18.09 -27.02
C5 NAG R . 19.37 17.59 -25.58
C6 NAG R . 19.73 18.65 -24.58
C7 NAG R . 16.34 15.59 -29.44
C8 NAG R . 15.95 14.35 -30.20
N2 NAG R . 17.03 15.39 -28.31
O3 NAG R . 18.70 17.52 -29.27
O4 NAG R . 20.67 18.48 -27.40
O5 NAG R . 18.06 17.12 -25.22
O6 NAG R . 18.57 19.26 -24.03
O7 NAG R . 16.05 16.71 -29.84
H2 NAG R . 16.85 17.21 -27.52
H3 NAG R . 19.48 16.27 -27.97
H4 NAG R . 18.77 18.87 -27.08
H5 NAG R . 20.00 16.85 -25.51
H61 NAG R . 20.27 19.34 -25.02
H62 NAG R . 20.26 18.25 -23.86
H81 NAG R . 15.42 14.59 -30.97
H82 NAG R . 15.42 13.77 -29.61
H83 NAG R . 16.75 13.87 -30.48
HN2 NAG R . 17.23 14.54 -28.06
HO3 NAG R . 19.49 17.73 -29.60
HO4 NAG R . 20.79 19.33 -27.21
HO6 NAG R . 17.86 18.75 -24.20
C1 NAG S . 35.81 12.41 -18.90
C2 NAG S . 36.06 13.72 -19.62
C3 NAG S . 37.01 13.52 -20.79
C4 NAG S . 38.28 12.84 -20.31
C5 NAG S . 37.95 11.57 -19.56
C6 NAG S . 39.17 10.91 -18.94
C7 NAG S . 33.94 13.72 -20.87
C8 NAG S . 32.71 14.50 -21.22
N2 NAG S . 34.82 14.34 -20.06
O3 NAG S . 37.31 14.77 -21.39
O4 NAG S . 39.12 12.54 -21.43
O5 NAG S . 37.05 11.85 -18.48
O6 NAG S . 40.37 11.53 -19.38
O7 NAG S . 34.13 12.60 -21.31
H2 NAG S . 36.50 14.35 -18.99
H3 NAG S . 36.59 12.94 -21.46
H4 NAG S . 38.76 13.46 -19.72
H5 NAG S . 37.52 10.93 -20.18
H61 NAG S . 39.18 9.96 -19.20
H62 NAG S . 39.11 10.97 -17.97
H81 NAG S . 32.15 13.98 -21.82
H82 NAG S . 32.96 15.34 -21.65
H83 NAG S . 32.21 14.70 -20.39
HN2 NAG S . 34.62 15.18 -19.77
HO3 NAG S . 38.04 14.69 -21.89
HO4 NAG S . 39.93 12.32 -21.14
HO6 NAG S . 41.07 11.09 -19.05
C4 A1BE4 T . 19.88 -4.94 -22.10
C5 A1BE4 T . 18.57 -4.89 -21.62
C6 A1BE4 T . 17.70 -3.97 -22.22
C8 A1BE4 T . 16.27 -3.85 -21.71
C13 A1BE4 T . 22.67 -7.19 -20.77
C15 A1BE4 T . 23.38 -5.72 -22.55
C1 A1BE4 T . 19.64 -2.29 -24.86
C11 A1BE4 T . 21.07 -5.68 -21.76
C12 A1BE4 T . 21.38 -6.68 -20.84
C14 A1BE4 T . 23.66 -6.71 -21.62
C16 A1BE4 T . 22.09 -5.22 -22.62
C2 A1BE4 T . 19.31 -3.18 -23.69
C3 A1BE4 T . 20.23 -4.05 -23.14
N17 A1BE4 T . 21.57 -4.23 -23.45
N7 A1BE4 T . 18.05 -3.14 -23.22
O10 A1BE4 T . 15.94 -4.56 -20.73
O9 A1BE4 T . 15.51 -3.04 -22.30
H5 A1BE4 T . 18.26 -5.47 -20.90
H13 A1BE4 T . 22.88 -7.88 -20.12
H15 A1BE4 T . 24.09 -5.39 -23.15
H1C A1BE4 T . 18.96 -1.59 -24.98
H1A A1BE4 T . 19.70 -2.81 -25.68
H1B A1BE4 T . 20.51 -1.85 -24.70
H12 A1BE4 T . 20.68 -7.04 -20.26
H14 A1BE4 T . 24.56 -7.08 -21.57
H17 A1BE4 T . 22.05 -3.66 -23.89
C1 NAG U . 51.76 5.55 6.36
C2 NAG U . 53.07 6.26 6.00
C3 NAG U . 52.96 7.76 6.30
C4 NAG U . 51.73 8.35 5.61
C5 NAG U . 50.49 7.56 5.98
C6 NAG U . 49.25 8.00 5.22
C7 NAG U . 54.95 4.69 6.23
C8 NAG U . 56.06 4.21 7.10
N2 NAG U . 54.19 5.68 6.73
O3 NAG U . 54.14 8.41 5.87
O4 NAG U . 51.56 9.70 6.00
O5 NAG U . 50.68 6.16 5.66
O6 NAG U . 49.22 7.44 3.92
O7 NAG U . 54.73 4.22 5.12
C1 NAG V . 40.21 -1.35 33.39
C2 NAG V . 41.08 -0.29 32.71
C3 NAG V . 42.51 -0.39 33.22
C4 NAG V . 42.55 -0.32 34.74
C5 NAG V . 41.62 -1.37 35.33
C6 NAG V . 41.50 -1.29 36.83
C7 NAG V . 40.49 0.49 30.46
C8 NAG V . 40.55 0.18 28.99
N2 NAG V . 41.03 -0.42 31.27
O3 NAG V . 43.28 0.67 32.67
O4 NAG V . 43.87 -0.54 35.21
O5 NAG V . 40.30 -1.20 34.80
O6 NAG V . 40.19 -0.88 37.22
O7 NAG V . 39.99 1.52 30.88
H2 NAG V . 40.74 0.58 32.99
H3 NAG V . 42.90 -1.25 32.93
H4 NAG V . 42.24 0.57 35.03
H5 NAG V . 41.95 -2.26 35.09
H61 NAG V . 42.15 -0.64 37.16
H62 NAG V . 41.69 -2.16 37.22
H81 NAG V . 39.74 -0.29 28.73
H82 NAG V . 41.33 -0.38 28.81
H83 NAG V . 40.62 1.01 28.48
HN2 NAG V . 41.41 -1.17 30.90
HO3 NAG V . 44.07 0.71 33.08
HO4 NAG V . 44.02 -0.01 35.91
HO6 NAG V . 40.24 -0.07 37.59
C1 NAG W . 15.74 28.68 13.16
C2 NAG W . 16.13 30.12 12.84
C3 NAG W . 16.99 30.70 13.96
C4 NAG W . 16.29 30.55 15.30
C5 NAG W . 15.88 29.09 15.52
C6 NAG W . 15.07 28.89 16.78
C7 NAG W . 16.79 31.29 10.79
C8 NAG W . 17.57 31.19 9.51
N2 NAG W . 16.82 30.20 11.56
O3 NAG W . 17.24 32.08 13.69
O4 NAG W . 17.16 30.96 16.35
O5 NAG W . 15.09 28.64 14.42
O6 NAG W . 13.67 28.93 16.49
O7 NAG W . 16.18 32.29 11.10
H2 NAG W . 15.31 30.65 12.79
H3 NAG W . 17.84 30.23 13.98
H4 NAG W . 15.50 31.11 15.32
H5 NAG W . 16.69 28.55 15.57
H61 NAG W . 15.28 29.60 17.41
H62 NAG W . 15.29 28.03 17.16
H81 NAG W . 17.44 32.01 8.99
H82 NAG W . 17.24 30.44 8.98
H83 NAG W . 18.51 31.06 9.71
HN2 NAG W . 17.29 29.48 11.29
HO3 NAG W . 17.82 32.39 14.28
HO4 NAG W . 16.70 31.30 17.02
HO6 NAG W . 13.56 28.82 15.61
C1 NAG X . 26.68 19.14 26.78
C2 NAG X . 26.47 20.49 27.47
C3 NAG X . 27.81 21.22 27.61
C4 NAG X . 28.82 20.32 28.31
C5 NAG X . 28.92 18.98 27.58
C6 NAG X . 29.82 18.00 28.30
C7 NAG X . 25.64 21.67 25.49
C8 NAG X . 24.54 22.52 24.93
N2 NAG X . 25.51 21.31 26.77
O3 NAG X . 27.62 22.41 28.35
O4 NAG X . 30.10 20.95 28.33
O5 NAG X . 27.63 18.38 27.49
O6 NAG X . 30.51 18.61 29.39
O7 NAG X . 26.60 21.32 24.80
H2 NAG X . 26.13 20.31 28.37
H3 NAG X . 28.15 21.44 26.73
H4 NAG X . 28.52 20.17 29.23
H5 NAG X . 29.27 19.13 26.69
H61 NAG X . 30.47 17.64 27.67
H62 NAG X . 29.27 17.26 28.65
H81 NAG X . 24.74 22.74 24.00
H82 NAG X . 24.46 23.35 25.44
H83 NAG X . 23.69 22.03 24.97
HN2 NAG X . 24.77 21.60 27.22
HO3 NAG X . 28.40 22.70 28.66
HO4 NAG X . 30.63 20.52 28.90
HO6 NAG X . 31.08 18.03 29.74
C4 A1BE4 Y . 26.91 12.96 3.82
C5 A1BE4 Y . 25.76 12.73 3.06
C6 A1BE4 Y . 24.96 13.83 2.75
C8 A1BE4 Y . 23.68 13.64 1.95
C13 A1BE4 Y . 29.40 10.30 4.98
C15 A1BE4 Y . 29.95 12.53 5.74
C1 A1BE4 Y . 26.64 16.75 4.24
C11 A1BE4 Y . 27.97 12.13 4.37
C12 A1BE4 Y . 28.28 10.77 4.32
C14 A1BE4 Y . 30.24 11.17 5.68
C16 A1BE4 Y . 28.82 12.99 5.08
C2 A1BE4 Y . 26.34 15.33 3.87
C3 A1BE4 Y . 27.18 14.28 4.24
N17 A1BE4 Y . 28.34 14.28 4.99
N7 A1BE4 Y . 25.24 15.09 3.14
O10 A1BE4 Y . 23.37 12.46 1.64
O9 A1BE4 Y . 23.01 14.65 1.68
H5 A1BE4 Y . 25.53 11.84 2.75
H13 A1BE4 Y . 29.61 9.35 4.94
H15 A1BE4 Y . 30.54 13.13 6.23
H1C A1BE4 Y . 25.85 17.33 4.11
H1A A1BE4 Y . 27.37 17.09 3.68
H1B A1BE4 Y . 26.92 16.80 5.17
H12 A1BE4 Y . 27.71 10.17 3.81
H14 A1BE4 Y . 31.02 10.81 6.13
H17 A1BE4 Y . 28.56 14.95 5.52
C1 NAG Z . 29.05 -6.65 43.13
C2 NAG Z . 29.71 -6.07 44.39
C3 NAG Z . 28.67 -5.42 45.29
C4 NAG Z . 27.85 -4.40 44.50
C5 NAG Z . 27.27 -5.06 43.26
C6 NAG Z . 26.55 -4.07 42.36
C7 NAG Z . 31.75 -7.34 44.91
C8 NAG Z . 32.35 -8.43 45.74
N2 NAG Z . 30.45 -7.10 45.11
O3 NAG Z . 29.32 -4.79 46.37
O4 NAG Z . 26.79 -3.90 45.30
O5 NAG Z . 28.31 -5.63 42.47
O6 NAG Z . 27.46 -3.33 41.57
O7 NAG Z . 32.41 -6.72 44.08
C1 NAG AA . 11.92 -31.32 40.10
C2 NAG AA . 12.25 -30.25 41.13
C3 NAG AA . 13.05 -30.85 42.28
C4 NAG AA . 12.29 -32.03 42.87
C5 NAG AA . 11.96 -33.04 41.79
C6 NAG AA . 11.10 -34.19 42.28
C7 NAG AA . 12.52 -27.92 40.36
C8 NAG AA . 13.44 -26.94 39.70
N2 NAG AA . 13.00 -29.17 40.51
O3 NAG AA . 13.25 -29.86 43.27
O4 NAG AA . 13.08 -32.67 43.87
O5 NAG AA . 11.22 -32.39 40.74
O6 NAG AA . 9.80 -34.14 41.70
O7 NAG AA . 11.40 -27.61 40.74
H2 NAG AA . 11.42 -29.91 41.49
H3 NAG AA . 13.91 -31.16 41.95
H4 NAG AA . 11.46 -31.71 43.28
H5 NAG AA . 12.78 -33.40 41.41
H61 NAG AA . 11.02 -34.12 43.25
H62 NAG AA . 11.53 -35.02 42.05
H81 NAG AA . 13.27 -26.94 38.74
H82 NAG AA . 14.37 -27.20 39.88
H83 NAG AA . 13.28 -26.05 40.07
HN2 NAG AA . 13.84 -29.34 40.20
HO3 NAG AA . 13.57 -30.24 44.01
HO4 NAG AA . 12.56 -32.94 44.54
HO6 NAG AA . 9.20 -33.97 42.32
C1 NAG BA . -11.50 4.86 33.01
C2 NAG BA . -11.87 5.93 34.02
C3 NAG BA . -12.13 5.30 35.38
C4 NAG BA . -13.17 4.19 35.25
C5 NAG BA . -12.76 3.21 34.17
C6 NAG BA . -13.82 2.16 33.89
C7 NAG BA . -11.06 8.21 34.48
C8 NAG BA . -9.87 9.11 34.54
N2 NAG BA . -10.82 6.94 34.13
O3 NAG BA . -12.60 6.30 36.29
O4 NAG BA . -13.32 3.51 36.49
O5 NAG BA . -12.54 3.89 32.93
O6 NAG BA . -14.62 2.52 32.78
O7 NAG BA . -12.19 8.61 34.73
H2 NAG BA . -12.69 6.37 33.72
H3 NAG BA . -11.30 4.92 35.72
H4 NAG BA . -14.04 4.59 35.01
H5 NAG BA . -11.93 2.75 34.44
H61 NAG BA . -14.38 2.06 34.67
H62 NAG BA . -13.37 1.30 33.69
H81 NAG BA . -10.15 10.01 34.76
H82 NAG BA . -9.42 9.12 33.67
H83 NAG BA . -9.24 8.78 35.22
HN2 NAG BA . -9.97 6.70 33.95
HO3 NAG BA . -12.65 5.95 37.10
HO4 NAG BA . -14.14 3.22 36.58
HO6 NAG BA . -14.23 3.19 32.34
C1 NAG CA . -5.37 -12.70 40.07
C2 NAG CA . -6.59 -12.46 40.95
C3 NAG CA . -6.15 -12.27 42.40
C4 NAG CA . -5.31 -13.45 42.84
C5 NAG CA . -4.15 -13.66 41.88
C6 NAG CA . -3.34 -14.90 42.19
C7 NAG CA . -6.85 -10.08 40.36
C8 NAG CA . -7.80 -9.03 39.86
N2 NAG CA . -7.36 -11.32 40.50
O3 NAG CA . -7.30 -12.14 43.23
O4 NAG CA . -4.80 -13.22 44.15
O5 NAG CA . -4.65 -13.83 40.55
O6 NAG CA . -3.73 -15.47 43.44
O7 NAG CA . -5.69 -9.83 40.62
H2 NAG CA . -7.16 -13.25 40.91
H3 NAG CA . -5.61 -11.46 42.49
H4 NAG CA . -5.87 -14.25 42.85
H5 NAG CA . -3.57 -12.89 41.91
H61 NAG CA . -2.39 -14.66 42.23
H62 NAG CA . -3.48 -15.56 41.49
H81 NAG CA . -7.34 -8.18 39.82
H82 NAG CA . -8.56 -8.96 40.48
H83 NAG CA . -8.12 -9.28 38.98
HN2 NAG CA . -8.23 -11.44 40.28
HO3 NAG CA . -7.07 -12.28 44.08
HO4 NAG CA . -4.47 -13.99 44.49
HO6 NAG CA . -3.19 -16.15 43.63
C4 A1BE4 DA . 9.30 2.07 28.56
C5 A1BE4 DA . 9.02 2.65 27.33
C6 A1BE4 DA . 8.01 3.62 27.29
C8 A1BE4 DA . 7.63 4.25 25.97
C13 A1BE4 DA . 11.92 -0.65 29.20
C15 A1BE4 DA . 10.69 0.00 31.18
C1 A1BE4 DA . 6.82 3.98 30.75
C11 A1BE4 DA . 10.23 1.05 29.04
C12 A1BE4 DA . 11.20 0.26 28.44
C14 A1BE4 DA . 11.67 -0.78 30.56
C16 A1BE4 DA . 9.98 0.90 30.41
C2 A1BE4 DA . 7.58 3.47 29.56
C3 A1BE4 DA . 8.56 2.49 29.68
N17 A1BE4 DA . 8.97 1.78 30.78
N7 A1BE4 DA . 7.32 4.01 28.36
O10 A1BE4 DA . 8.22 3.85 24.93
O9 A1BE4 DA . 6.74 5.14 25.98
H5 A1BE4 DA . 9.50 2.40 26.52
H13 A1BE4 DA . 12.60 -1.20 28.78
H15 A1BE4 DA . 10.52 -0.11 32.14
H1C A1BE4 DA . 6.03 4.49 30.47
H1A A1BE4 DA . 7.40 4.56 31.30
H1B A1BE4 DA . 6.53 3.23 31.31
H12 A1BE4 DA . 11.41 0.36 27.48
H14 A1BE4 DA . 12.18 -1.42 31.09
H17 A1BE4 DA . 8.52 1.71 31.54
#